data_7AHE
#
_entry.id   7AHE
#
_cell.length_a   1.00
_cell.length_b   1.00
_cell.length_c   1.00
_cell.angle_alpha   90.00
_cell.angle_beta   90.00
_cell.angle_gamma   90.00
#
_symmetry.space_group_name_H-M   'P 1'
#
loop_
_entity.id
_entity.type
_entity.pdbx_description
1 polymer 'ABC transporter permease subunit'
2 polymer 'ABC-type proline/glycine betaine transport system ATPase component'
3 non-polymer "(2R,3R,3aS,5R,7aR,9R,10R,10aS,12R,14aR)-2,9-bis(6-amino-9H-purin-9-yl)octahydro-2H,7H-difuro[3,2-d:3',2'-j][1,3,7,9,2,8 ]tetraoxadiphosphacyclododecine-3,5,10,12-tetrol 5,12-dioxide"
#
loop_
_entity_poly.entity_id
_entity_poly.type
_entity_poly.pdbx_seq_one_letter_code
_entity_poly.pdbx_strand_id
1 'polypeptide(L)'
;MIDLAIGQVPIANWVSSATDWITSTFSSGFDVIQKSGTVLMNGITGALTAVPFWLMIAVVTILAILVSGKKIAFPLFTFI
GLSLIANQGLWSDLMSTITLVLLSSLLSIIIGVPLGIWMAKSDLVAKIVQPILDFMQTMPGFVYLIPAVAFFGIGVVPGV
FASVIFALPPTVRMTNLGIRQVSTELVEAADSFGSTARQKLFKLEFPLAKGTIMAGVNQTIMLALSMVVIASMIGAPGLG
RGVLAAVQSADIGKGFVSGISLVILAIIIDRFTQKLNVSPLEKQGNPTVKKWKRGIALVSLLALIIGAFSGMSFGKTASD
KKVDLVYMNWDSEVASINVLTQAMKEHGFDVKTTALDNAVAWQTVANGQADGMVSAWLPNTHKTQWQKYGKSVDLLGPNL
KGAKVGFVVPSYMNVNSIEDLTNQANKTITGIEPGAGVMAASEKTLNSYDNLKDWKLVPSSSGAMTVALGEAIKQHKDIV
ITGWSPHWMFNKYDLKYLADPKGTMGTSENINTIVRKGLKKENPEAYKVLDKFNWTTKDMEAVMLDIQNGKTPEEAAKNW
IKDHQKEVDKWFKGSIEGRHHHHHH
;
A,B
2 'polypeptide(L)'
;MAVKIKIEHLTKIFGKRIKTALTMVEKGEPKNEILKKTGATVGVYDTNFEINEGEIFVIMGLSGSGKSTLLRLLNRLIEP
TSGKIFIDNQDVATLNKEDLLQVRRKTMSMVFQNFGLFPHRTILENTEYGLEVQNVPKEERRKRAEKALDNANLLDFKDQ
YPKQLSGGMQQRVGLARALANDPEILLMDEAFSALDPLIRREMQDELLELQAKFQKTIIFVSHDLNEALRIGDRIAIMKD
GKIMQIGTGEEILTNPANDYVKTFVEDVDRAKVITAENIMIPALTTNIDVDGPSVALKKMKTEEVSSLMAVDKKRQFRGV
VTSEQAIAARKNNQPLKDVMTTDVGTVSKEMLVRDILPIIYDAPTPLAVVDDNGFLKGVLIRGSVLEALADIPDEDEVEE
IEKEEENK
;
C,D
#
loop_
_chem_comp.id
_chem_comp.type
_chem_comp.name
_chem_comp.formula
2BA non-polymer '(2R,3R,3aS,5R,7aR,9R,10R,10aS,12R,14aR)-2,9-bis(6-amino-9H-purin-9-yl)octahydro-2H,7H-difuro[3,2-d:3',2'-j][1,3,7,9,2,8 ]tetraoxadiphosphacyclododecine-3,5,10,12-tetrol 5,12-dioxide' 'C20 H24 N10 O12 P2'
#
# COMPACT_ATOMS: atom_id res chain seq x y z
N GLY A 7 -38.71 -33.16 20.41
CA GLY A 7 -38.09 -34.41 20.81
C GLY A 7 -36.61 -34.27 21.10
N GLN A 8 -36.08 -35.16 21.94
CA GLN A 8 -34.65 -35.13 22.26
C GLN A 8 -33.78 -35.94 21.32
N VAL A 9 -32.52 -35.53 21.20
CA VAL A 9 -31.50 -36.29 20.49
C VAL A 9 -30.37 -36.54 21.47
N PRO A 10 -29.80 -37.75 21.53
CA PRO A 10 -28.81 -38.09 22.57
C PRO A 10 -27.35 -37.82 22.17
N ILE A 11 -26.97 -36.54 22.11
CA ILE A 11 -25.60 -36.09 21.88
C ILE A 11 -24.75 -36.40 23.10
N ALA A 12 -25.31 -36.27 24.30
CA ALA A 12 -24.60 -36.67 25.49
C ALA A 12 -24.17 -38.13 25.39
N ASN A 13 -25.10 -39.00 25.01
CA ASN A 13 -24.82 -40.43 25.04
C ASN A 13 -23.81 -40.82 23.98
N TRP A 14 -23.99 -40.35 22.75
CA TRP A 14 -23.10 -40.40 21.59
C TRP A 14 -21.69 -40.00 22.00
N VAL A 15 -21.57 -38.84 22.62
CA VAL A 15 -20.27 -38.28 22.98
C VAL A 15 -19.60 -39.15 24.05
N SER A 16 -20.35 -39.51 25.11
CA SER A 16 -20.02 -40.40 26.21
C SER A 16 -19.44 -41.70 25.69
N SER A 17 -20.18 -42.41 24.85
CA SER A 17 -19.96 -43.66 24.14
C SER A 17 -18.67 -43.63 23.34
N ALA A 18 -18.48 -42.62 22.48
CA ALA A 18 -17.31 -42.28 21.69
C ALA A 18 -16.08 -42.19 22.58
N THR A 19 -16.17 -41.38 23.64
CA THR A 19 -15.13 -41.19 24.64
C THR A 19 -14.70 -42.52 25.24
N ASP A 20 -15.66 -43.28 25.77
CA ASP A 20 -15.60 -44.62 26.34
C ASP A 20 -14.83 -45.55 25.43
N TRP A 21 -15.26 -45.69 24.18
CA TRP A 21 -14.74 -46.48 23.08
C TRP A 21 -13.26 -46.17 22.87
N ILE A 22 -12.92 -44.88 22.71
CA ILE A 22 -11.55 -44.43 22.51
C ILE A 22 -10.68 -44.84 23.69
N THR A 23 -10.94 -44.29 24.86
CA THR A 23 -10.11 -44.65 26.02
C THR A 23 -9.85 -46.16 26.02
N SER A 24 -10.96 -46.87 25.99
CA SER A 24 -11.10 -48.32 25.97
C SER A 24 -10.48 -48.96 24.74
N THR A 25 -9.90 -48.17 23.84
CA THR A 25 -9.11 -48.71 22.74
C THR A 25 -7.65 -48.28 22.84
N PHE A 26 -7.41 -46.98 23.04
CA PHE A 26 -6.06 -46.43 23.12
C PHE A 26 -5.55 -46.31 24.55
N SER A 27 -6.02 -47.19 25.43
CA SER A 27 -5.62 -47.10 26.84
C SER A 27 -4.11 -47.06 26.98
N SER A 28 -3.42 -48.08 26.47
CA SER A 28 -1.99 -48.24 26.74
C SER A 28 -1.19 -47.03 26.29
N GLY A 29 -1.49 -46.50 25.11
CA GLY A 29 -0.88 -45.33 24.48
C GLY A 29 -0.87 -44.14 25.40
N PHE A 30 -2.06 -43.68 25.79
CA PHE A 30 -2.42 -42.70 26.81
C PHE A 30 -1.61 -42.95 28.08
N ASP A 31 -1.55 -44.21 28.51
CA ASP A 31 -0.90 -44.53 29.77
C ASP A 31 0.60 -44.25 29.71
N VAL A 32 1.28 -44.78 28.70
CA VAL A 32 2.72 -44.64 28.50
C VAL A 32 3.08 -43.18 28.27
N ILE A 33 2.27 -42.46 27.50
CA ILE A 33 2.31 -41.05 27.13
C ILE A 33 2.26 -40.20 28.39
N GLN A 34 1.28 -40.43 29.25
CA GLN A 34 1.13 -39.96 30.62
C GLN A 34 2.45 -40.13 31.35
N LYS A 35 2.87 -41.39 31.54
CA LYS A 35 4.09 -41.79 32.22
C LYS A 35 5.25 -40.88 31.84
N SER A 36 5.62 -40.89 30.55
CA SER A 36 6.69 -40.18 29.87
C SER A 36 6.58 -38.68 30.11
N GLY A 37 5.41 -38.10 29.82
CA GLY A 37 5.04 -36.72 30.03
C GLY A 37 5.39 -36.24 31.42
N THR A 38 4.68 -36.80 32.41
CA THR A 38 4.84 -36.45 33.82
C THR A 38 6.28 -36.53 34.32
N VAL A 39 6.93 -37.68 34.09
CA VAL A 39 8.30 -37.88 34.52
C VAL A 39 9.18 -36.76 33.95
N LEU A 40 9.14 -36.65 32.63
CA LEU A 40 9.89 -35.63 31.91
C LEU A 40 9.73 -34.28 32.57
N MET A 41 8.49 -33.87 32.81
CA MET A 41 7.99 -32.63 33.40
C MET A 41 8.52 -32.45 34.82
N ASN A 42 8.38 -33.48 35.66
CA ASN A 42 8.95 -33.71 36.97
C ASN A 42 10.46 -33.51 36.95
N GLY A 43 11.16 -34.18 36.03
CA GLY A 43 12.58 -34.10 35.76
C GLY A 43 13.05 -32.69 35.50
N ILE A 44 12.44 -32.02 34.53
CA ILE A 44 12.60 -30.65 34.05
C ILE A 44 12.47 -29.67 35.20
N THR A 45 11.39 -29.77 35.96
CA THR A 45 10.99 -29.05 37.15
C THR A 45 12.06 -29.15 38.23
N GLY A 46 12.44 -30.38 38.60
CA GLY A 46 13.55 -30.75 39.46
C GLY A 46 14.84 -30.08 39.03
N ALA A 47 15.09 -30.06 37.72
CA ALA A 47 16.27 -29.38 37.21
C ALA A 47 16.21 -27.89 37.50
N LEU A 48 15.21 -27.20 36.96
CA LEU A 48 15.14 -25.76 37.18
C LEU A 48 15.33 -25.49 38.67
N THR A 49 14.38 -25.99 39.42
CA THR A 49 14.28 -25.90 40.87
C THR A 49 15.52 -26.46 41.55
N ALA A 50 16.46 -27.00 40.77
CA ALA A 50 17.79 -27.28 41.29
C ALA A 50 18.61 -26.01 41.38
N VAL A 51 18.64 -25.24 40.30
CA VAL A 51 19.28 -23.92 40.28
C VAL A 51 18.74 -23.08 41.43
N PRO A 52 19.54 -22.21 42.03
CA PRO A 52 18.98 -21.21 42.94
C PRO A 52 18.03 -20.28 42.20
N PHE A 53 17.45 -19.37 42.99
CA PHE A 53 16.62 -18.32 42.40
C PHE A 53 17.46 -17.10 42.04
N TRP A 54 18.44 -16.77 42.87
CA TRP A 54 19.23 -15.56 42.65
C TRP A 54 19.92 -15.60 41.29
N LEU A 55 20.65 -16.69 41.02
CA LEU A 55 21.37 -16.92 39.77
C LEU A 55 20.41 -16.83 38.59
N MET A 56 19.25 -17.45 38.69
CA MET A 56 18.28 -17.41 37.62
C MET A 56 17.86 -15.97 37.33
N ILE A 57 17.58 -15.21 38.39
CA ILE A 57 17.20 -13.82 38.18
C ILE A 57 18.31 -13.06 37.47
N ALA A 58 19.54 -13.25 37.92
CA ALA A 58 20.63 -12.48 37.34
C ALA A 58 20.84 -12.84 35.88
N VAL A 59 20.66 -14.12 35.54
CA VAL A 59 20.74 -14.66 34.18
C VAL A 59 19.68 -14.01 33.31
N VAL A 60 18.44 -13.99 33.79
CA VAL A 60 17.38 -13.34 33.03
C VAL A 60 17.68 -11.86 32.86
N THR A 61 18.31 -11.26 33.88
CA THR A 61 18.56 -9.82 33.85
C THR A 61 19.58 -9.46 32.78
N ILE A 62 20.65 -10.25 32.74
CA ILE A 62 21.67 -10.09 31.73
C ILE A 62 20.97 -10.26 30.38
N LEU A 63 20.24 -11.37 30.23
CA LEU A 63 19.51 -11.62 28.98
C LEU A 63 18.72 -10.40 28.53
N ALA A 64 18.04 -9.75 29.47
CA ALA A 64 17.31 -8.53 29.13
C ALA A 64 18.25 -7.50 28.55
N ILE A 65 19.37 -7.27 29.25
CA ILE A 65 20.34 -6.28 28.79
C ILE A 65 20.80 -6.62 27.38
N LEU A 66 21.04 -7.91 27.18
CA LEU A 66 21.49 -8.44 25.89
C LEU A 66 20.54 -8.02 24.79
N VAL A 67 19.25 -8.34 24.97
CA VAL A 67 18.25 -7.95 24.00
C VAL A 67 18.13 -6.44 23.92
N SER A 68 18.01 -5.76 25.07
CA SER A 68 17.87 -4.32 25.10
C SER A 68 19.01 -3.76 25.92
N GLY A 69 20.05 -3.28 25.25
CA GLY A 69 21.26 -2.83 25.91
C GLY A 69 21.13 -1.47 26.56
N LYS A 70 20.39 -0.57 25.93
CA LYS A 70 20.38 0.82 26.39
C LYS A 70 19.28 1.06 27.42
N LYS A 71 18.02 0.90 27.01
CA LYS A 71 16.91 1.22 27.91
C LYS A 71 17.00 0.37 29.16
N ILE A 72 16.47 0.91 30.25
CA ILE A 72 16.66 0.35 31.58
C ILE A 72 15.39 -0.17 32.23
N ALA A 73 14.24 0.02 31.58
CA ALA A 73 12.98 -0.26 32.26
C ALA A 73 12.70 -1.76 32.35
N PHE A 74 12.80 -2.47 31.23
CA PHE A 74 12.40 -3.87 31.20
C PHE A 74 13.29 -4.76 32.05
N PRO A 75 14.62 -4.68 31.97
CA PRO A 75 15.45 -5.53 32.83
C PRO A 75 15.28 -5.20 34.30
N LEU A 76 15.25 -3.90 34.60
CA LEU A 76 14.91 -3.43 35.93
C LEU A 76 13.66 -4.14 36.45
N PHE A 77 12.56 -4.00 35.72
CA PHE A 77 11.29 -4.56 36.16
C PHE A 77 11.36 -6.07 36.27
N THR A 78 12.07 -6.71 35.36
CA THR A 78 12.20 -8.16 35.41
C THR A 78 12.86 -8.60 36.70
N PHE A 79 14.06 -8.08 36.97
CA PHE A 79 14.71 -8.34 38.25
C PHE A 79 13.80 -8.05 39.43
N ILE A 80 13.12 -6.91 39.42
CA ILE A 80 12.25 -6.54 40.53
C ILE A 80 11.20 -7.63 40.76
N GLY A 81 10.42 -7.92 39.73
CA GLY A 81 9.32 -8.85 39.89
C GLY A 81 9.79 -10.25 40.23
N LEU A 82 10.95 -10.65 39.71
CA LEU A 82 11.42 -12.00 40.00
C LEU A 82 11.94 -12.09 41.43
N SER A 83 12.65 -11.06 41.89
CA SER A 83 12.93 -10.95 43.32
C SER A 83 11.66 -11.09 44.15
N LEU A 84 10.62 -10.34 43.79
CA LEU A 84 9.37 -10.38 44.52
C LEU A 84 8.78 -11.79 44.51
N ILE A 85 8.88 -12.47 43.38
CA ILE A 85 8.22 -13.76 43.20
C ILE A 85 8.95 -14.84 43.99
N ALA A 86 10.25 -14.96 43.75
CA ALA A 86 11.10 -15.71 44.67
C ALA A 86 10.83 -15.40 46.14
N ASN A 87 10.45 -14.16 46.43
CA ASN A 87 10.26 -13.73 47.81
C ASN A 87 9.06 -14.42 48.43
N GLN A 88 7.89 -14.26 47.81
CA GLN A 88 6.68 -14.85 48.36
C GLN A 88 6.74 -16.37 48.37
N GLY A 89 7.74 -16.96 47.73
CA GLY A 89 7.91 -18.40 47.75
C GLY A 89 7.27 -19.13 46.59
N LEU A 90 6.79 -18.42 45.58
CA LEU A 90 6.13 -19.04 44.43
C LEU A 90 7.09 -19.40 43.31
N TRP A 91 8.13 -20.12 43.65
CA TRP A 91 9.20 -20.44 42.70
C TRP A 91 9.04 -21.84 42.13
N SER A 92 8.94 -22.86 42.97
CA SER A 92 8.72 -24.20 42.46
C SER A 92 7.48 -24.25 41.59
N ASP A 93 6.37 -23.70 42.10
CA ASP A 93 5.18 -23.56 41.28
C ASP A 93 5.43 -22.78 39.98
N LEU A 94 6.21 -21.70 40.06
CA LEU A 94 6.56 -20.95 38.86
C LEU A 94 7.25 -21.85 37.84
N MET A 95 8.22 -22.65 38.30
CA MET A 95 8.97 -23.47 37.38
C MET A 95 8.09 -24.57 36.79
N SER A 96 7.16 -25.09 37.59
CA SER A 96 6.15 -25.99 37.05
C SER A 96 5.39 -25.31 35.93
N THR A 97 4.95 -24.09 36.16
CA THR A 97 4.21 -23.35 35.14
C THR A 97 5.03 -23.17 33.89
N ILE A 98 6.33 -22.90 34.04
CA ILE A 98 7.16 -22.60 32.88
C ILE A 98 7.42 -23.86 32.08
N THR A 99 7.69 -24.98 32.77
CA THR A 99 7.83 -26.23 32.03
C THR A 99 6.53 -26.55 31.30
N LEU A 100 5.40 -26.35 31.97
CA LEU A 100 4.12 -26.58 31.33
C LEU A 100 3.99 -25.77 30.05
N VAL A 101 4.26 -24.46 30.15
CA VAL A 101 4.16 -23.60 28.98
C VAL A 101 5.10 -24.09 27.90
N LEU A 102 6.41 -24.04 28.16
CA LEU A 102 7.38 -24.43 27.15
C LEU A 102 6.94 -25.71 26.44
N LEU A 103 6.50 -26.71 27.21
CA LEU A 103 6.02 -27.94 26.59
C LEU A 103 4.86 -27.66 25.64
N SER A 104 3.81 -27.00 26.15
CA SER A 104 2.62 -26.79 25.33
C SER A 104 2.94 -25.98 24.10
N SER A 105 3.74 -24.92 24.26
CA SER A 105 4.05 -24.03 23.16
C SER A 105 4.86 -24.75 22.10
N LEU A 106 5.91 -25.48 22.50
CA LEU A 106 6.71 -26.20 21.53
C LEU A 106 5.88 -27.25 20.81
N LEU A 107 4.99 -27.92 21.54
CA LEU A 107 4.14 -28.92 20.92
C LEU A 107 3.22 -28.28 19.91
N SER A 108 2.57 -27.18 20.29
CA SER A 108 1.64 -26.51 19.39
C SER A 108 2.35 -25.99 18.15
N ILE A 109 3.55 -25.44 18.33
CA ILE A 109 4.33 -25.01 17.17
C ILE A 109 4.61 -26.19 16.26
N ILE A 110 5.27 -27.20 16.80
CA ILE A 110 5.68 -28.36 16.04
C ILE A 110 4.50 -29.03 15.37
N ILE A 111 3.30 -28.80 15.89
CA ILE A 111 2.12 -29.46 15.35
C ILE A 111 1.28 -28.55 14.48
N GLY A 112 1.54 -27.24 14.47
CA GLY A 112 0.78 -26.33 13.66
C GLY A 112 1.51 -25.75 12.48
N VAL A 113 2.77 -25.39 12.67
CA VAL A 113 3.54 -24.79 11.60
C VAL A 113 3.45 -25.62 10.34
N PRO A 114 3.80 -26.91 10.34
CA PRO A 114 3.52 -27.76 9.17
C PRO A 114 2.11 -27.62 8.65
N LEU A 115 1.15 -27.35 9.52
CA LEU A 115 -0.23 -27.21 9.06
C LEU A 115 -0.42 -25.91 8.30
N GLY A 116 0.16 -24.81 8.81
CA GLY A 116 0.16 -23.59 8.03
C GLY A 116 0.79 -23.79 6.68
N ILE A 117 1.84 -24.62 6.63
CA ILE A 117 2.46 -24.94 5.35
C ILE A 117 1.45 -25.63 4.44
N TRP A 118 0.99 -26.80 4.88
CA TRP A 118 0.04 -27.60 4.10
C TRP A 118 -1.16 -26.77 3.67
N MET A 119 -1.53 -25.76 4.46
CA MET A 119 -2.70 -24.96 4.12
C MET A 119 -2.35 -23.94 3.05
N ALA A 120 -1.24 -23.22 3.22
CA ALA A 120 -0.81 -22.27 2.21
C ALA A 120 -0.51 -22.95 0.89
N LYS A 121 -0.24 -24.26 0.92
CA LYS A 121 0.02 -24.99 -0.31
C LYS A 121 -1.26 -25.47 -0.98
N SER A 122 -2.17 -26.07 -0.22
CA SER A 122 -3.39 -26.64 -0.75
C SER A 122 -4.57 -25.77 -0.36
N ASP A 123 -5.42 -25.48 -1.34
CA ASP A 123 -6.64 -24.73 -1.08
C ASP A 123 -7.75 -25.60 -0.54
N LEU A 124 -7.59 -26.91 -0.59
CA LEU A 124 -8.54 -27.81 0.06
C LEU A 124 -8.37 -27.80 1.56
N VAL A 125 -7.14 -28.02 2.03
CA VAL A 125 -6.88 -28.10 3.46
C VAL A 125 -7.33 -26.81 4.14
N ALA A 126 -7.20 -25.67 3.45
CA ALA A 126 -7.71 -24.42 4.01
C ALA A 126 -9.19 -24.53 4.31
N LYS A 127 -9.98 -24.97 3.33
CA LYS A 127 -11.41 -25.14 3.55
C LYS A 127 -11.68 -26.13 4.68
N ILE A 128 -10.91 -27.21 4.74
CA ILE A 128 -11.13 -28.22 5.76
C ILE A 128 -10.88 -27.65 7.15
N VAL A 129 -9.88 -26.80 7.28
CA VAL A 129 -9.30 -26.47 8.57
C VAL A 129 -9.83 -25.17 9.13
N GLN A 130 -9.86 -24.11 8.32
CA GLN A 130 -10.33 -22.80 8.74
C GLN A 130 -11.58 -22.93 9.60
N PRO A 131 -12.57 -23.72 9.16
CA PRO A 131 -13.72 -23.95 10.05
C PRO A 131 -13.32 -24.56 11.37
N ILE A 132 -12.45 -25.56 11.34
CA ILE A 132 -11.97 -26.16 12.58
C ILE A 132 -11.27 -25.11 13.43
N LEU A 133 -10.52 -24.22 12.77
CA LEU A 133 -9.78 -23.21 13.51
C LEU A 133 -10.72 -22.25 14.22
N ASP A 134 -11.75 -21.77 13.52
CA ASP A 134 -12.70 -20.90 14.18
C ASP A 134 -13.43 -21.64 15.30
N PHE A 135 -13.90 -22.85 15.00
CA PHE A 135 -14.56 -23.66 16.00
C PHE A 135 -13.73 -23.82 17.26
N MET A 136 -12.42 -23.93 17.13
CA MET A 136 -11.55 -24.09 18.29
C MET A 136 -11.15 -22.77 18.92
N GLN A 137 -11.14 -21.70 18.13
CA GLN A 137 -10.78 -20.39 18.65
C GLN A 137 -11.93 -19.74 19.39
N THR A 138 -13.15 -20.24 19.19
CA THR A 138 -14.30 -19.75 19.92
C THR A 138 -14.63 -20.56 21.17
N MET A 139 -14.17 -21.80 21.25
CA MET A 139 -14.45 -22.65 22.40
C MET A 139 -13.97 -22.00 23.69
N PRO A 140 -14.43 -22.49 24.83
CA PRO A 140 -13.77 -22.17 26.10
C PRO A 140 -12.65 -23.14 26.38
N GLY A 141 -11.81 -22.77 27.34
CA GLY A 141 -10.80 -23.70 27.81
C GLY A 141 -11.40 -24.85 28.59
N PHE A 142 -12.44 -24.56 29.36
CA PHE A 142 -12.92 -25.51 30.36
C PHE A 142 -13.17 -26.89 29.75
N VAL A 143 -13.76 -26.95 28.56
CA VAL A 143 -14.06 -28.25 27.98
C VAL A 143 -12.79 -29.02 27.71
N TYR A 144 -11.80 -28.35 27.12
CA TYR A 144 -10.62 -29.02 26.62
C TYR A 144 -10.00 -29.95 27.64
N LEU A 145 -10.17 -29.68 28.94
CA LEU A 145 -9.42 -30.40 29.95
C LEU A 145 -10.17 -31.60 30.53
N ILE A 146 -11.43 -31.79 30.17
CA ILE A 146 -12.33 -32.88 30.55
C ILE A 146 -11.92 -34.12 29.76
N PRO A 147 -11.81 -34.03 28.42
CA PRO A 147 -11.20 -35.16 27.71
C PRO A 147 -9.76 -35.37 28.12
N ALA A 148 -9.09 -34.32 28.59
CA ALA A 148 -7.70 -34.47 29.04
C ALA A 148 -7.61 -35.47 30.18
N VAL A 149 -8.47 -35.33 31.17
CA VAL A 149 -8.48 -36.26 32.29
C VAL A 149 -9.09 -37.57 31.82
N ALA A 150 -10.06 -37.48 30.93
CA ALA A 150 -10.69 -38.68 30.39
C ALA A 150 -9.67 -39.61 29.76
N PHE A 151 -8.60 -39.04 29.20
CA PHE A 151 -7.63 -39.79 28.44
C PHE A 151 -6.38 -40.10 29.26
N PHE A 152 -5.80 -39.08 29.90
CA PHE A 152 -4.62 -39.24 30.72
C PHE A 152 -4.93 -39.20 32.22
N GLY A 153 -5.92 -38.41 32.60
CA GLY A 153 -6.28 -38.25 34.00
C GLY A 153 -5.80 -36.93 34.57
N ILE A 154 -5.70 -36.90 35.89
CA ILE A 154 -5.16 -35.74 36.58
C ILE A 154 -3.70 -35.53 36.21
N GLY A 155 -3.23 -34.30 36.34
CA GLY A 155 -1.82 -34.02 36.27
C GLY A 155 -1.42 -32.88 35.36
N VAL A 156 -0.16 -32.90 34.94
CA VAL A 156 0.39 -31.89 34.05
C VAL A 156 0.10 -32.24 32.59
N VAL A 157 0.24 -33.50 32.23
CA VAL A 157 -0.02 -34.00 30.88
C VAL A 157 -1.35 -33.47 30.37
N PRO A 158 -2.45 -33.69 31.08
CA PRO A 158 -3.73 -33.16 30.60
C PRO A 158 -3.71 -31.66 30.37
N GLY A 159 -3.06 -30.93 31.27
CA GLY A 159 -3.01 -29.48 31.14
C GLY A 159 -2.31 -29.05 29.87
N VAL A 160 -1.15 -29.63 29.59
CA VAL A 160 -0.42 -29.22 28.40
C VAL A 160 -1.16 -29.67 27.15
N PHE A 161 -1.84 -30.81 27.21
CA PHE A 161 -2.69 -31.20 26.09
C PHE A 161 -3.71 -30.12 25.79
N ALA A 162 -4.44 -29.69 26.82
CA ALA A 162 -5.44 -28.65 26.64
C ALA A 162 -4.81 -27.38 26.09
N SER A 163 -3.67 -27.00 26.66
CA SER A 163 -2.99 -25.78 26.22
C SER A 163 -2.65 -25.86 24.74
N VAL A 164 -2.12 -26.99 24.31
CA VAL A 164 -1.76 -27.18 22.91
C VAL A 164 -2.99 -27.03 22.03
N ILE A 165 -4.05 -27.76 22.38
CA ILE A 165 -5.24 -27.74 21.53
C ILE A 165 -5.93 -26.39 21.55
N PHE A 166 -5.63 -25.57 22.55
CA PHE A 166 -6.25 -24.26 22.66
C PHE A 166 -5.45 -23.18 21.97
N ALA A 167 -4.13 -23.31 21.91
CA ALA A 167 -3.26 -22.28 21.38
C ALA A 167 -2.68 -22.61 20.01
N LEU A 168 -2.99 -23.77 19.46
CA LEU A 168 -2.61 -24.07 18.08
C LEU A 168 -3.23 -23.12 17.04
N PRO A 169 -4.49 -22.75 17.14
CA PRO A 169 -5.19 -22.10 16.03
C PRO A 169 -4.45 -20.88 15.50
N PRO A 170 -4.10 -19.94 16.37
CA PRO A 170 -3.51 -18.69 15.86
C PRO A 170 -2.14 -18.90 15.25
N THR A 171 -1.33 -19.76 15.84
CA THR A 171 -0.09 -20.16 15.19
C THR A 171 -0.36 -20.57 13.76
N VAL A 172 -1.19 -21.59 13.57
CA VAL A 172 -1.44 -22.11 12.24
C VAL A 172 -1.97 -21.00 11.32
N ARG A 173 -2.87 -20.17 11.85
CA ARG A 173 -3.51 -19.16 11.03
C ARG A 173 -2.50 -18.13 10.55
N MET A 174 -1.79 -17.50 11.49
CA MET A 174 -0.80 -16.52 11.11
C MET A 174 0.25 -17.12 10.18
N THR A 175 0.55 -18.40 10.35
CA THR A 175 1.47 -19.04 9.42
C THR A 175 0.90 -19.01 8.01
N ASN A 176 -0.21 -19.72 7.81
CA ASN A 176 -0.81 -19.80 6.49
C ASN A 176 -1.02 -18.41 5.89
N LEU A 177 -1.18 -17.39 6.73
CA LEU A 177 -1.44 -16.05 6.20
C LEU A 177 -0.15 -15.38 5.77
N GLY A 178 0.87 -15.43 6.63
CA GLY A 178 2.16 -14.88 6.26
C GLY A 178 2.78 -15.58 5.08
N ILE A 179 2.29 -16.77 4.74
CA ILE A 179 2.84 -17.49 3.61
C ILE A 179 2.06 -17.21 2.34
N ARG A 180 0.74 -17.03 2.43
CA ARG A 180 -0.10 -16.70 1.31
C ARG A 180 -0.06 -15.22 0.96
N GLN A 181 0.68 -14.42 1.73
CA GLN A 181 0.70 -12.98 1.54
C GLN A 181 2.01 -12.48 0.92
N VAL A 182 2.94 -13.38 0.61
CA VAL A 182 4.14 -12.96 -0.10
C VAL A 182 3.76 -12.56 -1.52
N SER A 183 4.32 -11.45 -1.98
CA SER A 183 3.95 -10.93 -3.28
C SER A 183 4.22 -11.96 -4.37
N THR A 184 3.22 -12.18 -5.21
CA THR A 184 3.28 -13.24 -6.21
C THR A 184 4.44 -13.06 -7.17
N GLU A 185 4.96 -11.85 -7.33
CA GLU A 185 6.12 -11.67 -8.18
C GLU A 185 7.29 -12.52 -7.72
N LEU A 186 7.54 -12.52 -6.41
CA LEU A 186 8.69 -13.24 -5.88
C LEU A 186 8.49 -14.73 -6.00
N VAL A 187 7.27 -15.20 -5.77
CA VAL A 187 6.92 -16.58 -6.02
C VAL A 187 7.25 -16.95 -7.46
N GLU A 188 6.67 -16.21 -8.40
CA GLU A 188 6.87 -16.48 -9.81
C GLU A 188 8.34 -16.46 -10.16
N ALA A 189 9.12 -15.59 -9.53
CA ALA A 189 10.54 -15.52 -9.80
C ALA A 189 11.24 -16.78 -9.33
N ALA A 190 11.11 -17.08 -8.04
CA ALA A 190 11.68 -18.29 -7.50
C ALA A 190 11.35 -19.50 -8.37
N ASP A 191 10.13 -19.52 -8.93
CA ASP A 191 9.73 -20.65 -9.74
C ASP A 191 10.31 -20.59 -11.15
N SER A 192 10.54 -19.39 -11.68
CA SER A 192 11.06 -19.21 -13.02
C SER A 192 12.53 -19.63 -13.13
N PHE A 193 13.23 -19.71 -12.02
CA PHE A 193 14.61 -20.20 -12.00
C PHE A 193 14.70 -21.65 -11.56
N GLY A 194 13.58 -22.37 -11.58
CA GLY A 194 13.59 -23.78 -11.25
C GLY A 194 13.95 -24.03 -9.80
N SER A 195 13.14 -23.50 -8.90
CA SER A 195 13.33 -23.67 -7.47
C SER A 195 12.23 -24.58 -6.95
N THR A 196 12.61 -25.72 -6.40
CA THR A 196 11.62 -26.63 -5.83
C THR A 196 10.98 -25.99 -4.61
N ALA A 197 9.83 -26.54 -4.23
CA ALA A 197 9.08 -25.98 -3.11
C ALA A 197 9.99 -25.78 -1.91
N ARG A 198 10.87 -26.75 -1.65
CA ARG A 198 11.80 -26.61 -0.53
C ARG A 198 12.67 -25.37 -0.70
N GLN A 199 13.14 -25.12 -1.92
CA GLN A 199 14.08 -24.04 -2.15
C GLN A 199 13.46 -22.70 -1.78
N LYS A 200 12.42 -22.30 -2.50
CA LYS A 200 11.72 -21.06 -2.18
C LYS A 200 11.25 -21.05 -0.74
N LEU A 201 10.83 -22.20 -0.22
CA LEU A 201 10.27 -22.25 1.12
C LEU A 201 11.30 -21.86 2.16
N PHE A 202 12.52 -22.36 2.04
CA PHE A 202 13.57 -22.09 3.02
C PHE A 202 14.43 -20.90 2.66
N LYS A 203 14.24 -20.32 1.47
CA LYS A 203 14.95 -19.11 1.07
C LYS A 203 14.05 -17.89 0.99
N LEU A 204 12.77 -18.08 0.69
CA LEU A 204 11.86 -17.00 0.38
C LEU A 204 10.70 -16.90 1.35
N GLU A 205 10.00 -18.02 1.59
CA GLU A 205 8.78 -17.97 2.35
C GLU A 205 9.05 -17.63 3.82
N PHE A 206 9.81 -18.49 4.50
CA PHE A 206 10.08 -18.26 5.91
C PHE A 206 10.70 -16.89 6.15
N PRO A 207 11.84 -16.57 5.57
CA PRO A 207 12.53 -15.32 5.93
C PRO A 207 11.63 -14.10 5.87
N LEU A 208 10.53 -14.21 5.15
CA LEU A 208 9.55 -13.12 5.08
C LEU A 208 8.41 -13.28 6.07
N ALA A 209 7.74 -14.44 6.07
CA ALA A 209 6.60 -14.62 6.96
C ALA A 209 7.00 -14.69 8.42
N LYS A 210 8.30 -14.76 8.72
CA LYS A 210 8.76 -14.90 10.09
C LYS A 210 8.10 -13.93 11.05
N GLY A 211 7.84 -12.71 10.60
CA GLY A 211 7.22 -11.73 11.48
C GLY A 211 5.88 -12.20 11.98
N THR A 212 4.97 -12.46 11.04
CA THR A 212 3.64 -12.93 11.41
C THR A 212 3.72 -14.25 12.15
N ILE A 213 4.67 -15.09 11.77
CA ILE A 213 4.80 -16.39 12.43
C ILE A 213 5.12 -16.21 13.91
N MET A 214 6.14 -15.41 14.20
CA MET A 214 6.49 -15.15 15.60
C MET A 214 5.37 -14.44 16.33
N ALA A 215 4.59 -13.61 15.63
CA ALA A 215 3.45 -12.98 16.27
C ALA A 215 2.43 -14.02 16.71
N GLY A 216 2.02 -14.88 15.77
CA GLY A 216 1.11 -15.95 16.12
C GLY A 216 1.67 -16.85 17.19
N VAL A 217 2.99 -16.98 17.25
CA VAL A 217 3.62 -17.83 18.25
C VAL A 217 3.53 -17.19 19.63
N ASN A 218 3.84 -15.90 19.72
CA ASN A 218 3.62 -15.18 20.97
C ASN A 218 2.19 -15.35 21.45
N GLN A 219 1.24 -15.15 20.53
CA GLN A 219 -0.16 -15.38 20.84
C GLN A 219 -0.39 -16.78 21.39
N THR A 220 0.19 -17.78 20.72
CA THR A 220 0.04 -19.17 21.14
C THR A 220 0.57 -19.36 22.56
N ILE A 221 1.69 -18.72 22.87
CA ILE A 221 2.29 -18.86 24.18
C ILE A 221 1.35 -18.30 25.24
N MET A 222 0.82 -17.11 24.99
CA MET A 222 -0.11 -16.52 25.95
C MET A 222 -1.33 -17.40 26.15
N LEU A 223 -1.85 -17.97 25.06
CA LEU A 223 -3.01 -18.84 25.17
C LEU A 223 -2.69 -20.06 26.01
N ALA A 224 -1.54 -20.69 25.74
CA ALA A 224 -1.12 -21.83 26.55
C ALA A 224 -1.01 -21.44 28.01
N LEU A 225 -0.51 -20.24 28.28
CA LEU A 225 -0.38 -19.78 29.65
C LEU A 225 -1.73 -19.71 30.34
N SER A 226 -2.69 -19.04 29.70
CA SER A 226 -4.02 -18.95 30.27
C SER A 226 -4.62 -20.33 30.47
N MET A 227 -4.43 -21.21 29.49
CA MET A 227 -5.00 -22.55 29.58
C MET A 227 -4.38 -23.32 30.74
N VAL A 228 -3.11 -23.07 31.05
CA VAL A 228 -2.49 -23.72 32.19
C VAL A 228 -3.04 -23.17 33.48
N VAL A 229 -3.11 -21.84 33.59
CA VAL A 229 -3.73 -21.22 34.73
C VAL A 229 -5.10 -21.85 34.99
N ILE A 230 -5.78 -22.22 33.93
CA ILE A 230 -7.08 -22.87 34.05
C ILE A 230 -6.92 -24.30 34.54
N ALA A 231 -6.19 -25.11 33.78
CA ALA A 231 -5.99 -26.51 34.13
C ALA A 231 -5.53 -26.69 35.56
N SER A 232 -4.98 -25.64 36.17
CA SER A 232 -4.60 -25.73 37.58
C SER A 232 -5.69 -26.39 38.41
N MET A 233 -6.94 -26.22 38.02
CA MET A 233 -8.04 -26.90 38.70
C MET A 233 -7.97 -28.40 38.56
N ILE A 234 -7.03 -28.93 37.77
CA ILE A 234 -6.80 -30.36 37.67
C ILE A 234 -5.30 -30.57 37.58
N GLY A 235 -4.72 -31.20 38.61
CA GLY A 235 -3.29 -31.32 38.67
C GLY A 235 -2.64 -30.00 38.34
N ALA A 236 -1.92 -29.95 37.22
CA ALA A 236 -1.43 -28.70 36.66
C ALA A 236 -0.88 -27.79 37.75
N PRO A 237 0.25 -28.12 38.35
CA PRO A 237 0.80 -27.26 39.38
C PRO A 237 1.14 -25.89 38.82
N GLY A 238 1.60 -25.00 39.68
CA GLY A 238 1.88 -23.64 39.29
C GLY A 238 1.00 -22.68 40.05
N LEU A 239 1.23 -21.39 39.79
CA LEU A 239 0.47 -20.36 40.46
C LEU A 239 -1.01 -20.44 40.16
N GLY A 240 -1.39 -21.20 39.14
CA GLY A 240 -2.81 -21.43 38.90
C GLY A 240 -3.49 -21.99 40.12
N ARG A 241 -2.84 -22.92 40.82
CA ARG A 241 -3.43 -23.47 42.02
C ARG A 241 -3.60 -22.41 43.09
N GLY A 242 -2.60 -21.55 43.25
CA GLY A 242 -2.71 -20.51 44.26
C GLY A 242 -3.86 -19.57 43.98
N VAL A 243 -3.94 -19.06 42.76
CA VAL A 243 -5.03 -18.15 42.40
C VAL A 243 -6.37 -18.87 42.52
N LEU A 244 -6.39 -20.16 42.17
CA LEU A 244 -7.62 -20.93 42.26
C LEU A 244 -8.11 -21.00 43.70
N ALA A 245 -7.23 -21.47 44.59
CA ALA A 245 -7.54 -21.50 46.01
C ALA A 245 -8.05 -20.14 46.48
N ALA A 246 -7.32 -19.08 46.11
CA ALA A 246 -7.76 -17.74 46.48
C ALA A 246 -9.18 -17.47 45.99
N VAL A 247 -9.54 -18.00 44.83
CA VAL A 247 -10.89 -17.82 44.31
C VAL A 247 -11.87 -18.63 45.13
N GLN A 248 -11.64 -19.93 45.24
CA GLN A 248 -12.50 -20.80 46.01
C GLN A 248 -12.51 -20.45 47.49
N SER A 249 -11.64 -19.53 47.92
CA SER A 249 -11.62 -19.06 49.30
C SER A 249 -11.83 -17.56 49.41
N ALA A 250 -11.98 -16.85 48.31
CA ALA A 250 -12.16 -15.41 48.30
C ALA A 250 -10.98 -14.68 48.93
N ASP A 251 -9.81 -15.31 48.97
CA ASP A 251 -8.62 -14.70 49.57
C ASP A 251 -8.00 -13.73 48.57
N ILE A 252 -8.33 -12.45 48.72
CA ILE A 252 -7.85 -11.44 47.78
C ILE A 252 -6.33 -11.47 47.68
N GLY A 253 -5.63 -11.49 48.81
CA GLY A 253 -4.19 -11.31 48.81
C GLY A 253 -3.49 -12.30 47.92
N LYS A 254 -3.67 -13.58 48.20
CA LYS A 254 -2.93 -14.61 47.48
C LYS A 254 -3.38 -14.70 46.03
N GLY A 255 -4.67 -14.48 45.76
CA GLY A 255 -5.11 -14.48 44.38
C GLY A 255 -4.43 -13.40 43.57
N PHE A 256 -4.49 -12.17 44.06
CA PHE A 256 -3.78 -11.08 43.40
C PHE A 256 -2.29 -11.38 43.26
N VAL A 257 -1.71 -12.02 44.28
CA VAL A 257 -0.27 -12.24 44.28
C VAL A 257 0.11 -13.27 43.22
N SER A 258 -0.59 -14.39 43.20
CA SER A 258 -0.35 -15.37 42.16
C SER A 258 -0.56 -14.76 40.78
N GLY A 259 -1.64 -14.00 40.61
CA GLY A 259 -1.91 -13.41 39.30
C GLY A 259 -0.87 -12.40 38.89
N ILE A 260 -0.30 -11.67 39.84
CA ILE A 260 0.69 -10.66 39.51
C ILE A 260 2.00 -11.33 39.13
N SER A 261 2.35 -12.41 39.84
CA SER A 261 3.52 -13.18 39.43
C SER A 261 3.32 -13.73 38.01
N LEU A 262 2.14 -14.29 37.76
CA LEU A 262 1.83 -14.76 36.41
C LEU A 262 1.98 -13.66 35.39
N VAL A 263 1.41 -12.50 35.68
CA VAL A 263 1.50 -11.37 34.75
C VAL A 263 2.96 -11.06 34.48
N ILE A 264 3.71 -10.72 35.53
CA ILE A 264 5.13 -10.46 35.38
C ILE A 264 5.76 -11.46 34.43
N LEU A 265 5.50 -12.75 34.66
CA LEU A 265 6.05 -13.78 33.79
C LEU A 265 5.63 -13.56 32.34
N ALA A 266 4.34 -13.30 32.12
CA ALA A 266 3.83 -13.20 30.77
C ALA A 266 4.38 -11.98 30.06
N ILE A 267 4.41 -10.85 30.75
CA ILE A 267 4.99 -9.63 30.19
C ILE A 267 6.43 -9.88 29.80
N ILE A 268 7.16 -10.60 30.64
CA ILE A 268 8.56 -10.88 30.36
C ILE A 268 8.67 -11.75 29.11
N ILE A 269 7.86 -12.80 29.05
CA ILE A 269 7.86 -13.67 27.88
C ILE A 269 7.57 -12.88 26.63
N ASP A 270 6.60 -11.97 26.70
CA ASP A 270 6.29 -11.13 25.56
C ASP A 270 7.49 -10.29 25.16
N ARG A 271 7.94 -9.42 26.07
CA ARG A 271 9.06 -8.53 25.75
C ARG A 271 10.26 -9.29 25.23
N PHE A 272 10.35 -10.58 25.56
CA PHE A 272 11.40 -11.41 24.96
C PHE A 272 11.03 -11.79 23.54
N THR A 273 9.83 -12.34 23.35
CA THR A 273 9.42 -12.81 22.04
C THR A 273 9.46 -11.69 21.00
N GLN A 274 8.78 -10.58 21.30
CA GLN A 274 8.77 -9.43 20.41
C GLN A 274 10.15 -9.16 19.83
N LYS A 275 11.18 -9.22 20.67
CA LYS A 275 12.52 -8.82 20.30
C LYS A 275 13.36 -10.01 19.83
N LEU A 276 12.70 -11.01 19.24
CA LEU A 276 13.37 -12.13 18.61
C LEU A 276 12.85 -12.36 17.19
N ASN A 277 12.10 -11.40 16.65
CA ASN A 277 11.50 -11.53 15.33
C ASN A 277 12.48 -11.22 14.20
N VAL A 278 13.15 -10.08 14.26
CA VAL A 278 14.08 -9.67 13.22
C VAL A 278 15.37 -10.45 13.37
N GLY B 7 15.10 -10.68 51.43
CA GLY B 7 14.07 -10.20 52.33
C GLY B 7 12.71 -10.11 51.67
N GLN B 8 11.64 -10.19 52.48
CA GLN B 8 10.29 -10.09 51.93
C GLN B 8 9.75 -8.66 51.87
N VAL B 9 8.83 -8.43 50.93
CA VAL B 9 8.08 -7.18 50.86
C VAL B 9 6.61 -7.55 50.92
N PRO B 10 5.79 -6.83 51.68
CA PRO B 10 4.39 -7.23 51.90
C PRO B 10 3.38 -6.66 50.90
N ILE B 11 3.42 -7.15 49.65
CA ILE B 11 2.47 -6.81 48.60
C ILE B 11 1.11 -7.42 48.91
N ALA B 12 1.10 -8.62 49.49
CA ALA B 12 -0.16 -9.19 49.94
C ALA B 12 -0.87 -8.26 50.91
N ASN B 13 -0.12 -7.76 51.90
CA ASN B 13 -0.74 -6.99 52.96
C ASN B 13 -1.24 -5.65 52.46
N TRP B 14 -0.41 -4.93 51.70
CA TRP B 14 -0.66 -3.71 50.93
C TRP B 14 -1.95 -3.86 50.13
N VAL B 15 -2.03 -4.93 49.35
CA VAL B 15 -3.16 -5.16 48.45
C VAL B 15 -4.43 -5.40 49.25
N SER B 16 -4.37 -6.28 50.26
CA SER B 16 -5.36 -6.65 51.24
C SER B 16 -5.98 -5.40 51.87
N SER B 17 -5.15 -4.56 52.48
CA SER B 17 -5.35 -3.29 53.15
C SER B 17 -6.09 -2.30 52.27
N ALA B 18 -5.59 -2.05 51.05
CA ALA B 18 -6.15 -1.26 49.96
C ALA B 18 -7.58 -1.70 49.66
N THR B 19 -7.77 -3.00 49.42
CA THR B 19 -9.06 -3.63 49.17
C THR B 19 -10.04 -3.33 50.29
N ASP B 20 -9.66 -3.65 51.53
CA ASP B 20 -10.31 -3.41 52.81
C ASP B 20 -10.81 -1.99 52.90
N TRP B 21 -9.90 -1.02 52.76
CA TRP B 21 -10.08 0.43 52.78
C TRP B 21 -11.17 0.85 51.80
N ILE B 22 -11.05 0.42 50.54
CA ILE B 22 -12.01 0.74 49.49
C ILE B 22 -13.39 0.21 49.87
N THR B 23 -13.55 -1.10 49.96
CA THR B 23 -14.87 -1.63 50.30
C THR B 23 -15.48 -0.80 51.42
N SER B 24 -14.71 -0.71 52.49
CA SER B 24 -14.95 -0.01 53.73
C SER B 24 -15.10 1.48 53.55
N THR B 25 -14.99 1.98 52.32
CA THR B 25 -15.33 3.37 52.02
C THR B 25 -16.50 3.47 51.06
N PHE B 26 -16.46 2.72 49.95
CA PHE B 26 -17.50 2.75 48.93
C PHE B 26 -18.55 1.66 49.13
N SER B 27 -18.78 1.24 50.37
CA SER B 27 -19.72 0.16 50.63
C SER B 27 -21.07 0.43 49.98
N SER B 28 -21.69 1.56 50.33
CA SER B 28 -23.07 1.80 49.94
C SER B 28 -23.25 1.78 48.42
N GLY B 29 -22.32 2.40 47.70
CA GLY B 29 -22.25 2.49 46.24
C GLY B 29 -22.35 1.13 45.58
N PHE B 30 -21.39 0.26 45.87
CA PHE B 30 -21.30 -1.17 45.61
C PHE B 30 -22.61 -1.86 45.91
N ASP B 31 -23.19 -1.56 47.07
CA ASP B 31 -24.39 -2.26 47.50
C ASP B 31 -25.58 -1.94 46.59
N VAL B 32 -25.84 -0.65 46.36
CA VAL B 32 -26.94 -0.16 45.54
C VAL B 32 -26.77 -0.62 44.10
N ILE B 33 -25.53 -0.57 43.58
CA ILE B 33 -25.04 -0.98 42.28
C ILE B 33 -25.34 -2.44 42.05
N GLN B 34 -24.95 -3.31 42.98
CA GLN B 34 -25.32 -4.70 43.16
C GLN B 34 -26.82 -4.85 42.98
N LYS B 35 -27.59 -4.26 43.89
CA LYS B 35 -29.04 -4.29 43.93
C LYS B 35 -29.62 -4.11 42.53
N SER B 36 -29.36 -2.96 41.92
CA SER B 36 -29.78 -2.46 40.61
C SER B 36 -29.40 -3.45 39.51
N GLY B 37 -28.13 -3.82 39.45
CA GLY B 37 -27.55 -4.80 38.55
C GLY B 37 -28.34 -6.08 38.51
N THR B 38 -28.31 -6.80 39.63
CA THR B 38 -28.99 -8.09 39.77
C THR B 38 -30.47 -8.06 39.40
N VAL B 39 -31.21 -7.12 39.97
CA VAL B 39 -32.63 -6.98 39.69
C VAL B 39 -32.83 -6.86 38.19
N LEU B 40 -32.19 -5.84 37.63
CA LEU B 40 -32.25 -5.55 36.21
C LEU B 40 -32.05 -6.82 35.40
N MET B 41 -30.99 -7.58 35.70
CA MET B 41 -30.50 -8.81 35.11
C MET B 41 -31.54 -9.92 35.24
N ASN B 42 -32.07 -10.12 36.45
CA ASN B 42 -33.21 -10.92 36.87
C ASN B 42 -34.43 -10.60 36.02
N GLY B 43 -34.79 -9.31 35.94
CA GLY B 43 -35.86 -8.75 35.16
C GLY B 43 -35.78 -9.12 33.69
N ILE B 44 -34.64 -8.83 33.05
CA ILE B 44 -34.22 -9.08 31.69
C ILE B 44 -34.36 -10.56 31.35
N THR B 45 -33.81 -11.42 32.19
CA THR B 45 -33.81 -12.88 32.20
C THR B 45 -35.23 -13.41 32.19
N GLY B 46 -36.04 -12.98 33.17
CA GLY B 46 -37.47 -13.20 33.29
C GLY B 46 -38.21 -12.83 32.03
N ALA B 47 -37.83 -11.71 31.43
CA ALA B 47 -38.43 -11.31 30.16
C ALA B 47 -38.12 -12.32 29.07
N LEU B 48 -36.84 -12.58 28.85
CA LEU B 48 -36.25 -13.36 27.76
C LEU B 48 -36.55 -14.85 27.85
N THR B 49 -37.01 -15.22 29.03
CA THR B 49 -37.44 -16.57 29.34
C THR B 49 -38.95 -16.54 29.18
N ALA B 50 -39.57 -15.37 29.40
CA ALA B 50 -41.01 -15.29 29.24
C ALA B 50 -41.42 -15.78 27.86
N VAL B 51 -40.75 -15.29 26.83
CA VAL B 51 -40.95 -15.75 25.46
C VAL B 51 -40.79 -17.28 25.44
N PRO B 52 -41.51 -17.98 24.57
CA PRO B 52 -41.18 -19.39 24.32
C PRO B 52 -39.79 -19.52 23.71
N PHE B 53 -39.41 -20.77 23.51
CA PHE B 53 -38.16 -21.06 22.80
C PHE B 53 -38.39 -21.14 21.29
N TRP B 54 -39.52 -21.73 20.89
CA TRP B 54 -39.77 -21.94 19.47
C TRP B 54 -39.78 -20.62 18.70
N LEU B 55 -40.56 -19.65 19.18
CA LEU B 55 -40.67 -18.31 18.61
C LEU B 55 -39.31 -17.65 18.51
N MET B 56 -38.52 -17.74 19.59
CA MET B 56 -37.20 -17.15 19.58
C MET B 56 -36.33 -17.75 18.49
N ILE B 57 -36.37 -19.08 18.37
CA ILE B 57 -35.59 -19.72 17.32
C ILE B 57 -36.01 -19.22 15.95
N ALA B 58 -37.32 -19.15 15.73
CA ALA B 58 -37.80 -18.77 14.40
C ALA B 58 -37.42 -17.33 14.08
N VAL B 59 -37.44 -16.46 15.09
CA VAL B 59 -37.05 -15.06 15.00
C VAL B 59 -35.57 -14.96 14.62
N VAL B 60 -34.73 -15.70 15.33
CA VAL B 60 -33.32 -15.69 14.99
C VAL B 60 -33.11 -16.23 13.58
N THR B 61 -33.94 -17.20 13.16
CA THR B 61 -33.76 -17.83 11.87
C THR B 61 -34.07 -16.85 10.74
N ILE B 62 -35.16 -16.13 10.90
CA ILE B 62 -35.53 -15.10 9.94
C ILE B 62 -34.37 -14.12 9.92
N LEU B 63 -33.98 -13.62 11.09
CA LEU B 63 -32.88 -12.67 11.17
C LEU B 63 -31.68 -13.14 10.35
N ALA B 64 -31.35 -14.42 10.46
CA ALA B 64 -30.26 -14.95 9.66
C ALA B 64 -30.52 -14.75 8.18
N ILE B 65 -31.73 -15.13 7.75
CA ILE B 65 -32.10 -14.99 6.34
C ILE B 65 -31.95 -13.54 5.92
N LEU B 66 -32.40 -12.65 6.79
CA LEU B 66 -32.35 -11.21 6.57
C LEU B 66 -30.93 -10.79 6.25
N VAL B 67 -30.00 -11.13 7.15
CA VAL B 67 -28.59 -10.81 6.91
C VAL B 67 -28.08 -11.54 5.69
N SER B 68 -28.30 -12.84 5.61
CA SER B 68 -27.82 -13.65 4.49
C SER B 68 -29.02 -14.28 3.82
N GLY B 69 -29.48 -13.68 2.73
CA GLY B 69 -30.69 -14.12 2.07
C GLY B 69 -30.51 -15.39 1.25
N LYS B 70 -29.36 -15.52 0.60
CA LYS B 70 -29.19 -16.61 -0.37
C LYS B 70 -28.65 -17.87 0.28
N LYS B 71 -27.43 -17.80 0.83
CA LYS B 71 -26.80 -19.00 1.37
C LYS B 71 -27.66 -19.57 2.48
N ILE B 72 -27.56 -20.88 2.67
CA ILE B 72 -28.46 -21.64 3.52
C ILE B 72 -27.80 -22.24 4.74
N ALA B 73 -26.48 -22.14 4.87
CA ALA B 73 -25.77 -22.89 5.89
C ALA B 73 -25.97 -22.28 7.28
N PHE B 74 -25.74 -20.98 7.41
CA PHE B 74 -25.75 -20.35 8.74
C PHE B 74 -27.13 -20.36 9.38
N PRO B 75 -28.20 -19.97 8.70
CA PRO B 75 -29.52 -20.02 9.35
C PRO B 75 -29.95 -21.43 9.68
N LEU B 76 -29.73 -22.33 8.73
CA LEU B 76 -29.91 -23.76 8.98
C LEU B 76 -29.25 -24.17 10.29
N PHE B 77 -27.94 -23.95 10.40
CA PHE B 77 -27.20 -24.37 11.57
C PHE B 77 -27.70 -23.68 12.84
N THR B 78 -28.08 -22.41 12.72
CA THR B 78 -28.59 -21.68 13.87
C THR B 78 -29.84 -22.34 14.40
N PHE B 79 -30.85 -22.49 13.54
CA PHE B 79 -32.05 -23.22 13.93
C PHE B 79 -31.73 -24.59 14.53
N ILE B 80 -30.84 -25.34 13.88
CA ILE B 80 -30.50 -26.67 14.37
C ILE B 80 -29.99 -26.60 15.80
N GLY B 81 -28.94 -25.83 16.01
CA GLY B 81 -28.32 -25.78 17.32
C GLY B 81 -29.23 -25.22 18.39
N LEU B 82 -30.10 -24.28 18.02
CA LEU B 82 -30.99 -23.71 19.03
C LEU B 82 -32.09 -24.69 19.38
N SER B 83 -32.63 -25.39 18.39
CA SER B 83 -33.48 -26.54 18.70
C SER B 83 -32.80 -27.50 19.67
N LEU B 84 -31.55 -27.87 19.37
CA LEU B 84 -30.82 -28.79 20.24
C LEU B 84 -30.68 -28.23 21.65
N ILE B 85 -30.45 -26.93 21.75
CA ILE B 85 -30.13 -26.31 23.04
C ILE B 85 -31.40 -26.21 23.88
N ALA B 86 -32.43 -25.59 23.33
CA ALA B 86 -33.77 -25.74 23.91
C ALA B 86 -34.11 -27.17 24.29
N ASN B 87 -33.60 -28.14 23.54
CA ASN B 87 -33.93 -29.53 23.78
C ASN B 87 -33.37 -30.03 25.10
N GLN B 88 -32.05 -29.91 25.26
CA GLN B 88 -31.41 -30.40 26.47
C GLN B 88 -31.87 -29.64 27.70
N GLY B 89 -32.59 -28.54 27.52
CA GLY B 89 -33.13 -27.77 28.62
C GLY B 89 -32.25 -26.63 29.08
N LEU B 90 -31.20 -26.29 28.36
CA LEU B 90 -30.29 -25.22 28.74
C LEU B 90 -30.69 -23.85 28.20
N TRP B 91 -31.94 -23.48 28.46
CA TRP B 91 -32.49 -22.26 27.92
C TRP B 91 -32.47 -21.12 28.92
N SER B 92 -33.04 -21.32 30.11
CA SER B 92 -32.97 -20.28 31.13
C SER B 92 -31.54 -19.89 31.41
N ASP B 93 -30.67 -20.89 31.62
CA ASP B 93 -29.24 -20.61 31.73
C ASP B 93 -28.68 -19.87 30.52
N LEU B 94 -29.09 -20.28 29.32
CA LEU B 94 -28.66 -19.57 28.12
C LEU B 94 -29.03 -18.11 28.18
N MET B 95 -30.26 -17.81 28.57
CA MET B 95 -30.72 -16.43 28.58
C MET B 95 -30.00 -15.64 29.67
N SER B 96 -29.69 -16.29 30.79
CA SER B 96 -28.82 -15.66 31.78
C SER B 96 -27.49 -15.29 31.15
N THR B 97 -26.90 -16.23 30.42
CA THR B 97 -25.62 -15.96 29.78
C THR B 97 -25.72 -14.79 28.81
N ILE B 98 -26.83 -14.71 28.08
CA ILE B 98 -26.94 -13.68 27.05
C ILE B 98 -27.13 -12.32 27.68
N THR B 99 -27.95 -12.24 28.72
CA THR B 99 -28.07 -10.97 29.42
C THR B 99 -26.73 -10.56 30.00
N LEU B 100 -26.00 -11.52 30.57
CA LEU B 100 -24.68 -11.22 31.09
C LEU B 100 -23.78 -10.64 30.02
N VAL B 101 -23.72 -11.30 28.87
CA VAL B 101 -22.88 -10.80 27.80
C VAL B 101 -23.34 -9.42 27.38
N LEU B 102 -24.56 -9.30 26.85
CA LEU B 102 -25.04 -8.00 26.39
C LEU B 102 -24.67 -6.90 27.37
N LEU B 103 -24.90 -7.15 28.67
CA LEU B 103 -24.54 -6.15 29.67
C LEU B 103 -23.05 -5.84 29.61
N SER B 104 -22.21 -6.86 29.71
CA SER B 104 -20.77 -6.64 29.76
C SER B 104 -20.28 -5.93 28.51
N SER B 105 -20.75 -6.40 27.34
CA SER B 105 -20.30 -5.86 26.07
C SER B 105 -20.71 -4.40 25.92
N LEU B 106 -21.97 -4.08 26.22
CA LEU B 106 -22.41 -2.70 26.10
C LEU B 106 -21.65 -1.81 27.08
N LEU B 107 -21.40 -2.31 28.28
CA LEU B 107 -20.65 -1.53 29.25
C LEU B 107 -19.23 -1.27 28.76
N SER B 108 -18.57 -2.32 28.29
CA SER B 108 -17.20 -2.17 27.82
C SER B 108 -17.12 -1.23 26.63
N ILE B 109 -18.07 -1.32 25.71
CA ILE B 109 -18.11 -0.39 24.60
C ILE B 109 -18.24 1.04 25.12
N ILE B 110 -19.33 1.28 25.86
CA ILE B 110 -19.65 2.62 26.34
C ILE B 110 -18.51 3.18 27.19
N ILE B 111 -17.64 2.30 27.71
CA ILE B 111 -16.57 2.75 28.57
C ILE B 111 -15.22 2.78 27.89
N GLY B 112 -15.11 2.19 26.70
CA GLY B 112 -13.84 2.19 25.98
C GLY B 112 -13.80 3.06 24.76
N VAL B 113 -14.87 3.06 23.98
CA VAL B 113 -14.89 3.84 22.75
C VAL B 113 -14.46 5.28 23.02
N PRO B 114 -15.10 6.02 23.93
CA PRO B 114 -14.56 7.33 24.33
C PRO B 114 -13.09 7.31 24.65
N LEU B 115 -12.58 6.18 25.17
CA LEU B 115 -11.17 6.12 25.49
C LEU B 115 -10.33 6.03 24.23
N GLY B 116 -10.75 5.22 23.26
CA GLY B 116 -10.09 5.23 21.98
C GLY B 116 -10.07 6.62 21.37
N ILE B 117 -11.16 7.36 21.57
CA ILE B 117 -11.21 8.75 21.11
C ILE B 117 -10.13 9.56 21.78
N TRP B 118 -10.22 9.67 23.11
CA TRP B 118 -9.28 10.45 23.89
C TRP B 118 -7.84 10.06 23.59
N MET B 119 -7.62 8.80 23.22
CA MET B 119 -6.26 8.35 22.94
C MET B 119 -5.80 8.79 21.57
N ALA B 120 -6.65 8.61 20.56
CA ALA B 120 -6.31 9.06 19.22
C ALA B 120 -6.15 10.57 19.17
N LYS B 121 -6.73 11.29 20.13
CA LYS B 121 -6.60 12.73 20.17
C LYS B 121 -5.34 13.18 20.90
N SER B 122 -5.06 12.61 22.06
CA SER B 122 -3.92 13.00 22.87
C SER B 122 -2.86 11.92 22.83
N ASP B 123 -1.62 12.34 22.60
CA ASP B 123 -0.49 11.41 22.61
C ASP B 123 -0.02 11.09 24.02
N LEU B 124 -0.47 11.86 25.02
CA LEU B 124 -0.19 11.52 26.40
C LEU B 124 -1.00 10.33 26.85
N VAL B 125 -2.32 10.39 26.66
CA VAL B 125 -3.20 9.33 27.12
C VAL B 125 -2.79 8.01 26.51
N ALA B 126 -2.28 8.02 25.28
CA ALA B 126 -1.78 6.80 24.68
C ALA B 126 -0.67 6.20 25.53
N LYS B 127 0.32 7.01 25.88
CA LYS B 127 1.41 6.53 26.73
C LYS B 127 0.88 6.03 28.06
N ILE B 128 -0.10 6.74 28.64
CA ILE B 128 -0.62 6.35 29.93
C ILE B 128 -1.31 5.00 29.86
N VAL B 129 -2.01 4.73 28.76
CA VAL B 129 -3.00 3.67 28.70
C VAL B 129 -2.45 2.41 28.07
N GLN B 130 -1.78 2.54 26.92
CA GLN B 130 -1.23 1.39 26.21
C GLN B 130 -0.58 0.41 27.17
N PRO B 131 0.26 0.89 28.10
CA PRO B 131 0.79 -0.02 29.11
C PRO B 131 -0.30 -0.69 29.91
N ILE B 132 -1.30 0.08 30.35
CA ILE B 132 -2.42 -0.50 31.08
C ILE B 132 -3.13 -1.52 30.21
N LEU B 133 -3.25 -1.24 28.90
CA LEU B 133 -3.95 -2.16 28.01
C LEU B 133 -3.21 -3.48 27.90
N ASP B 134 -1.89 -3.43 27.71
CA ASP B 134 -1.13 -4.67 27.65
C ASP B 134 -1.20 -5.41 28.98
N PHE B 135 -0.99 -4.68 30.08
CA PHE B 135 -1.08 -5.27 31.40
C PHE B 135 -2.39 -5.99 31.61
N MET B 136 -3.49 -5.47 31.07
CA MET B 136 -4.79 -6.10 31.25
C MET B 136 -5.07 -7.18 30.21
N GLN B 137 -4.45 -7.08 29.05
CA GLN B 137 -4.64 -8.06 27.99
C GLN B 137 -3.82 -9.31 28.23
N THR B 138 -2.83 -9.23 29.11
CA THR B 138 -2.03 -10.40 29.48
C THR B 138 -2.53 -11.08 30.75
N MET B 139 -3.28 -10.39 31.59
CA MET B 139 -3.77 -10.98 32.83
C MET B 139 -4.59 -12.24 32.54
N PRO B 140 -4.84 -13.06 33.57
CA PRO B 140 -5.89 -14.08 33.46
C PRO B 140 -7.23 -13.51 33.88
N GLY B 141 -8.28 -14.25 33.55
CA GLY B 141 -9.59 -13.88 34.03
C GLY B 141 -9.73 -14.10 35.52
N PHE B 142 -9.11 -15.17 36.02
CA PHE B 142 -9.39 -15.63 37.38
C PHE B 142 -9.28 -14.51 38.39
N VAL B 143 -8.25 -13.66 38.27
CA VAL B 143 -8.07 -12.61 39.27
C VAL B 143 -9.25 -11.66 39.24
N TYR B 144 -9.64 -11.24 38.04
CA TYR B 144 -10.61 -10.16 37.90
C TYR B 144 -11.84 -10.37 38.76
N LEU B 145 -12.21 -11.61 39.07
CA LEU B 145 -13.50 -11.87 39.70
C LEU B 145 -13.41 -11.94 41.22
N ILE B 146 -12.23 -11.89 41.81
CA ILE B 146 -11.92 -11.91 43.24
C ILE B 146 -12.24 -10.52 43.79
N PRO B 147 -11.72 -9.44 43.19
CA PRO B 147 -12.21 -8.12 43.59
C PRO B 147 -13.68 -7.95 43.28
N ALA B 148 -14.20 -8.69 42.30
CA ALA B 148 -15.61 -8.60 41.97
C ALA B 148 -16.47 -8.99 43.16
N VAL B 149 -16.14 -10.11 43.78
CA VAL B 149 -16.88 -10.56 44.95
C VAL B 149 -16.49 -9.67 46.12
N ALA B 150 -15.23 -9.27 46.17
CA ALA B 150 -14.76 -8.39 47.22
C ALA B 150 -15.60 -7.13 47.32
N PHE B 151 -16.11 -6.67 46.18
CA PHE B 151 -16.81 -5.39 46.09
C PHE B 151 -18.32 -5.57 46.09
N PHE B 152 -18.83 -6.44 45.22
CA PHE B 152 -20.25 -6.73 45.14
C PHE B 152 -20.64 -8.05 45.77
N GLY B 153 -19.75 -9.04 45.70
CA GLY B 153 -20.04 -10.36 46.23
C GLY B 153 -20.36 -11.35 45.13
N ILE B 154 -21.03 -12.43 45.55
CA ILE B 154 -21.49 -13.44 44.61
C ILE B 154 -22.52 -12.83 43.66
N GLY B 155 -22.65 -13.44 42.49
CA GLY B 155 -23.77 -13.13 41.61
C GLY B 155 -23.41 -12.86 40.17
N VAL B 156 -24.30 -12.16 39.48
CA VAL B 156 -24.10 -11.79 38.08
C VAL B 156 -23.29 -10.51 37.97
N VAL B 157 -23.58 -9.52 38.82
CA VAL B 157 -22.88 -8.25 38.86
C VAL B 157 -21.38 -8.45 38.82
N PRO B 158 -20.81 -9.23 39.74
CA PRO B 158 -19.36 -9.45 39.70
C PRO B 158 -18.89 -10.02 38.38
N GLY B 159 -19.66 -10.94 37.81
CA GLY B 159 -19.26 -11.56 36.56
C GLY B 159 -19.17 -10.55 35.43
N VAL B 160 -20.20 -9.71 35.29
CA VAL B 160 -20.17 -8.74 34.21
C VAL B 160 -19.10 -7.69 34.45
N PHE B 161 -18.84 -7.35 35.72
CA PHE B 161 -17.72 -6.47 36.00
C PHE B 161 -16.43 -7.05 35.45
N ALA B 162 -16.16 -8.30 35.80
CA ALA B 162 -14.95 -8.96 35.32
C ALA B 162 -14.91 -8.97 33.80
N SER B 163 -16.04 -9.33 33.18
CA SER B 163 -16.10 -9.40 31.73
C SER B 163 -15.75 -8.06 31.11
N VAL B 164 -16.31 -6.98 31.65
CA VAL B 164 -16.05 -5.65 31.14
C VAL B 164 -14.55 -5.35 31.24
N ILE B 165 -13.99 -5.54 32.44
CA ILE B 165 -12.60 -5.18 32.63
C ILE B 165 -11.67 -6.07 31.84
N PHE B 166 -12.14 -7.23 31.39
CA PHE B 166 -11.32 -8.14 30.63
C PHE B 166 -11.41 -7.91 29.14
N ALA B 167 -12.56 -7.43 28.65
CA ALA B 167 -12.78 -7.29 27.22
C ALA B 167 -12.77 -5.84 26.75
N LEU B 168 -12.55 -4.88 27.63
CA LEU B 168 -12.33 -3.50 27.22
C LEU B 168 -11.11 -3.29 26.34
N PRO B 169 -9.96 -3.92 26.62
CA PRO B 169 -8.70 -3.52 25.99
C PRO B 169 -8.78 -3.51 24.48
N PRO B 170 -9.23 -4.60 23.86
CA PRO B 170 -9.17 -4.65 22.39
C PRO B 170 -10.11 -3.68 21.74
N THR B 171 -11.31 -3.49 22.31
CA THR B 171 -12.18 -2.43 21.85
C THR B 171 -11.42 -1.11 21.79
N VAL B 172 -10.89 -0.68 22.93
CA VAL B 172 -10.21 0.61 22.98
C VAL B 172 -9.07 0.66 21.98
N ARG B 173 -8.31 -0.44 21.88
CA ARG B 173 -7.13 -0.46 21.03
C ARG B 173 -7.50 -0.32 19.57
N MET B 174 -8.36 -1.21 19.08
CA MET B 174 -8.80 -1.12 17.69
C MET B 174 -9.42 0.23 17.40
N THR B 175 -10.11 0.82 18.37
CA THR B 175 -10.64 2.16 18.15
C THR B 175 -9.51 3.14 17.88
N ASN B 176 -8.66 3.36 18.88
CA ASN B 176 -7.57 4.31 18.73
C ASN B 176 -6.76 4.04 17.47
N LEU B 177 -6.73 2.80 17.00
CA LEU B 177 -5.93 2.49 15.82
C LEU B 177 -6.66 2.85 14.54
N GLY B 178 -7.93 2.46 14.44
CA GLY B 178 -8.72 2.83 13.29
C GLY B 178 -8.91 4.32 13.17
N ILE B 179 -8.65 5.05 14.24
CA ILE B 179 -8.80 6.50 14.19
C ILE B 179 -7.49 7.20 13.84
N ARG B 180 -6.37 6.66 14.31
CA ARG B 180 -5.05 7.18 14.00
C ARG B 180 -4.55 6.73 12.64
N GLN B 181 -5.31 5.89 11.93
CA GLN B 181 -4.87 5.33 10.66
C GLN B 181 -5.57 5.95 9.46
N VAL B 182 -6.47 6.91 9.68
CA VAL B 182 -7.07 7.60 8.55
C VAL B 182 -6.00 8.45 7.88
N SER B 183 -5.99 8.42 6.55
CA SER B 183 -4.95 9.13 5.82
C SER B 183 -4.96 10.61 6.15
N THR B 184 -3.79 11.14 6.47
CA THR B 184 -3.67 12.51 6.96
C THR B 184 -4.19 13.52 5.95
N GLU B 185 -4.24 13.18 4.67
CA GLU B 185 -4.81 14.11 3.69
C GLU B 185 -6.24 14.46 4.05
N LEU B 186 -7.04 13.47 4.41
CA LEU B 186 -8.45 13.72 4.68
C LEU B 186 -8.61 14.52 5.96
N VAL B 187 -7.79 14.22 6.97
CA VAL B 187 -7.75 15.05 8.17
C VAL B 187 -7.47 16.49 7.81
N GLU B 188 -6.36 16.73 7.11
CA GLU B 188 -5.98 18.08 6.73
C GLU B 188 -7.08 18.76 5.94
N ALA B 189 -7.80 18.01 5.11
CA ALA B 189 -8.87 18.59 4.33
C ALA B 189 -10.01 19.03 5.22
N ALA B 190 -10.55 18.08 5.99
CA ALA B 190 -11.61 18.42 6.94
C ALA B 190 -11.24 19.64 7.76
N ASP B 191 -9.97 19.78 8.10
CA ASP B 191 -9.55 20.92 8.92
C ASP B 191 -9.40 22.19 8.11
N SER B 192 -9.05 22.07 6.83
CA SER B 192 -8.86 23.23 5.98
C SER B 192 -10.16 23.92 5.63
N PHE B 193 -11.28 23.25 5.79
CA PHE B 193 -12.59 23.85 5.59
C PHE B 193 -13.24 24.26 6.90
N GLY B 194 -12.47 24.33 7.98
CA GLY B 194 -12.99 24.78 9.25
C GLY B 194 -14.01 23.82 9.82
N SER B 195 -13.59 22.60 10.07
CA SER B 195 -14.44 21.57 10.64
C SER B 195 -13.96 21.30 12.06
N THR B 196 -14.84 21.53 13.03
CA THR B 196 -14.48 21.25 14.41
C THR B 196 -14.32 19.75 14.62
N ALA B 197 -13.63 19.40 15.71
CA ALA B 197 -13.36 18.00 15.99
C ALA B 197 -14.62 17.17 15.85
N ARG B 198 -15.75 17.68 16.36
CA ARG B 198 -17.01 16.95 16.23
C ARG B 198 -17.34 16.70 14.77
N GLN B 199 -17.14 17.70 13.92
CA GLN B 199 -17.55 17.60 12.53
C GLN B 199 -16.84 16.45 11.83
N LYS B 200 -15.52 16.55 11.71
CA LYS B 200 -14.74 15.47 11.12
C LYS B 200 -14.98 14.16 11.84
N LEU B 201 -15.15 14.19 13.15
CA LEU B 201 -15.29 12.97 13.92
C LEU B 201 -16.54 12.21 13.53
N PHE B 202 -17.65 12.90 13.35
CA PHE B 202 -18.92 12.25 13.03
C PHE B 202 -19.17 12.18 11.53
N LYS B 203 -18.33 12.80 10.72
CA LYS B 203 -18.43 12.70 9.26
C LYS B 203 -17.32 11.90 8.63
N LEU B 204 -16.15 11.91 9.25
CA LEU B 204 -14.94 11.37 8.64
C LEU B 204 -14.35 10.20 9.43
N GLU B 205 -14.16 10.38 10.72
CA GLU B 205 -13.44 9.39 11.51
C GLU B 205 -14.24 8.10 11.64
N PHE B 206 -15.41 8.19 12.25
CA PHE B 206 -16.22 6.99 12.45
C PHE B 206 -16.49 6.27 11.15
N PRO B 207 -17.14 6.89 10.17
CA PRO B 207 -17.56 6.16 8.97
C PRO B 207 -16.44 5.33 8.34
N LEU B 208 -15.21 5.68 8.65
CA LEU B 208 -14.05 4.93 8.17
C LEU B 208 -13.57 3.88 9.16
N ALA B 209 -13.30 4.28 10.40
CA ALA B 209 -12.76 3.34 11.37
C ALA B 209 -13.78 2.28 11.79
N LYS B 210 -15.04 2.44 11.38
CA LYS B 210 -16.09 1.51 11.79
C LYS B 210 -15.69 0.05 11.62
N GLY B 211 -14.95 -0.28 10.57
CA GLY B 211 -14.56 -1.65 10.36
C GLY B 211 -13.76 -2.19 11.51
N THR B 212 -12.64 -1.53 11.79
CA THR B 212 -11.78 -1.96 12.90
C THR B 212 -12.54 -1.89 14.21
N ILE B 213 -13.40 -0.89 14.35
CA ILE B 213 -14.14 -0.73 15.60
C ILE B 213 -15.03 -1.95 15.84
N MET B 214 -15.81 -2.32 14.84
CA MET B 214 -16.67 -3.48 14.98
C MET B 214 -15.85 -4.76 15.15
N ALA B 215 -14.66 -4.81 14.57
CA ALA B 215 -13.81 -5.97 14.78
C ALA B 215 -13.40 -6.08 16.24
N GLY B 216 -12.86 -5.00 16.79
CA GLY B 216 -12.52 -4.99 18.20
C GLY B 216 -13.72 -5.25 19.07
N VAL B 217 -14.91 -4.87 18.62
CA VAL B 217 -16.11 -5.09 19.40
C VAL B 217 -16.49 -6.57 19.42
N ASN B 218 -16.45 -7.21 18.26
CA ASN B 218 -16.63 -8.65 18.21
C ASN B 218 -15.66 -9.35 19.15
N GLN B 219 -14.39 -8.96 19.07
CA GLN B 219 -13.39 -9.49 19.98
C GLN B 219 -13.81 -9.28 21.43
N THR B 220 -14.27 -8.08 21.76
CA THR B 220 -14.69 -7.77 23.12
C THR B 220 -15.83 -8.67 23.56
N ILE B 221 -16.76 -8.94 22.65
CA ILE B 221 -17.89 -9.79 22.97
C ILE B 221 -17.41 -11.19 23.32
N MET B 222 -16.54 -11.73 22.47
CA MET B 222 -16.02 -13.07 22.74
C MET B 222 -15.29 -13.13 24.09
N LEU B 223 -14.51 -12.09 24.38
CA LEU B 223 -13.80 -12.05 25.65
C LEU B 223 -14.77 -12.03 26.82
N ALA B 224 -15.80 -11.19 26.73
CA ALA B 224 -16.82 -11.16 27.77
C ALA B 224 -17.46 -12.52 27.93
N LEU B 225 -17.69 -13.21 26.82
CA LEU B 225 -18.30 -14.54 26.89
C LEU B 225 -17.43 -15.50 27.67
N SER B 226 -16.15 -15.58 27.31
CA SER B 226 -15.24 -16.46 28.03
C SER B 226 -15.18 -16.08 29.51
N MET B 227 -15.14 -14.78 29.79
CA MET B 227 -15.05 -14.33 31.17
C MET B 227 -16.29 -14.72 31.95
N VAL B 228 -17.45 -14.75 31.29
CA VAL B 228 -18.67 -15.18 31.96
C VAL B 228 -18.62 -16.68 32.23
N VAL B 229 -18.27 -17.45 31.20
CA VAL B 229 -18.08 -18.88 31.39
C VAL B 229 -17.20 -19.14 32.58
N ILE B 230 -16.22 -18.26 32.81
CA ILE B 230 -15.35 -18.39 33.96
C ILE B 230 -16.08 -18.03 35.24
N ALA B 231 -16.58 -16.80 35.31
CA ALA B 231 -17.27 -16.32 36.50
C ALA B 231 -18.35 -17.28 36.96
N SER B 232 -18.82 -18.16 36.09
CA SER B 232 -19.79 -19.17 36.49
C SER B 232 -19.41 -19.80 37.81
N MET B 233 -18.12 -19.91 38.09
CA MET B 233 -17.66 -20.42 39.38
C MET B 233 -18.06 -19.53 40.54
N ILE B 234 -18.64 -18.36 40.26
CA ILE B 234 -19.16 -17.50 41.30
C ILE B 234 -20.47 -16.90 40.78
N GLY B 235 -21.58 -17.27 41.41
CA GLY B 235 -22.88 -16.86 40.91
C GLY B 235 -22.93 -17.09 39.41
N ALA B 236 -23.04 -16.00 38.65
CA ALA B 236 -22.87 -16.04 37.21
C ALA B 236 -23.59 -17.24 36.61
N PRO B 237 -24.91 -17.25 36.60
CA PRO B 237 -25.62 -18.39 36.02
C PRO B 237 -25.30 -18.53 34.54
N GLY B 238 -25.84 -19.55 33.92
CA GLY B 238 -25.56 -19.85 32.55
C GLY B 238 -24.88 -21.19 32.41
N LEU B 239 -24.63 -21.57 31.17
CA LEU B 239 -24.02 -22.85 30.88
C LEU B 239 -22.64 -22.97 31.50
N GLY B 240 -22.05 -21.86 31.93
CA GLY B 240 -20.79 -21.92 32.64
C GLY B 240 -20.89 -22.82 33.85
N ARG B 241 -22.01 -22.75 34.57
CA ARG B 241 -22.20 -23.62 35.72
C ARG B 241 -22.25 -25.07 35.31
N GLY B 242 -22.95 -25.37 34.22
CA GLY B 242 -23.04 -26.75 33.77
C GLY B 242 -21.68 -27.31 33.41
N VAL B 243 -20.93 -26.59 32.58
CA VAL B 243 -19.61 -27.05 32.19
C VAL B 243 -18.70 -27.15 33.42
N LEU B 244 -18.85 -26.22 34.36
CA LEU B 244 -18.04 -26.24 35.57
C LEU B 244 -18.30 -27.52 36.36
N ALA B 245 -19.57 -27.77 36.69
CA ALA B 245 -19.94 -29.00 37.36
C ALA B 245 -19.37 -30.21 36.63
N ALA B 246 -19.54 -30.24 35.31
CA ALA B 246 -18.98 -31.34 34.53
C ALA B 246 -17.48 -31.47 34.75
N VAL B 247 -16.79 -30.35 34.93
CA VAL B 247 -15.36 -30.39 35.19
C VAL B 247 -15.09 -30.92 36.58
N GLN B 248 -15.69 -30.28 37.59
CA GLN B 248 -15.52 -30.72 38.97
C GLN B 248 -16.08 -32.10 39.21
N SER B 249 -16.77 -32.68 38.24
CA SER B 249 -17.29 -34.04 38.34
C SER B 249 -16.77 -34.95 37.24
N ALA B 250 -15.95 -34.44 36.33
CA ALA B 250 -15.42 -35.22 35.21
C ALA B 250 -16.52 -35.78 34.31
N ASP B 251 -17.70 -35.17 34.34
CA ASP B 251 -18.82 -35.64 33.53
C ASP B 251 -18.67 -35.15 32.10
N ILE B 252 -18.11 -36.01 31.24
CA ILE B 252 -17.84 -35.62 29.86
C ILE B 252 -19.10 -35.10 29.18
N GLY B 253 -20.20 -35.84 29.29
CA GLY B 253 -21.39 -35.54 28.52
C GLY B 253 -21.86 -34.10 28.69
N LYS B 254 -22.16 -33.74 29.94
CA LYS B 254 -22.73 -32.43 30.19
C LYS B 254 -21.73 -31.32 29.94
N GLY B 255 -20.45 -31.56 30.23
CA GLY B 255 -19.45 -30.55 29.93
C GLY B 255 -19.40 -30.24 28.45
N PHE B 256 -19.23 -31.29 27.63
CA PHE B 256 -19.26 -31.11 26.19
C PHE B 256 -20.56 -30.44 25.74
N VAL B 257 -21.68 -30.79 26.37
CA VAL B 257 -22.97 -30.28 25.92
C VAL B 257 -23.10 -28.79 26.21
N SER B 258 -22.76 -28.40 27.44
CA SER B 258 -22.76 -26.98 27.76
C SER B 258 -21.81 -26.23 26.85
N GLY B 259 -20.61 -26.76 26.64
CA GLY B 259 -19.64 -26.07 25.81
C GLY B 259 -20.08 -25.96 24.37
N ILE B 260 -20.79 -26.96 23.86
CA ILE B 260 -21.24 -26.91 22.47
C ILE B 260 -22.36 -25.91 22.32
N SER B 261 -23.26 -25.84 23.30
CA SER B 261 -24.27 -24.81 23.27
C SER B 261 -23.62 -23.43 23.29
N LEU B 262 -22.64 -23.25 24.18
CA LEU B 262 -21.90 -21.99 24.23
C LEU B 262 -21.28 -21.68 22.89
N VAL B 263 -20.61 -22.65 22.28
CA VAL B 263 -19.99 -22.44 20.99
C VAL B 263 -21.04 -21.98 19.99
N ILE B 264 -22.05 -22.80 19.76
CA ILE B 264 -23.14 -22.43 18.86
C ILE B 264 -23.51 -20.97 19.07
N LEU B 265 -23.72 -20.58 20.32
CA LEU B 265 -24.08 -19.20 20.62
C LEU B 265 -23.01 -18.24 20.10
N ALA B 266 -21.74 -18.53 20.38
CA ALA B 266 -20.67 -17.62 20.03
C ALA B 266 -20.51 -17.50 18.52
N ILE B 267 -20.54 -18.64 17.83
CA ILE B 267 -20.48 -18.64 16.37
C ILE B 267 -21.61 -17.80 15.80
N ILE B 268 -22.79 -17.92 16.38
CA ILE B 268 -23.93 -17.16 15.89
C ILE B 268 -23.69 -15.68 16.09
N ILE B 269 -23.24 -15.31 17.30
CA ILE B 269 -22.96 -13.92 17.60
C ILE B 269 -21.93 -13.37 16.62
N ASP B 270 -20.90 -14.16 16.32
CA ASP B 270 -19.91 -13.74 15.35
C ASP B 270 -20.54 -13.50 13.99
N ARG B 271 -21.11 -14.56 13.40
CA ARG B 271 -21.68 -14.45 12.07
C ARG B 271 -22.67 -13.30 11.98
N PHE B 272 -23.24 -12.90 13.12
CA PHE B 272 -24.07 -11.71 13.13
C PHE B 272 -23.23 -10.46 13.08
N THR B 273 -22.27 -10.34 13.99
CA THR B 273 -21.45 -9.14 14.09
C THR B 273 -20.72 -8.86 12.78
N GLN B 274 -19.98 -9.84 12.27
CA GLN B 274 -19.29 -9.69 11.01
C GLN B 274 -20.13 -8.98 9.97
N LYS B 275 -21.40 -9.36 9.87
CA LYS B 275 -22.28 -8.90 8.82
C LYS B 275 -23.10 -7.68 9.26
N LEU B 276 -22.52 -6.87 10.15
CA LEU B 276 -23.11 -5.61 10.56
C LEU B 276 -22.10 -4.47 10.46
N ASN B 277 -20.96 -4.71 9.80
CA ASN B 277 -19.89 -3.73 9.70
C ASN B 277 -20.14 -2.70 8.60
N VAL B 278 -20.44 -3.15 7.39
CA VAL B 278 -20.66 -2.25 6.27
C VAL B 278 -22.04 -1.61 6.40
N VAL C 3 13.67 -20.22 -36.85
CA VAL C 3 12.57 -20.58 -35.96
C VAL C 3 13.11 -21.17 -34.66
N LYS C 4 12.54 -20.74 -33.54
CA LYS C 4 12.88 -21.28 -32.24
C LYS C 4 11.69 -21.92 -31.55
N ILE C 5 10.56 -21.21 -31.46
CA ILE C 5 9.39 -21.68 -30.77
C ILE C 5 8.31 -22.00 -31.79
N LYS C 6 7.38 -22.87 -31.38
CA LYS C 6 6.26 -23.25 -32.23
C LYS C 6 5.11 -23.64 -31.33
N ILE C 7 3.92 -23.11 -31.62
CA ILE C 7 2.75 -23.31 -30.78
C ILE C 7 1.65 -23.97 -31.62
N GLU C 8 0.80 -24.71 -30.92
CA GLU C 8 -0.21 -25.53 -31.60
C GLU C 8 -1.46 -25.57 -30.73
N HIS C 9 -2.51 -24.87 -31.17
CA HIS C 9 -3.83 -24.93 -30.55
C HIS C 9 -3.77 -24.73 -29.04
N LEU C 10 -2.73 -24.04 -28.59
CA LEU C 10 -2.59 -23.77 -27.17
C LEU C 10 -3.76 -22.95 -26.68
N THR C 11 -4.08 -23.13 -25.40
CA THR C 11 -5.16 -22.38 -24.77
C THR C 11 -5.14 -22.65 -23.28
N LYS C 12 -5.91 -21.85 -22.55
CA LYS C 12 -5.99 -21.96 -21.10
C LYS C 12 -7.38 -21.54 -20.67
N ILE C 13 -7.95 -22.27 -19.73
CA ILE C 13 -9.31 -22.04 -19.25
C ILE C 13 -9.28 -22.04 -17.73
N PHE C 14 -10.02 -21.11 -17.15
CA PHE C 14 -10.08 -20.99 -15.70
C PHE C 14 -11.45 -21.48 -15.21
N GLY C 15 -11.70 -21.35 -13.92
CA GLY C 15 -12.93 -21.86 -13.36
C GLY C 15 -12.91 -23.38 -13.33
N LYS C 16 -14.11 -23.94 -13.28
CA LYS C 16 -14.32 -25.38 -13.25
C LYS C 16 -15.05 -25.81 -14.51
N ARG C 17 -15.40 -27.09 -14.57
CA ARG C 17 -16.08 -27.67 -15.72
C ARG C 17 -15.38 -27.23 -17.01
N ILE C 18 -14.13 -27.65 -17.13
CA ILE C 18 -13.26 -27.17 -18.19
C ILE C 18 -13.21 -28.13 -19.38
N LYS C 19 -13.58 -29.40 -19.21
CA LYS C 19 -13.63 -30.31 -20.33
C LYS C 19 -14.68 -29.85 -21.34
N THR C 20 -15.84 -29.43 -20.84
CA THR C 20 -16.87 -28.91 -21.74
C THR C 20 -16.36 -27.68 -22.48
N ALA C 21 -15.64 -26.80 -21.79
CA ALA C 21 -15.11 -25.61 -22.46
C ALA C 21 -14.07 -25.99 -23.50
N LEU C 22 -13.29 -27.04 -23.20
CA LEU C 22 -12.29 -27.49 -24.14
C LEU C 22 -13.01 -27.95 -25.39
N THR C 23 -13.98 -28.84 -25.22
CA THR C 23 -14.74 -29.34 -26.37
C THR C 23 -15.39 -28.20 -27.13
N MET C 24 -15.82 -27.16 -26.41
CA MET C 24 -16.45 -26.01 -27.05
C MET C 24 -15.46 -25.31 -27.96
N VAL C 25 -14.30 -24.95 -27.43
CA VAL C 25 -13.28 -24.28 -28.24
C VAL C 25 -12.79 -25.19 -29.35
N GLU C 26 -12.87 -26.50 -29.16
CA GLU C 26 -12.53 -27.43 -30.23
C GLU C 26 -13.43 -27.28 -31.43
N LYS C 27 -14.54 -26.54 -31.29
CA LYS C 27 -15.48 -26.31 -32.37
C LYS C 27 -15.57 -24.86 -32.79
N GLY C 28 -15.19 -23.93 -31.94
CA GLY C 28 -15.28 -22.53 -32.23
C GLY C 28 -16.27 -21.75 -31.38
N GLU C 29 -16.61 -22.23 -30.20
CA GLU C 29 -17.57 -21.54 -29.36
C GLU C 29 -16.98 -20.22 -28.89
N PRO C 30 -17.63 -19.09 -29.16
CA PRO C 30 -17.13 -17.81 -28.63
C PRO C 30 -16.92 -17.83 -27.14
N LYS C 31 -16.14 -16.86 -26.65
CA LYS C 31 -15.78 -16.84 -25.24
C LYS C 31 -16.97 -16.47 -24.36
N ASN C 32 -17.74 -15.47 -24.77
CA ASN C 32 -18.87 -15.04 -23.96
C ASN C 32 -19.87 -16.17 -23.75
N GLU C 33 -20.18 -16.92 -24.82
CA GLU C 33 -21.14 -18.00 -24.69
C GLU C 33 -20.60 -19.11 -23.79
N ILE C 34 -19.33 -19.46 -23.97
CA ILE C 34 -18.71 -20.44 -23.09
C ILE C 34 -18.86 -20.01 -21.65
N LEU C 35 -18.60 -18.74 -21.38
CA LEU C 35 -18.72 -18.21 -20.03
C LEU C 35 -20.14 -18.38 -19.51
N LYS C 36 -21.12 -17.89 -20.26
CA LYS C 36 -22.50 -17.95 -19.81
C LYS C 36 -22.95 -19.38 -19.57
N LYS C 37 -22.47 -20.32 -20.37
CA LYS C 37 -22.93 -21.70 -20.30
C LYS C 37 -22.20 -22.51 -19.25
N THR C 38 -20.99 -22.11 -18.89
CA THR C 38 -20.18 -22.89 -17.96
C THR C 38 -19.57 -22.07 -16.83
N GLY C 39 -19.44 -20.76 -16.99
CA GLY C 39 -18.79 -19.97 -15.96
C GLY C 39 -17.32 -20.27 -15.83
N ALA C 40 -16.68 -20.71 -16.90
CA ALA C 40 -15.26 -21.03 -16.90
C ALA C 40 -14.57 -19.99 -17.78
N THR C 41 -14.20 -18.87 -17.16
CA THR C 41 -13.60 -17.78 -17.91
C THR C 41 -12.33 -18.28 -18.61
N VAL C 42 -12.20 -17.89 -19.87
CA VAL C 42 -11.06 -18.26 -20.69
C VAL C 42 -10.12 -17.07 -20.80
N GLY C 43 -8.82 -17.36 -20.80
CA GLY C 43 -7.82 -16.33 -20.98
C GLY C 43 -7.13 -16.46 -22.33
N VAL C 44 -7.15 -17.66 -22.88
CA VAL C 44 -6.50 -17.94 -24.15
C VAL C 44 -7.39 -18.86 -24.97
N TYR C 45 -7.30 -18.73 -26.29
CA TYR C 45 -8.28 -19.36 -27.17
C TYR C 45 -7.60 -19.75 -28.47
N ASP C 46 -7.39 -21.06 -28.65
CA ASP C 46 -6.89 -21.63 -29.91
C ASP C 46 -5.78 -20.77 -30.50
N THR C 47 -4.72 -20.60 -29.73
CA THR C 47 -3.60 -19.77 -30.13
C THR C 47 -2.58 -20.60 -30.89
N ASN C 48 -2.27 -20.18 -32.11
CA ASN C 48 -1.32 -20.88 -32.95
C ASN C 48 -0.40 -19.88 -33.61
N PHE C 49 0.90 -20.01 -33.35
CA PHE C 49 1.91 -19.21 -34.04
C PHE C 49 3.27 -19.81 -33.73
N GLU C 50 4.31 -19.15 -34.22
CA GLU C 50 5.69 -19.58 -34.03
C GLU C 50 6.55 -18.35 -33.80
N ILE C 51 7.84 -18.58 -33.55
CA ILE C 51 8.78 -17.51 -33.30
C ILE C 51 10.15 -17.94 -33.79
N ASN C 52 10.97 -16.96 -34.16
CA ASN C 52 12.33 -17.20 -34.61
C ASN C 52 13.32 -16.54 -33.67
N GLU C 53 14.59 -16.70 -33.99
CA GLU C 53 15.67 -16.24 -33.12
C GLU C 53 15.97 -14.78 -33.39
N GLY C 54 16.33 -14.05 -32.32
CA GLY C 54 16.46 -12.62 -32.41
C GLY C 54 15.21 -11.90 -32.82
N GLU C 55 14.09 -12.60 -32.96
CA GLU C 55 12.83 -12.05 -33.44
C GLU C 55 12.03 -11.60 -32.24
N ILE C 56 12.30 -10.39 -31.79
CA ILE C 56 11.52 -9.79 -30.71
C ILE C 56 10.06 -9.85 -31.11
N PHE C 57 9.26 -10.56 -30.33
CA PHE C 57 7.86 -10.83 -30.65
C PHE C 57 7.02 -10.17 -29.57
N VAL C 58 6.71 -8.90 -29.78
CA VAL C 58 5.85 -8.19 -28.85
C VAL C 58 4.47 -8.82 -28.83
N ILE C 59 3.77 -8.60 -27.73
CA ILE C 59 2.39 -9.06 -27.58
C ILE C 59 1.57 -7.94 -26.97
N MET C 60 0.72 -7.33 -27.77
CA MET C 60 -0.08 -6.21 -27.30
C MET C 60 -1.42 -6.72 -26.80
N GLY C 61 -2.29 -5.78 -26.45
CA GLY C 61 -3.60 -6.12 -25.95
C GLY C 61 -4.02 -5.20 -24.82
N LEU C 62 -5.28 -5.29 -24.42
CA LEU C 62 -5.80 -4.53 -23.29
C LEU C 62 -5.85 -5.43 -22.06
N SER C 63 -5.88 -4.77 -20.90
CA SER C 63 -5.93 -5.50 -19.65
C SER C 63 -7.13 -6.43 -19.67
N GLY C 64 -6.89 -7.73 -19.72
CA GLY C 64 -7.93 -8.72 -19.91
C GLY C 64 -7.82 -9.49 -21.20
N SER C 65 -7.00 -9.03 -22.15
CA SER C 65 -6.75 -9.81 -23.35
C SER C 65 -6.02 -11.11 -23.06
N GLY C 66 -5.59 -11.32 -21.82
CA GLY C 66 -4.94 -12.56 -21.46
C GLY C 66 -3.62 -12.73 -22.17
N LYS C 67 -2.73 -11.76 -22.00
CA LYS C 67 -1.44 -11.76 -22.67
C LYS C 67 -0.34 -12.27 -21.74
N SER C 68 -0.15 -11.62 -20.59
CA SER C 68 0.79 -12.15 -19.60
C SER C 68 0.52 -13.62 -19.32
N THR C 69 -0.74 -14.03 -19.39
CA THR C 69 -1.08 -15.43 -19.23
C THR C 69 -0.35 -16.28 -20.25
N LEU C 70 -0.31 -15.82 -21.50
CA LEU C 70 0.39 -16.57 -22.53
C LEU C 70 1.85 -16.76 -22.17
N LEU C 71 2.47 -15.73 -21.59
CA LEU C 71 3.85 -15.86 -21.13
C LEU C 71 3.96 -16.93 -20.08
N ARG C 72 3.23 -16.76 -18.98
CA ARG C 72 3.31 -17.71 -17.89
C ARG C 72 2.98 -19.13 -18.36
N LEU C 73 2.29 -19.26 -19.48
CA LEU C 73 2.11 -20.57 -20.09
C LEU C 73 3.38 -21.04 -20.75
N LEU C 74 4.00 -20.18 -21.55
CA LEU C 74 5.25 -20.53 -22.19
C LEU C 74 6.26 -21.01 -21.16
N ASN C 75 6.39 -20.29 -20.06
CA ASN C 75 7.24 -20.74 -18.96
C ASN C 75 6.63 -21.90 -18.20
N ARG C 76 5.35 -22.17 -18.43
CA ARG C 76 4.57 -23.21 -17.77
C ARG C 76 4.30 -22.89 -16.31
N LEU C 77 4.63 -21.68 -15.84
CA LEU C 77 4.17 -21.27 -14.52
C LEU C 77 2.68 -21.54 -14.37
N ILE C 78 1.93 -21.38 -15.44
CA ILE C 78 0.53 -21.78 -15.50
C ILE C 78 0.46 -22.97 -16.44
N GLU C 79 -0.05 -24.08 -15.94
CA GLU C 79 -0.10 -25.28 -16.75
C GLU C 79 -1.11 -25.10 -17.88
N PRO C 80 -0.75 -25.39 -19.12
CA PRO C 80 -1.69 -25.19 -20.22
C PRO C 80 -2.83 -26.20 -20.16
N THR C 81 -4.05 -25.71 -20.38
CA THR C 81 -5.17 -26.63 -20.52
C THR C 81 -4.94 -27.61 -21.65
N SER C 82 -4.27 -27.17 -22.71
CA SER C 82 -4.03 -28.00 -23.88
C SER C 82 -2.99 -27.31 -24.75
N GLY C 83 -2.66 -27.95 -25.86
CA GLY C 83 -1.70 -27.40 -26.80
C GLY C 83 -0.33 -28.01 -26.63
N LYS C 84 0.61 -27.48 -27.41
CA LYS C 84 1.98 -27.95 -27.37
C LYS C 84 2.92 -26.79 -27.63
N ILE C 85 4.16 -26.96 -27.17
CA ILE C 85 5.18 -25.94 -27.30
C ILE C 85 6.50 -26.61 -27.67
N PHE C 86 6.85 -26.56 -28.95
CA PHE C 86 7.98 -27.33 -29.47
C PHE C 86 9.20 -26.43 -29.49
N ILE C 87 9.98 -26.52 -28.42
CA ILE C 87 11.26 -25.81 -28.31
C ILE C 87 12.37 -26.82 -28.47
N ASP C 88 13.34 -26.49 -29.32
CA ASP C 88 14.52 -27.33 -29.51
C ASP C 88 14.11 -28.78 -29.75
N ASN C 89 13.04 -28.97 -30.51
CA ASN C 89 12.49 -30.29 -30.77
C ASN C 89 12.07 -30.97 -29.48
N GLN C 90 11.66 -30.17 -28.49
CA GLN C 90 11.31 -30.68 -27.18
C GLN C 90 10.04 -29.98 -26.71
N ASP C 91 8.94 -30.71 -26.66
CA ASP C 91 7.71 -30.15 -26.11
C ASP C 91 7.95 -29.68 -24.68
N VAL C 92 7.05 -28.82 -24.20
CA VAL C 92 7.18 -28.23 -22.88
C VAL C 92 6.02 -28.56 -21.96
N ALA C 93 4.82 -28.79 -22.49
CA ALA C 93 3.68 -29.14 -21.66
C ALA C 93 3.66 -30.60 -21.28
N THR C 94 4.57 -31.40 -21.83
CA THR C 94 4.65 -32.84 -21.55
C THR C 94 5.97 -33.17 -20.89
N LEU C 95 6.55 -32.23 -20.15
CA LEU C 95 7.80 -32.43 -19.46
C LEU C 95 7.57 -32.70 -17.99
N ASN C 96 8.42 -33.57 -17.43
CA ASN C 96 8.40 -33.82 -16.01
C ASN C 96 8.95 -32.59 -15.27
N LYS C 97 9.07 -32.72 -13.96
CA LYS C 97 9.46 -31.58 -13.14
C LYS C 97 10.92 -31.23 -13.33
N GLU C 98 11.79 -32.24 -13.27
CA GLU C 98 13.22 -32.03 -13.42
C GLU C 98 13.55 -31.27 -14.70
N ASP C 99 13.06 -31.77 -15.83
CA ASP C 99 13.41 -31.16 -17.11
C ASP C 99 12.83 -29.76 -17.22
N LEU C 100 11.62 -29.55 -16.72
CA LEU C 100 11.02 -28.23 -16.74
C LEU C 100 11.87 -27.25 -15.93
N LEU C 101 12.38 -27.69 -14.79
CA LEU C 101 13.22 -26.83 -13.97
C LEU C 101 14.52 -26.52 -14.69
N GLN C 102 15.14 -27.53 -15.28
CA GLN C 102 16.39 -27.28 -16.01
C GLN C 102 16.16 -26.31 -17.14
N VAL C 103 15.04 -26.46 -17.84
CA VAL C 103 14.68 -25.51 -18.90
C VAL C 103 14.59 -24.11 -18.35
N ARG C 104 13.71 -23.91 -17.37
CA ARG C 104 13.58 -22.61 -16.73
C ARG C 104 14.93 -22.06 -16.30
N ARG C 105 15.87 -22.94 -16.00
CA ARG C 105 17.17 -22.49 -15.51
C ARG C 105 18.10 -22.10 -16.65
N LYS C 106 17.97 -22.74 -17.80
CA LYS C 106 18.92 -22.58 -18.89
C LYS C 106 18.38 -21.72 -20.02
N THR C 107 17.18 -22.03 -20.51
CA THR C 107 16.67 -21.40 -21.71
C THR C 107 15.95 -20.10 -21.40
N MET C 108 14.97 -20.15 -20.52
CA MET C 108 14.09 -19.03 -20.28
C MET C 108 14.52 -18.23 -19.06
N SER C 109 13.93 -17.04 -18.94
CA SER C 109 14.10 -16.17 -17.79
C SER C 109 13.12 -15.01 -17.96
N MET C 110 12.55 -14.56 -16.86
CA MET C 110 11.48 -13.59 -16.90
C MET C 110 11.91 -12.24 -16.36
N VAL C 111 11.18 -11.22 -16.77
CA VAL C 111 11.21 -9.90 -16.15
C VAL C 111 9.76 -9.51 -15.87
N PHE C 112 9.55 -8.76 -14.80
CA PHE C 112 8.21 -8.48 -14.32
C PHE C 112 7.96 -6.98 -14.24
N GLN C 113 6.68 -6.65 -14.07
CA GLN C 113 6.27 -5.25 -14.05
C GLN C 113 6.94 -4.51 -12.90
N ASN C 114 6.66 -4.94 -11.67
CA ASN C 114 7.27 -4.35 -10.48
C ASN C 114 8.59 -5.02 -10.13
N PHE C 115 9.25 -5.63 -11.10
CA PHE C 115 10.63 -6.07 -11.08
C PHE C 115 10.86 -7.32 -10.26
N GLY C 116 9.87 -7.82 -9.53
CA GLY C 116 10.02 -9.05 -8.78
C GLY C 116 11.36 -9.17 -8.09
N LEU C 117 11.62 -8.29 -7.12
CA LEU C 117 12.87 -8.27 -6.39
C LEU C 117 12.65 -8.67 -4.95
N PHE C 118 13.61 -9.38 -4.39
CA PHE C 118 13.57 -9.80 -3.00
C PHE C 118 14.12 -8.69 -2.11
N PRO C 119 13.25 -7.91 -1.47
CA PRO C 119 13.76 -6.79 -0.65
C PRO C 119 14.64 -7.24 0.49
N HIS C 120 14.58 -8.51 0.86
CA HIS C 120 15.37 -9.01 1.99
C HIS C 120 16.74 -9.50 1.55
N ARG C 121 17.23 -9.02 0.42
CA ARG C 121 18.53 -9.42 -0.09
C ARG C 121 19.25 -8.18 -0.61
N THR C 122 20.50 -8.39 -1.00
CA THR C 122 21.28 -7.37 -1.66
C THR C 122 21.28 -7.61 -3.16
N ILE C 123 21.27 -6.51 -3.91
CA ILE C 123 21.11 -6.54 -5.36
C ILE C 123 22.00 -7.63 -5.96
N LEU C 124 23.19 -7.80 -5.41
CA LEU C 124 24.05 -8.88 -5.85
C LEU C 124 23.39 -10.23 -5.65
N GLU C 125 22.80 -10.45 -4.48
CA GLU C 125 22.16 -11.73 -4.19
C GLU C 125 20.98 -11.96 -5.10
N ASN C 126 20.16 -10.94 -5.30
CA ASN C 126 19.02 -11.05 -6.21
C ASN C 126 19.49 -11.34 -7.62
N THR C 127 20.66 -10.83 -7.98
CA THR C 127 21.20 -11.05 -9.31
C THR C 127 21.65 -12.49 -9.48
N GLU C 128 22.31 -13.04 -8.47
CA GLU C 128 22.88 -14.37 -8.56
C GLU C 128 21.90 -15.48 -8.21
N TYR C 129 20.72 -15.14 -7.69
CA TYR C 129 19.74 -16.15 -7.32
C TYR C 129 19.56 -17.20 -8.41
N GLY C 130 19.49 -16.75 -9.66
CA GLY C 130 19.23 -17.67 -10.75
C GLY C 130 20.26 -18.78 -10.82
N LEU C 131 21.46 -18.53 -10.32
CA LEU C 131 22.52 -19.53 -10.28
C LEU C 131 22.59 -20.22 -8.92
N GLU C 132 22.42 -19.46 -7.85
CA GLU C 132 22.28 -20.04 -6.53
C GLU C 132 21.37 -21.24 -6.56
N VAL C 133 20.18 -21.09 -7.16
CA VAL C 133 19.25 -22.21 -7.27
C VAL C 133 19.75 -23.29 -8.20
N GLN C 134 20.86 -23.05 -8.90
CA GLN C 134 21.47 -24.06 -9.76
C GLN C 134 22.64 -24.75 -9.09
N ASN C 135 22.89 -24.45 -7.81
CA ASN C 135 23.90 -25.14 -7.02
C ASN C 135 25.27 -25.03 -7.66
N VAL C 136 25.74 -23.79 -7.74
CA VAL C 136 27.04 -23.49 -8.32
C VAL C 136 27.90 -22.75 -7.31
N PRO C 137 29.22 -22.84 -7.40
CA PRO C 137 30.08 -22.16 -6.42
C PRO C 137 29.84 -20.66 -6.43
N LYS C 138 30.16 -20.04 -5.29
CA LYS C 138 29.92 -18.62 -5.10
C LYS C 138 30.87 -17.76 -5.92
N GLU C 139 32.07 -18.26 -6.22
CA GLU C 139 33.03 -17.45 -6.96
C GLU C 139 32.45 -17.00 -8.30
N GLU C 140 32.17 -17.96 -9.19
CA GLU C 140 31.65 -17.61 -10.50
C GLU C 140 30.30 -16.93 -10.41
N ARG C 141 29.51 -17.28 -9.39
CA ARG C 141 28.25 -16.57 -9.17
C ARG C 141 28.50 -15.07 -9.04
N ARG C 142 29.31 -14.69 -8.06
CA ARG C 142 29.63 -13.29 -7.85
C ARG C 142 30.29 -12.67 -9.08
N LYS C 143 31.11 -13.46 -9.78
CA LYS C 143 31.80 -12.93 -10.95
C LYS C 143 30.81 -12.53 -12.04
N ARG C 144 29.97 -13.48 -12.46
CA ARG C 144 28.96 -13.20 -13.46
C ARG C 144 28.05 -12.08 -13.01
N ALA C 145 27.75 -12.02 -11.71
CA ALA C 145 26.90 -10.96 -11.20
C ALA C 145 27.55 -9.60 -11.41
N GLU C 146 28.74 -9.41 -10.85
CA GLU C 146 29.47 -8.17 -11.02
C GLU C 146 29.59 -7.81 -12.48
N LYS C 147 29.81 -8.80 -13.35
CA LYS C 147 29.95 -8.54 -14.76
C LYS C 147 28.66 -7.96 -15.33
N ALA C 148 27.54 -8.66 -15.11
CA ALA C 148 26.26 -8.18 -15.61
C ALA C 148 25.96 -6.79 -15.08
N LEU C 149 26.38 -6.50 -13.86
CA LEU C 149 26.07 -5.19 -13.28
C LEU C 149 26.92 -4.10 -13.91
N ASP C 150 28.21 -4.35 -14.05
CA ASP C 150 29.06 -3.44 -14.81
C ASP C 150 28.49 -3.18 -16.19
N ASN C 151 27.92 -4.22 -16.81
CA ASN C 151 27.26 -4.05 -18.09
C ASN C 151 26.06 -3.12 -18.01
N ALA C 152 25.61 -2.80 -16.81
CA ALA C 152 24.49 -1.89 -16.63
C ALA C 152 24.87 -0.64 -15.85
N ASN C 153 26.15 -0.51 -15.46
CA ASN C 153 26.66 0.74 -14.89
C ASN C 153 25.98 1.07 -13.57
N LEU C 154 25.80 0.05 -12.74
CA LEU C 154 25.26 0.25 -11.40
C LEU C 154 25.93 -0.63 -10.36
N LEU C 155 26.97 -1.38 -10.73
CA LEU C 155 27.62 -2.28 -9.78
C LEU C 155 27.91 -1.58 -8.46
N ASP C 156 28.52 -0.40 -8.52
CA ASP C 156 28.83 0.34 -7.30
C ASP C 156 27.62 0.45 -6.38
N PHE C 157 26.41 0.45 -6.93
CA PHE C 157 25.19 0.47 -6.15
C PHE C 157 24.81 -0.90 -5.61
N LYS C 158 25.68 -1.89 -5.75
CA LYS C 158 25.40 -3.21 -5.23
C LYS C 158 25.53 -3.15 -3.71
N ASP C 159 25.49 -4.32 -3.08
CA ASP C 159 25.55 -4.48 -1.63
C ASP C 159 24.72 -3.40 -0.93
N GLN C 160 23.61 -3.06 -1.56
CA GLN C 160 22.55 -2.22 -1.03
C GLN C 160 21.23 -2.96 -1.17
N TYR C 161 20.14 -2.27 -0.93
CA TYR C 161 18.82 -2.87 -1.06
C TYR C 161 18.00 -2.16 -2.13
N PRO C 162 16.96 -2.82 -2.64
CA PRO C 162 16.17 -2.20 -3.71
C PRO C 162 15.44 -0.94 -3.27
N LYS C 163 14.70 -1.02 -2.16
CA LYS C 163 13.79 0.06 -1.81
C LYS C 163 14.50 1.40 -1.74
N GLN C 164 15.82 1.40 -1.57
CA GLN C 164 16.58 2.63 -1.52
C GLN C 164 17.10 3.06 -2.90
N LEU C 165 16.51 2.54 -3.96
CA LEU C 165 16.92 2.84 -5.32
C LEU C 165 15.76 3.44 -6.11
N SER C 166 15.98 3.60 -7.40
CA SER C 166 14.97 4.09 -8.32
C SER C 166 14.47 2.96 -9.19
N GLY C 167 13.22 3.08 -9.62
CA GLY C 167 12.58 2.08 -10.45
C GLY C 167 13.46 1.61 -11.58
N GLY C 168 14.12 2.55 -12.26
CA GLY C 168 14.97 2.19 -13.38
C GLY C 168 16.09 1.26 -12.96
N MET C 169 16.71 1.55 -11.83
CA MET C 169 17.80 0.70 -11.36
C MET C 169 17.31 -0.69 -11.05
N GLN C 170 16.16 -0.80 -10.39
CA GLN C 170 15.62 -2.12 -10.07
C GLN C 170 15.26 -2.88 -11.34
N GLN C 171 14.78 -2.18 -12.36
CA GLN C 171 14.52 -2.84 -13.64
C GLN C 171 15.80 -3.38 -14.24
N ARG C 172 16.83 -2.54 -14.29
CA ARG C 172 18.13 -3.01 -14.77
C ARG C 172 18.59 -4.22 -13.98
N VAL C 173 18.27 -4.23 -12.69
CA VAL C 173 18.70 -5.31 -11.82
C VAL C 173 18.00 -6.62 -12.20
N GLY C 174 16.68 -6.57 -12.32
CA GLY C 174 15.97 -7.77 -12.73
C GLY C 174 16.42 -8.25 -14.09
N LEU C 175 16.75 -7.31 -14.97
CA LEU C 175 17.22 -7.69 -16.29
C LEU C 175 18.56 -8.41 -16.21
N ALA C 176 19.46 -7.89 -15.38
CA ALA C 176 20.73 -8.56 -15.19
C ALA C 176 20.55 -9.93 -14.55
N ARG C 177 19.62 -10.02 -13.60
CA ARG C 177 19.31 -11.30 -12.99
C ARG C 177 18.88 -12.30 -14.04
N ALA C 178 18.07 -11.85 -14.99
CA ALA C 178 17.61 -12.75 -16.04
C ALA C 178 18.72 -13.09 -17.02
N LEU C 179 19.64 -12.16 -17.25
CA LEU C 179 20.68 -12.36 -18.25
C LEU C 179 21.80 -13.26 -17.74
N ALA C 180 22.10 -13.19 -16.44
CA ALA C 180 23.18 -13.94 -15.84
C ALA C 180 23.22 -15.37 -16.34
N ASN C 181 22.05 -15.97 -16.50
CA ASN C 181 21.95 -17.37 -16.89
C ASN C 181 22.32 -17.59 -18.35
N ASP C 182 22.61 -16.53 -19.10
CA ASP C 182 22.83 -16.62 -20.53
C ASP C 182 21.67 -17.36 -21.18
N PRO C 183 20.43 -16.97 -20.91
CA PRO C 183 19.29 -17.64 -21.53
C PRO C 183 19.19 -17.32 -23.00
N GLU C 184 18.59 -18.26 -23.73
CA GLU C 184 18.26 -18.05 -25.13
C GLU C 184 16.94 -17.34 -25.31
N ILE C 185 16.27 -17.00 -24.22
CA ILE C 185 14.93 -16.44 -24.26
C ILE C 185 14.76 -15.48 -23.11
N LEU C 186 13.86 -14.51 -23.28
CA LEU C 186 13.58 -13.53 -22.25
C LEU C 186 12.10 -13.18 -22.32
N LEU C 187 11.37 -13.58 -21.29
CA LEU C 187 9.97 -13.19 -21.18
C LEU C 187 9.87 -11.90 -20.39
N MET C 188 9.03 -10.99 -20.86
CA MET C 188 8.90 -9.68 -20.27
C MET C 188 7.42 -9.32 -20.20
N ASP C 189 6.97 -8.94 -19.00
CA ASP C 189 5.57 -8.67 -18.73
C ASP C 189 5.45 -7.19 -18.34
N GLU C 190 5.24 -6.34 -19.33
CA GLU C 190 5.08 -4.91 -19.11
C GLU C 190 6.21 -4.37 -18.25
N ALA C 191 7.42 -4.83 -18.52
CA ALA C 191 8.58 -4.45 -17.73
C ALA C 191 8.65 -2.95 -17.53
N PHE C 192 8.79 -2.22 -18.62
CA PHE C 192 9.03 -0.79 -18.58
C PHE C 192 7.76 0.02 -18.33
N SER C 193 6.63 -0.65 -18.11
CA SER C 193 5.37 0.04 -17.88
C SER C 193 5.32 0.76 -16.55
N ALA C 194 6.23 0.45 -15.64
CA ALA C 194 6.26 1.07 -14.33
C ALA C 194 7.21 2.25 -14.24
N LEU C 195 8.00 2.50 -15.27
CA LEU C 195 9.01 3.54 -15.23
C LEU C 195 8.47 4.84 -15.79
N ASP C 196 9.29 5.87 -15.71
CA ASP C 196 8.98 7.11 -16.38
C ASP C 196 9.19 6.96 -17.88
N PRO C 197 8.37 7.63 -18.69
CA PRO C 197 8.50 7.45 -20.14
C PRO C 197 9.89 7.78 -20.65
N LEU C 198 10.59 8.71 -20.00
CA LEU C 198 11.96 9.01 -20.37
C LEU C 198 12.86 7.82 -20.11
N ILE C 199 12.89 7.36 -18.86
CA ILE C 199 13.61 6.14 -18.54
C ILE C 199 13.11 5.00 -19.40
N ARG C 200 11.83 5.05 -19.78
CA ARG C 200 11.28 4.01 -20.63
C ARG C 200 12.00 3.96 -21.96
N ARG C 201 12.15 5.12 -22.61
CA ARG C 201 12.83 5.16 -23.89
C ARG C 201 14.30 4.80 -23.73
N GLU C 202 14.93 5.29 -22.67
CA GLU C 202 16.32 4.95 -22.41
C GLU C 202 16.49 3.45 -22.34
N MET C 203 15.61 2.78 -21.59
CA MET C 203 15.74 1.35 -21.39
C MET C 203 15.40 0.60 -22.67
N GLN C 204 14.45 1.11 -23.45
CA GLN C 204 14.17 0.52 -24.75
C GLN C 204 15.43 0.51 -25.61
N ASP C 205 16.12 1.65 -25.67
CA ASP C 205 17.31 1.73 -26.50
C ASP C 205 18.42 0.85 -25.95
N GLU C 206 18.56 0.78 -24.63
CA GLU C 206 19.55 -0.09 -24.04
C GLU C 206 19.26 -1.54 -24.38
N LEU C 207 17.99 -1.91 -24.34
CA LEU C 207 17.59 -3.27 -24.69
C LEU C 207 17.90 -3.56 -26.15
N LEU C 208 17.66 -2.60 -27.03
CA LEU C 208 17.99 -2.79 -28.43
C LEU C 208 19.49 -2.99 -28.60
N GLU C 209 20.29 -2.18 -27.91
CA GLU C 209 21.73 -2.33 -27.99
C GLU C 209 22.15 -3.73 -27.55
N LEU C 210 21.56 -4.19 -26.44
CA LEU C 210 21.80 -5.54 -25.97
C LEU C 210 21.50 -6.55 -27.05
N GLN C 211 20.26 -6.53 -27.56
CA GLN C 211 19.87 -7.50 -28.57
C GLN C 211 20.80 -7.46 -29.77
N ALA C 212 21.35 -6.28 -30.08
CA ALA C 212 22.35 -6.18 -31.12
C ALA C 212 23.59 -6.99 -30.75
N LYS C 213 24.14 -6.72 -29.56
CA LYS C 213 25.27 -7.51 -29.09
C LYS C 213 24.91 -8.98 -29.04
N PHE C 214 23.92 -9.33 -28.21
CA PHE C 214 23.51 -10.71 -28.01
C PHE C 214 22.19 -10.91 -28.73
N GLN C 215 22.16 -11.85 -29.67
CA GLN C 215 20.96 -12.13 -30.45
C GLN C 215 20.22 -13.28 -29.78
N LYS C 216 19.23 -12.94 -28.98
CA LYS C 216 18.41 -13.92 -28.27
C LYS C 216 16.95 -13.52 -28.35
N THR C 217 16.07 -14.53 -28.44
CA THR C 217 14.66 -14.27 -28.62
C THR C 217 14.06 -13.60 -27.40
N ILE C 218 12.94 -12.92 -27.61
CA ILE C 218 12.27 -12.16 -26.56
C ILE C 218 10.76 -12.14 -26.78
N ILE C 219 10.01 -12.69 -25.83
CA ILE C 219 8.58 -12.35 -25.71
C ILE C 219 8.56 -11.03 -24.94
N PHE C 220 8.18 -9.96 -25.64
CA PHE C 220 7.85 -8.75 -24.94
C PHE C 220 6.34 -8.59 -24.83
N VAL C 221 5.92 -7.80 -23.85
CA VAL C 221 4.52 -7.51 -23.63
C VAL C 221 4.36 -6.05 -23.28
N SER C 222 3.27 -5.46 -23.75
CA SER C 222 2.99 -4.05 -23.46
C SER C 222 1.62 -3.72 -24.02
N HIS C 223 1.01 -2.69 -23.45
CA HIS C 223 -0.25 -2.16 -23.92
C HIS C 223 -0.06 -0.85 -24.68
N ASP C 224 1.18 -0.42 -24.90
CA ASP C 224 1.48 0.82 -25.60
C ASP C 224 2.05 0.47 -26.96
N LEU C 225 1.36 0.93 -28.01
CA LEU C 225 1.75 0.58 -29.36
C LEU C 225 3.12 1.15 -29.72
N ASN C 226 3.48 2.29 -29.14
CA ASN C 226 4.78 2.87 -29.45
C ASN C 226 5.90 2.04 -28.85
N GLU C 227 5.73 1.62 -27.59
CA GLU C 227 6.71 0.75 -26.95
C GLU C 227 7.00 -0.48 -27.79
N ALA C 228 6.05 -0.91 -28.61
CA ALA C 228 6.23 -2.05 -29.48
C ALA C 228 6.84 -1.66 -30.82
N LEU C 229 6.33 -0.59 -31.43
CA LEU C 229 6.83 -0.19 -32.74
C LEU C 229 8.30 0.20 -32.68
N ARG C 230 8.74 0.78 -31.57
CA ARG C 230 10.14 1.18 -31.47
C ARG C 230 11.06 -0.02 -31.65
N ILE C 231 10.68 -1.16 -31.09
CA ILE C 231 11.53 -2.33 -31.01
C ILE C 231 10.95 -3.50 -31.79
N GLY C 232 9.64 -3.69 -31.72
CA GLY C 232 9.00 -4.88 -32.24
C GLY C 232 9.36 -5.17 -33.69
N ASP C 233 9.81 -6.39 -33.93
CA ASP C 233 10.04 -6.86 -35.29
C ASP C 233 8.85 -7.64 -35.84
N ARG C 234 8.07 -8.26 -34.97
CA ARG C 234 6.85 -8.95 -35.41
C ARG C 234 5.86 -8.88 -34.26
N ILE C 235 4.91 -7.95 -34.38
CA ILE C 235 3.94 -7.71 -33.33
C ILE C 235 2.80 -8.72 -33.44
N ALA C 236 2.08 -8.87 -32.32
CA ALA C 236 0.92 -9.74 -32.25
C ALA C 236 -0.11 -9.10 -31.34
N ILE C 237 -1.19 -8.66 -31.92
CA ILE C 237 -2.27 -8.06 -31.16
C ILE C 237 -3.15 -9.16 -30.60
N MET C 238 -3.85 -8.86 -29.52
CA MET C 238 -4.49 -9.88 -28.71
C MET C 238 -5.76 -9.33 -28.10
N LYS C 239 -6.90 -9.94 -28.44
CA LYS C 239 -8.16 -9.76 -27.73
C LYS C 239 -8.71 -11.15 -27.49
N ASP C 240 -8.23 -11.80 -26.41
CA ASP C 240 -8.61 -13.17 -26.10
C ASP C 240 -8.26 -14.11 -27.24
N GLY C 241 -7.47 -13.64 -28.20
CA GLY C 241 -7.13 -14.45 -29.36
C GLY C 241 -6.22 -13.65 -30.28
N LYS C 242 -5.57 -14.37 -31.18
CA LYS C 242 -4.62 -13.76 -32.11
C LYS C 242 -5.41 -13.09 -33.21
N ILE C 243 -5.79 -11.84 -32.96
CA ILE C 243 -6.48 -11.05 -33.98
C ILE C 243 -5.57 -10.86 -35.17
N MET C 244 -4.32 -10.52 -34.89
CA MET C 244 -3.32 -10.30 -35.94
C MET C 244 -1.95 -10.53 -35.34
N GLN C 245 -1.14 -11.33 -36.01
CA GLN C 245 0.20 -11.64 -35.52
C GLN C 245 1.26 -11.58 -36.60
N ILE C 246 0.84 -11.22 -37.81
CA ILE C 246 1.76 -11.14 -38.95
C ILE C 246 2.98 -10.27 -38.64
N GLY C 247 2.81 -9.32 -37.73
CA GLY C 247 3.89 -8.43 -37.36
C GLY C 247 4.21 -7.51 -38.50
N THR C 248 5.50 -7.33 -38.77
CA THR C 248 5.98 -6.43 -39.81
C THR C 248 5.87 -4.98 -39.37
N GLY C 249 5.25 -4.75 -38.21
CA GLY C 249 5.11 -3.40 -37.70
C GLY C 249 4.07 -2.61 -38.46
N GLU C 250 4.16 -2.60 -39.79
CA GLU C 250 3.29 -1.81 -40.64
C GLU C 250 2.09 -2.59 -41.14
N GLU C 251 2.28 -3.86 -41.50
CA GLU C 251 1.16 -4.67 -41.96
C GLU C 251 -0.03 -4.55 -41.03
N ILE C 252 0.24 -4.36 -39.75
CA ILE C 252 -0.84 -4.09 -38.80
C ILE C 252 -1.52 -2.79 -39.15
N LEU C 253 -0.74 -1.81 -39.61
CA LEU C 253 -1.26 -0.54 -40.05
C LEU C 253 -1.55 -0.50 -41.55
N THR C 254 -0.82 -1.29 -42.32
CA THR C 254 -1.00 -1.32 -43.76
C THR C 254 -2.24 -2.11 -44.13
N ASN C 255 -2.32 -3.36 -43.69
CA ASN C 255 -3.43 -4.25 -43.99
C ASN C 255 -4.02 -4.79 -42.69
N PRO C 256 -4.55 -3.93 -41.85
CA PRO C 256 -5.24 -4.41 -40.64
C PRO C 256 -6.44 -5.24 -41.00
N ALA C 257 -6.35 -6.55 -40.76
CA ALA C 257 -7.41 -7.46 -41.17
C ALA C 257 -8.75 -7.15 -40.50
N ASN C 258 -8.75 -6.98 -39.18
CA ASN C 258 -10.00 -6.81 -38.47
C ASN C 258 -10.29 -5.32 -38.29
N ASP C 259 -11.51 -5.04 -37.86
CA ASP C 259 -11.96 -3.67 -37.64
C ASP C 259 -11.65 -3.17 -36.24
N TYR C 260 -11.13 -4.02 -35.36
CA TYR C 260 -10.84 -3.63 -33.99
C TYR C 260 -9.40 -3.18 -33.83
N VAL C 261 -8.49 -3.74 -34.64
CA VAL C 261 -7.12 -3.25 -34.64
C VAL C 261 -7.08 -1.80 -35.06
N LYS C 262 -7.90 -1.45 -36.05
CA LYS C 262 -7.88 -0.09 -36.59
C LYS C 262 -8.36 0.92 -35.58
N THR C 263 -9.22 0.52 -34.64
CA THR C 263 -9.57 1.40 -33.54
C THR C 263 -8.55 1.30 -32.42
N PHE C 264 -7.79 0.21 -32.38
CA PHE C 264 -6.71 0.11 -31.42
C PHE C 264 -5.56 1.02 -31.79
N VAL C 265 -5.15 0.99 -33.07
CA VAL C 265 -4.08 1.85 -33.55
C VAL C 265 -4.55 3.26 -33.85
N GLU C 266 -5.86 3.49 -33.89
CA GLU C 266 -6.42 4.81 -34.14
C GLU C 266 -5.97 5.33 -35.51
N ASP C 267 -6.35 4.57 -36.53
CA ASP C 267 -6.15 4.75 -37.97
C ASP C 267 -6.72 5.96 -38.71
N THR C 275 -12.65 14.39 -39.76
CA THR C 275 -11.77 14.86 -40.82
C THR C 275 -11.17 16.22 -40.47
N ALA C 276 -11.75 16.87 -39.47
CA ALA C 276 -11.45 18.19 -38.92
C ALA C 276 -10.03 18.23 -38.37
N GLU C 277 -9.60 19.43 -38.00
CA GLU C 277 -8.24 19.66 -37.52
C GLU C 277 -8.17 19.46 -36.00
N ASN C 278 -8.53 18.26 -35.58
CA ASN C 278 -8.39 17.86 -34.19
C ASN C 278 -6.96 17.52 -33.84
N ILE C 279 -6.04 17.62 -34.80
CA ILE C 279 -4.66 17.23 -34.57
C ILE C 279 -3.87 18.30 -33.84
N MET C 280 -4.48 19.45 -33.55
CA MET C 280 -3.79 20.48 -32.79
C MET C 280 -3.20 19.86 -31.53
N ILE C 281 -1.92 20.13 -31.30
CA ILE C 281 -1.18 19.50 -30.21
C ILE C 281 -0.93 20.52 -29.12
N PRO C 282 -0.67 20.09 -27.89
CA PRO C 282 -0.33 21.06 -26.84
C PRO C 282 0.86 21.90 -27.26
N ALA C 283 0.81 23.17 -26.90
CA ALA C 283 1.81 24.14 -27.31
C ALA C 283 2.71 24.50 -26.16
N LEU C 284 3.83 25.14 -26.50
CA LEU C 284 4.83 25.57 -25.54
C LEU C 284 4.77 27.08 -25.45
N THR C 285 4.38 27.59 -24.30
CA THR C 285 4.05 28.98 -24.14
C THR C 285 5.14 29.72 -23.38
N THR C 286 5.05 31.05 -23.43
CA THR C 286 6.02 31.93 -22.79
C THR C 286 5.32 33.25 -22.52
N ASN C 287 4.91 33.47 -21.27
CA ASN C 287 4.16 34.66 -20.93
C ASN C 287 5.09 35.86 -20.86
N ILE C 288 5.27 36.53 -22.00
CA ILE C 288 6.21 37.63 -22.10
C ILE C 288 6.00 38.65 -21.00
N ASP C 289 4.75 38.85 -20.60
CA ASP C 289 4.44 39.90 -19.63
C ASP C 289 5.19 39.72 -18.32
N VAL C 290 5.66 38.52 -18.03
CA VAL C 290 6.32 38.24 -16.77
C VAL C 290 7.70 37.64 -17.00
N ASP C 291 7.77 36.61 -17.84
CA ASP C 291 9.01 35.90 -18.04
C ASP C 291 9.94 36.66 -18.97
N GLY C 292 11.18 36.21 -19.05
CA GLY C 292 12.19 36.88 -19.81
C GLY C 292 12.97 35.96 -20.72
N PRO C 293 13.97 36.51 -21.39
CA PRO C 293 14.73 35.73 -22.38
C PRO C 293 15.42 34.53 -21.77
N SER C 294 16.07 34.72 -20.62
CA SER C 294 16.73 33.60 -19.96
C SER C 294 15.74 32.49 -19.65
N VAL C 295 14.56 32.86 -19.19
CA VAL C 295 13.53 31.88 -18.88
C VAL C 295 13.09 31.15 -20.14
N ALA C 296 12.85 31.91 -21.21
CA ALA C 296 12.45 31.29 -22.47
C ALA C 296 13.52 30.33 -22.95
N LEU C 297 14.80 30.65 -22.71
CA LEU C 297 15.87 29.77 -23.13
C LEU C 297 15.89 28.50 -22.30
N LYS C 298 15.70 28.64 -20.99
CA LYS C 298 15.58 27.46 -20.15
C LYS C 298 14.46 26.56 -20.63
N LYS C 299 13.33 27.16 -21.00
CA LYS C 299 12.21 26.36 -21.48
C LYS C 299 12.54 25.69 -22.80
N MET C 300 13.13 26.43 -23.73
CA MET C 300 13.56 25.82 -24.99
C MET C 300 14.46 24.63 -24.72
N LYS C 301 15.31 24.74 -23.70
CA LYS C 301 16.23 23.66 -23.38
C LYS C 301 15.48 22.46 -22.84
N THR C 302 14.60 22.68 -21.87
CA THR C 302 13.91 21.56 -21.24
C THR C 302 12.98 20.88 -22.22
N GLU C 303 12.08 21.64 -22.85
CA GLU C 303 11.22 21.09 -23.87
C GLU C 303 11.98 20.56 -25.07
N GLU C 304 13.26 20.89 -25.17
CA GLU C 304 14.10 20.39 -26.25
C GLU C 304 13.55 20.84 -27.61
N VAL C 305 13.51 22.15 -27.78
CA VAL C 305 13.07 22.79 -29.01
C VAL C 305 13.93 24.02 -29.25
N SER C 306 13.68 24.69 -30.38
CA SER C 306 14.45 25.86 -30.78
C SER C 306 13.65 27.15 -30.76
N SER C 307 12.33 27.09 -30.64
CA SER C 307 11.48 28.26 -30.66
C SER C 307 10.35 28.06 -29.66
N LEU C 308 9.47 29.04 -29.57
CA LEU C 308 8.38 28.98 -28.62
C LEU C 308 7.25 29.89 -29.09
N MET C 309 6.10 29.71 -28.47
CA MET C 309 4.95 30.57 -28.69
C MET C 309 4.84 31.59 -27.57
N ALA C 310 4.37 32.78 -27.91
CA ALA C 310 4.30 33.89 -26.98
C ALA C 310 2.85 34.27 -26.75
N VAL C 311 2.48 34.43 -25.49
CA VAL C 311 1.13 34.80 -25.12
C VAL C 311 1.15 36.04 -24.24
N ASP C 312 -0.02 36.47 -23.81
CA ASP C 312 -0.18 37.56 -22.87
C ASP C 312 -0.49 37.00 -21.49
N LYS C 313 -0.27 37.84 -20.48
CA LYS C 313 -0.61 37.45 -19.12
C LYS C 313 -2.05 36.99 -18.99
N LYS C 314 -2.92 37.42 -19.91
CA LYS C 314 -4.32 37.02 -19.91
C LYS C 314 -4.56 35.87 -20.89
N ARG C 315 -3.54 35.09 -21.20
CA ARG C 315 -3.64 33.93 -22.07
C ARG C 315 -4.01 34.31 -23.50
N GLN C 316 -3.93 35.58 -23.86
CA GLN C 316 -4.23 36.02 -25.21
C GLN C 316 -3.00 35.83 -26.08
N PHE C 317 -3.18 35.14 -27.21
CA PHE C 317 -2.06 34.92 -28.11
C PHE C 317 -1.44 36.24 -28.51
N ARG C 318 -0.12 36.24 -28.64
CA ARG C 318 0.61 37.45 -29.00
C ARG C 318 1.55 37.26 -30.17
N GLY C 319 2.18 36.09 -30.28
CA GLY C 319 3.10 35.87 -31.38
C GLY C 319 4.02 34.68 -31.18
N VAL C 320 5.29 34.86 -31.54
CA VAL C 320 6.26 33.77 -31.53
C VAL C 320 7.61 34.32 -31.11
N VAL C 321 8.44 33.43 -30.57
CA VAL C 321 9.80 33.76 -30.17
C VAL C 321 10.73 32.73 -30.78
N THR C 322 12.00 33.13 -30.91
CA THR C 322 13.04 32.24 -31.41
C THR C 322 14.23 32.29 -30.46
N SER C 323 14.99 31.19 -30.49
CA SER C 323 16.19 31.12 -29.66
C SER C 323 17.12 32.30 -29.93
N GLU C 324 17.37 32.60 -31.20
CA GLU C 324 18.30 33.67 -31.53
C GLU C 324 17.73 35.02 -31.11
N GLN C 325 16.43 35.22 -31.30
CA GLN C 325 15.81 36.46 -30.85
C GLN C 325 15.99 36.63 -29.35
N ALA C 326 15.84 35.54 -28.60
CA ALA C 326 16.00 35.61 -27.15
C ALA C 326 17.43 35.92 -26.77
N ILE C 327 18.39 35.26 -27.43
CA ILE C 327 19.79 35.50 -27.12
C ILE C 327 20.14 36.95 -27.42
N ALA C 328 19.57 37.51 -28.49
CA ALA C 328 19.85 38.89 -28.85
C ALA C 328 19.24 39.84 -27.82
N ALA C 329 18.00 39.58 -27.41
CA ALA C 329 17.38 40.40 -26.38
C ALA C 329 18.16 40.32 -25.08
N ARG C 330 18.79 39.18 -24.82
CA ARG C 330 19.57 39.02 -23.60
C ARG C 330 20.86 39.81 -23.66
N LYS C 331 21.65 39.60 -24.72
CA LYS C 331 22.88 40.35 -24.88
C LYS C 331 22.59 41.86 -24.85
N ASN C 332 21.63 42.30 -25.65
CA ASN C 332 21.20 43.69 -25.64
C ASN C 332 20.51 44.07 -24.34
N ASN C 333 20.18 43.09 -23.49
CA ASN C 333 19.44 43.31 -22.25
C ASN C 333 18.01 43.74 -22.53
N GLN C 334 17.56 43.71 -23.77
CA GLN C 334 16.23 44.14 -24.11
C GLN C 334 15.21 43.12 -23.65
N PRO C 335 13.96 43.53 -23.48
CA PRO C 335 12.90 42.60 -23.08
C PRO C 335 12.18 42.02 -24.29
N LEU C 336 11.28 41.11 -24.01
CA LEU C 336 10.41 40.55 -25.02
C LEU C 336 9.33 41.58 -25.34
N LYS C 337 8.35 41.18 -26.16
CA LYS C 337 7.26 42.05 -26.58
C LYS C 337 7.75 43.05 -27.62
N ASP C 338 9.05 43.08 -27.84
CA ASP C 338 9.66 43.89 -28.89
C ASP C 338 10.49 43.06 -29.84
N VAL C 339 11.26 42.11 -29.31
CA VAL C 339 12.02 41.17 -30.13
C VAL C 339 11.15 39.93 -30.26
N MET C 340 10.25 39.96 -31.25
CA MET C 340 9.28 38.90 -31.44
C MET C 340 8.91 38.85 -32.91
N THR C 341 7.99 37.95 -33.24
CA THR C 341 7.45 37.84 -34.60
C THR C 341 5.93 37.76 -34.47
N THR C 342 5.29 38.94 -34.39
CA THR C 342 3.84 38.97 -34.38
C THR C 342 3.27 38.56 -35.73
N ASP C 343 4.02 38.82 -36.80
CA ASP C 343 3.65 38.31 -38.11
C ASP C 343 3.77 36.79 -38.12
N VAL C 344 2.62 36.12 -38.18
CA VAL C 344 2.60 34.67 -38.18
C VAL C 344 1.37 34.14 -38.91
N GLY C 345 1.44 32.89 -39.35
CA GLY C 345 0.33 32.27 -40.05
C GLY C 345 -0.67 31.66 -39.08
N THR C 346 -1.01 32.40 -38.04
CA THR C 346 -1.96 31.93 -37.03
C THR C 346 -3.27 31.48 -37.67
N VAL C 347 -3.79 30.35 -37.22
CA VAL C 347 -5.03 29.82 -37.78
C VAL C 347 -6.10 29.53 -36.73
N SER C 348 -7.31 29.23 -37.21
CA SER C 348 -8.46 28.92 -36.39
C SER C 348 -8.65 27.41 -36.28
N LYS C 349 -9.47 27.02 -35.31
CA LYS C 349 -9.55 25.61 -34.93
C LYS C 349 -10.10 24.76 -36.06
N GLU C 350 -11.20 25.20 -36.67
CA GLU C 350 -11.86 24.33 -37.68
C GLU C 350 -11.62 24.86 -39.10
N MET C 351 -10.80 24.14 -39.87
CA MET C 351 -10.55 24.52 -41.29
C MET C 351 -10.31 23.24 -42.08
N LEU C 352 -9.88 23.34 -43.34
CA LEU C 352 -9.63 22.14 -44.20
C LEU C 352 -8.20 21.63 -43.95
N VAL C 353 -7.90 20.43 -44.43
CA VAL C 353 -6.51 19.87 -44.30
C VAL C 353 -5.64 20.51 -45.38
N ARG C 354 -6.27 21.06 -46.41
CA ARG C 354 -5.50 21.76 -47.49
C ARG C 354 -5.78 23.26 -47.40
N ASP C 355 -6.16 23.74 -46.21
CA ASP C 355 -6.45 25.19 -46.03
C ASP C 355 -5.16 25.98 -46.10
N ILE C 356 -4.29 25.85 -45.09
CA ILE C 356 -3.04 26.67 -45.05
C ILE C 356 -1.95 25.97 -45.84
N LEU C 357 -2.33 25.14 -46.82
CA LEU C 357 -1.34 24.45 -47.67
C LEU C 357 -0.29 25.43 -48.23
N PRO C 358 -0.60 26.59 -48.86
CA PRO C 358 0.46 27.46 -49.39
C PRO C 358 1.34 28.17 -48.35
N ILE C 359 0.92 28.23 -47.07
CA ILE C 359 1.67 29.01 -46.11
C ILE C 359 2.45 28.11 -45.17
N ILE C 360 1.93 26.91 -44.90
CA ILE C 360 2.60 25.99 -44.00
C ILE C 360 4.06 25.81 -44.38
N TYR C 361 4.40 25.99 -45.65
CA TYR C 361 5.78 25.87 -46.10
C TYR C 361 6.57 27.14 -45.90
N ASP C 362 5.92 28.30 -46.02
CA ASP C 362 6.60 29.57 -45.81
C ASP C 362 7.08 29.66 -44.36
N ALA C 363 6.15 29.55 -43.43
CA ALA C 363 6.48 29.64 -42.02
C ALA C 363 7.20 28.38 -41.56
N PRO C 364 8.51 28.43 -41.29
CA PRO C 364 9.16 27.24 -40.73
C PRO C 364 8.57 26.86 -39.39
N THR C 365 8.14 27.85 -38.61
CA THR C 365 7.49 27.60 -37.35
C THR C 365 6.05 27.14 -37.59
N PRO C 366 5.48 26.44 -36.62
CA PRO C 366 4.09 25.99 -36.79
C PRO C 366 3.10 27.14 -36.89
N LEU C 367 1.84 26.80 -37.08
CA LEU C 367 0.77 27.77 -37.27
C LEU C 367 -0.22 27.59 -36.13
N ALA C 368 -0.05 28.39 -35.09
CA ALA C 368 -0.86 28.25 -33.89
C ALA C 368 -2.34 28.32 -34.22
N VAL C 369 -3.11 27.43 -33.61
CA VAL C 369 -4.57 27.45 -33.76
C VAL C 369 -5.10 28.29 -32.61
N VAL C 370 -5.18 29.59 -32.86
CA VAL C 370 -5.63 30.54 -31.85
C VAL C 370 -7.15 30.54 -31.83
N ASP C 371 -7.72 30.49 -30.63
CA ASP C 371 -9.16 30.60 -30.46
C ASP C 371 -9.66 31.90 -31.08
N ASP C 372 -10.95 31.94 -31.41
CA ASP C 372 -11.52 33.14 -32.00
C ASP C 372 -11.27 34.37 -31.15
N ASN C 373 -11.27 34.21 -29.83
CA ASN C 373 -11.20 35.32 -28.90
C ASN C 373 -9.78 35.61 -28.44
N GLY C 374 -8.77 35.19 -29.20
CA GLY C 374 -7.39 35.42 -28.87
C GLY C 374 -6.74 34.27 -28.12
N PHE C 375 -7.54 33.40 -27.51
CA PHE C 375 -6.98 32.28 -26.76
C PHE C 375 -6.30 31.30 -27.71
N LEU C 376 -5.45 30.46 -27.13
CA LEU C 376 -4.66 29.49 -27.87
C LEU C 376 -4.98 28.08 -27.42
N LYS C 377 -4.94 27.14 -28.36
CA LYS C 377 -5.18 25.73 -28.08
C LYS C 377 -3.97 24.86 -28.40
N GLY C 378 -3.42 24.99 -29.60
CA GLY C 378 -2.34 24.12 -30.00
C GLY C 378 -1.63 24.63 -31.23
N VAL C 379 -0.90 23.73 -31.89
CA VAL C 379 -0.10 24.09 -33.04
C VAL C 379 -0.12 22.98 -34.07
N LEU C 380 0.59 23.18 -35.19
CA LEU C 380 0.61 22.25 -36.30
C LEU C 380 2.02 22.19 -36.88
N ILE C 381 2.61 21.01 -36.87
CA ILE C 381 3.94 20.79 -37.44
C ILE C 381 3.86 19.59 -38.37
N ARG C 382 3.50 19.83 -39.62
CA ARG C 382 3.59 18.83 -40.68
C ARG C 382 2.74 17.59 -40.39
N GLY C 383 1.97 17.59 -39.29
CA GLY C 383 0.97 16.57 -39.12
C GLY C 383 -0.26 16.80 -39.94
N SER C 384 -0.36 17.97 -40.56
CA SER C 384 -1.43 18.24 -41.49
C SER C 384 -1.19 17.56 -42.83
N VAL C 385 0.08 17.49 -43.24
CA VAL C 385 0.43 16.84 -44.49
C VAL C 385 -0.11 15.42 -44.51
N LEU C 386 0.08 14.70 -43.41
CA LEU C 386 -0.28 13.30 -43.35
C LEU C 386 -1.71 13.07 -43.81
N GLU C 387 -2.67 13.65 -43.09
CA GLU C 387 -4.08 13.46 -43.41
C GLU C 387 -4.50 14.24 -44.64
N ALA C 388 -3.74 15.27 -45.03
CA ALA C 388 -4.06 16.00 -46.25
C ALA C 388 -3.85 15.12 -47.47
N LEU C 389 -2.78 14.35 -47.47
CA LEU C 389 -2.51 13.43 -48.58
C LEU C 389 -3.28 12.13 -48.46
N ALA C 390 -3.98 11.91 -47.34
CA ALA C 390 -4.76 10.70 -47.18
C ALA C 390 -5.90 10.62 -48.19
N ASP C 391 -6.19 11.74 -48.87
CA ASP C 391 -7.25 11.77 -49.87
C ASP C 391 -6.83 11.47 -51.31
N VAL D 3 -0.47 43.99 -2.08
CA VAL D 3 -0.04 43.12 -1.00
C VAL D 3 -1.25 42.51 -0.30
N LYS D 4 -1.14 41.21 -0.03
CA LYS D 4 -2.17 40.50 0.72
C LYS D 4 -1.64 39.90 2.02
N ILE D 5 -0.54 39.17 1.95
CA ILE D 5 0.02 38.50 3.11
C ILE D 5 1.31 39.18 3.50
N LYS D 6 1.69 39.01 4.77
CA LYS D 6 2.92 39.58 5.28
C LYS D 6 3.39 38.71 6.43
N ILE D 7 4.67 38.34 6.41
CA ILE D 7 5.24 37.42 7.39
C ILE D 7 6.36 38.10 8.13
N GLU D 8 6.59 37.66 9.37
CA GLU D 8 7.54 38.33 10.25
C GLU D 8 8.19 37.28 11.14
N HIS D 9 9.47 36.99 10.87
CA HIS D 9 10.29 36.14 11.72
C HIS D 9 9.61 34.83 12.04
N LEU D 10 8.69 34.41 11.18
CA LEU D 10 8.00 33.15 11.37
C LEU D 10 9.00 31.99 11.39
N THR D 11 8.64 30.94 12.10
CA THR D 11 9.47 29.75 12.18
C THR D 11 8.69 28.67 12.91
N LYS D 12 9.23 27.45 12.84
CA LYS D 12 8.61 26.30 13.46
C LYS D 12 9.71 25.33 13.87
N ILE D 13 9.58 24.76 15.06
CA ILE D 13 10.57 23.87 15.64
C ILE D 13 9.86 22.63 16.14
N PHE D 14 10.45 21.47 15.90
CA PHE D 14 9.88 20.20 16.33
C PHE D 14 10.70 19.66 17.50
N GLY D 15 10.35 18.46 17.96
CA GLY D 15 11.01 17.91 19.11
C GLY D 15 10.58 18.63 20.38
N LYS D 16 11.43 18.53 21.39
CA LYS D 16 11.22 19.15 22.69
C LYS D 16 12.30 20.19 22.93
N ARG D 17 12.28 20.77 24.13
CA ARG D 17 13.23 21.82 24.51
C ARG D 17 13.33 22.85 23.40
N ILE D 18 12.21 23.51 23.15
CA ILE D 18 12.09 24.40 22.00
C ILE D 18 12.33 25.86 22.35
N LYS D 19 12.23 26.23 23.63
CA LYS D 19 12.55 27.60 24.03
C LYS D 19 14.02 27.90 23.77
N THR D 20 14.90 26.96 24.10
CA THR D 20 16.31 27.13 23.81
C THR D 20 16.55 27.29 22.32
N ALA D 21 15.86 26.49 21.50
CA ALA D 21 16.02 26.60 20.06
C ALA D 21 15.51 27.94 19.55
N LEU D 22 14.44 28.43 20.18
CA LEU D 22 13.88 29.71 19.81
C LEU D 22 14.95 30.77 20.06
N THR D 23 15.46 30.79 21.28
CA THR D 23 16.49 31.75 21.63
C THR D 23 17.69 31.63 20.71
N MET D 24 18.01 30.40 20.29
CA MET D 24 19.14 30.18 19.40
C MET D 24 18.90 30.88 18.07
N VAL D 25 17.76 30.59 17.44
CA VAL D 25 17.45 31.21 16.16
C VAL D 25 17.29 32.72 16.30
N GLU D 26 16.93 33.19 17.49
CA GLU D 26 16.88 34.62 17.74
C GLU D 26 18.24 35.27 17.60
N LYS D 27 19.31 34.48 17.54
CA LYS D 27 20.66 34.98 17.38
C LYS D 27 21.32 34.59 16.08
N GLY D 28 20.85 33.53 15.44
CA GLY D 28 21.43 33.05 14.21
C GLY D 28 22.09 31.69 14.30
N GLU D 29 21.71 30.86 15.26
CA GLU D 29 22.33 29.55 15.39
C GLU D 29 21.96 28.68 14.20
N PRO D 30 22.94 28.16 13.46
CA PRO D 30 22.62 27.24 12.36
C PRO D 30 21.74 26.08 12.80
N LYS D 31 21.11 25.42 11.82
CA LYS D 31 20.17 24.36 12.13
C LYS D 31 20.88 23.12 12.65
N ASN D 32 21.99 22.73 12.02
CA ASN D 32 22.70 21.54 12.44
C ASN D 32 23.14 21.64 13.89
N GLU D 33 23.70 22.78 14.28
CA GLU D 33 24.18 22.95 15.66
C GLU D 33 23.00 22.91 16.64
N ILE D 34 21.92 23.60 16.30
CA ILE D 34 20.73 23.54 17.15
C ILE D 34 20.32 22.09 17.36
N LEU D 35 20.31 21.32 16.27
CA LEU D 35 19.94 19.91 16.35
C LEU D 35 20.87 19.17 17.31
N LYS D 36 22.18 19.27 17.07
CA LYS D 36 23.13 18.53 17.89
C LYS D 36 23.02 18.91 19.36
N LYS D 37 22.72 20.17 19.64
CA LYS D 37 22.72 20.66 21.01
C LYS D 37 21.41 20.40 21.73
N THR D 38 20.31 20.26 20.99
CA THR D 38 19.00 20.11 21.59
C THR D 38 18.18 18.96 21.03
N GLY D 39 18.49 18.47 19.84
CA GLY D 39 17.68 17.42 19.24
C GLY D 39 16.28 17.88 18.90
N ALA D 40 16.11 19.17 18.60
CA ALA D 40 14.82 19.74 18.24
C ALA D 40 14.92 20.14 16.78
N THR D 41 14.62 19.18 15.90
CA THR D 41 14.73 19.43 14.47
C THR D 41 13.85 20.61 14.07
N VAL D 42 14.41 21.49 13.25
CA VAL D 42 13.72 22.68 12.79
C VAL D 42 13.28 22.46 11.35
N GLY D 43 12.10 22.95 11.01
CA GLY D 43 11.60 22.88 9.65
C GLY D 43 11.59 24.25 8.99
N VAL D 44 11.55 25.29 9.81
CA VAL D 44 11.50 26.67 9.32
C VAL D 44 12.39 27.54 10.19
N TYR D 45 12.95 28.58 9.59
CA TYR D 45 14.01 29.34 10.24
C TYR D 45 13.92 30.79 9.81
N ASP D 46 13.48 31.65 10.74
CA ASP D 46 13.48 33.10 10.55
C ASP D 46 13.03 33.49 9.15
N THR D 47 11.82 33.07 8.81
CA THR D 47 11.28 33.31 7.48
C THR D 47 10.54 34.64 7.48
N ASN D 48 10.94 35.52 6.56
CA ASN D 48 10.33 36.83 6.43
C ASN D 48 10.11 37.13 4.96
N PHE D 49 8.85 37.36 4.59
CA PHE D 49 8.52 37.82 3.25
C PHE D 49 7.05 38.24 3.24
N GLU D 50 6.58 38.63 2.06
CA GLU D 50 5.21 39.06 1.88
C GLU D 50 4.69 38.52 0.55
N ILE D 51 3.43 38.80 0.27
CA ILE D 51 2.79 38.33 -0.95
C ILE D 51 1.73 39.34 -1.36
N ASN D 52 1.46 39.40 -2.66
CA ASN D 52 0.46 40.28 -3.23
C ASN D 52 -0.64 39.46 -3.89
N GLU D 53 -1.63 40.17 -4.43
CA GLU D 53 -2.80 39.53 -4.99
C GLU D 53 -2.56 39.12 -6.43
N GLY D 54 -3.14 37.98 -6.81
CA GLY D 54 -2.86 37.38 -8.09
C GLY D 54 -1.40 37.01 -8.27
N GLU D 55 -0.58 37.15 -7.23
CA GLU D 55 0.85 36.92 -7.31
C GLU D 55 1.10 35.48 -6.91
N ILE D 56 1.00 34.58 -7.89
CA ILE D 56 1.32 33.18 -7.67
C ILE D 56 2.73 33.13 -7.10
N PHE D 57 2.87 32.60 -5.89
CA PHE D 57 4.13 32.59 -5.17
C PHE D 57 4.53 31.14 -4.97
N VAL D 58 5.23 30.60 -5.96
CA VAL D 58 5.72 29.24 -5.84
C VAL D 58 6.71 29.14 -4.70
N ILE D 59 6.88 27.92 -4.20
CA ILE D 59 7.85 27.64 -3.16
C ILE D 59 8.56 26.35 -3.51
N MET D 60 9.81 26.46 -3.92
CA MET D 60 10.58 25.30 -4.32
C MET D 60 11.36 24.75 -3.13
N GLY D 61 12.19 23.75 -3.41
CA GLY D 61 12.99 23.12 -2.37
C GLY D 61 13.07 21.63 -2.57
N LEU D 62 13.93 20.99 -1.79
CA LEU D 62 14.05 19.54 -1.81
C LEU D 62 13.30 18.95 -0.63
N SER D 63 12.97 17.67 -0.75
CA SER D 63 12.25 16.99 0.31
C SER D 63 13.04 17.12 1.60
N GLY D 64 12.51 17.88 2.55
CA GLY D 64 13.22 18.21 3.77
C GLY D 64 13.52 19.68 3.91
N SER D 65 13.37 20.47 2.85
CA SER D 65 13.51 21.92 2.97
C SER D 65 12.40 22.53 3.81
N GLY D 66 11.41 21.74 4.23
CA GLY D 66 10.36 22.24 5.09
C GLY D 66 9.53 23.29 4.41
N LYS D 67 8.95 22.93 3.27
CA LYS D 67 8.15 23.84 2.48
C LYS D 67 6.66 23.66 2.72
N SER D 68 6.15 22.44 2.50
CA SER D 68 4.77 22.16 2.86
C SER D 68 4.47 22.58 4.29
N THR D 69 5.47 22.47 5.17
CA THR D 69 5.31 22.94 6.53
C THR D 69 4.93 24.41 6.56
N LEU D 70 5.58 25.21 5.73
CA LEU D 70 5.27 26.63 5.69
C LEU D 70 3.80 26.84 5.32
N LEU D 71 3.29 26.03 4.40
CA LEU D 71 1.89 26.12 4.05
C LEU D 71 1.01 25.82 5.25
N ARG D 72 1.19 24.63 5.81
CA ARG D 72 0.37 24.23 6.95
C ARG D 72 0.49 25.21 8.10
N LEU D 73 1.55 26.01 8.12
CA LEU D 73 1.63 27.09 9.08
C LEU D 73 0.73 28.24 8.68
N LEU D 74 0.80 28.64 7.41
CA LEU D 74 -0.08 29.70 6.94
C LEU D 74 -1.53 29.38 7.23
N ASN D 75 -1.95 28.15 6.96
CA ASN D 75 -3.29 27.73 7.34
C ASN D 75 -3.42 27.49 8.84
N ARG D 76 -2.29 27.46 9.54
CA ARG D 76 -2.22 27.20 10.97
C ARG D 76 -2.56 25.76 11.33
N LEU D 77 -2.74 24.88 10.35
CA LEU D 77 -2.83 23.45 10.66
C LEU D 77 -1.72 23.04 11.60
N ILE D 78 -0.54 23.62 11.43
CA ILE D 78 0.56 23.48 12.37
C ILE D 78 0.74 24.81 13.06
N GLU D 79 0.66 24.81 14.37
CA GLU D 79 0.75 26.05 15.11
C GLU D 79 2.17 26.59 15.01
N PRO D 80 2.35 27.86 14.66
CA PRO D 80 3.71 28.41 14.55
C PRO D 80 4.37 28.53 15.91
N THR D 81 5.64 28.11 15.97
CA THR D 81 6.41 28.35 17.17
C THR D 81 6.49 29.84 17.50
N SER D 82 6.51 30.68 16.47
CA SER D 82 6.61 32.13 16.64
C SER D 82 6.31 32.79 15.31
N GLY D 83 6.36 34.11 15.31
CA GLY D 83 6.12 34.88 14.11
C GLY D 83 4.72 35.45 14.07
N LYS D 84 4.41 36.08 12.94
CA LYS D 84 3.11 36.68 12.74
C LYS D 84 2.73 36.58 11.28
N ILE D 85 1.42 36.66 11.04
CA ILE D 85 0.88 36.55 9.68
C ILE D 85 -0.24 37.56 9.54
N PHE D 86 0.05 38.68 8.91
CA PHE D 86 -0.87 39.82 8.85
C PHE D 86 -1.66 39.73 7.56
N ILE D 87 -2.83 39.13 7.65
CA ILE D 87 -3.78 39.05 6.55
C ILE D 87 -4.92 40.01 6.84
N ASP D 88 -5.28 40.81 5.84
CA ASP D 88 -6.41 41.72 5.95
C ASP D 88 -6.34 42.52 7.25
N ASN D 89 -5.13 42.92 7.61
CA ASN D 89 -4.90 43.64 8.87
C ASN D 89 -5.31 42.79 10.06
N GLN D 90 -5.19 41.47 9.92
CA GLN D 90 -5.63 40.53 10.95
C GLN D 90 -4.58 39.45 11.08
N ASP D 91 -3.86 39.45 12.20
CA ASP D 91 -2.91 38.37 12.48
C ASP D 91 -3.64 37.03 12.47
N VAL D 92 -2.87 35.96 12.32
CA VAL D 92 -3.43 34.63 12.23
C VAL D 92 -2.95 33.70 13.33
N ALA D 93 -1.75 33.90 13.86
CA ALA D 93 -1.26 33.06 14.94
C ALA D 93 -1.79 33.47 16.30
N THR D 94 -2.52 34.58 16.37
CA THR D 94 -3.11 35.07 17.61
C THR D 94 -4.63 35.09 17.54
N LEU D 95 -5.19 34.17 16.76
CA LEU D 95 -6.62 34.07 16.60
C LEU D 95 -7.17 32.93 17.44
N ASN D 96 -8.37 33.14 17.98
CA ASN D 96 -9.07 32.08 18.67
C ASN D 96 -9.55 31.03 17.67
N LYS D 97 -10.29 30.06 18.18
CA LYS D 97 -10.68 28.93 17.34
C LYS D 97 -11.76 29.35 16.35
N GLU D 98 -12.79 30.03 16.82
CA GLU D 98 -13.88 30.46 15.96
C GLU D 98 -13.37 31.23 14.74
N ASP D 99 -12.57 32.26 14.98
CA ASP D 99 -12.12 33.11 13.88
C ASP D 99 -11.22 32.35 12.94
N LEU D 100 -10.36 31.49 13.48
CA LEU D 100 -9.50 30.68 12.64
C LEU D 100 -10.31 29.77 11.73
N LEU D 101 -11.39 29.20 12.26
CA LEU D 101 -12.25 28.35 11.45
C LEU D 101 -12.96 29.14 10.38
N GLN D 102 -13.48 30.32 10.74
CA GLN D 102 -14.13 31.15 9.74
C GLN D 102 -13.16 31.54 8.64
N VAL D 103 -11.93 31.85 9.01
CA VAL D 103 -10.90 32.16 8.03
C VAL D 103 -10.71 30.99 7.09
N ARG D 104 -10.35 29.82 7.66
CA ARG D 104 -10.18 28.63 6.85
C ARG D 104 -11.38 28.39 5.95
N ARG D 105 -12.56 28.85 6.36
CA ARG D 105 -13.76 28.59 5.59
C ARG D 105 -13.93 29.60 4.46
N LYS D 106 -13.47 30.82 4.65
CA LYS D 106 -13.73 31.92 3.73
C LYS D 106 -12.53 32.27 2.86
N THR D 107 -11.38 32.47 3.49
CA THR D 107 -10.23 33.01 2.77
C THR D 107 -9.42 31.90 2.12
N MET D 108 -9.00 30.92 2.90
CA MET D 108 -8.06 29.91 2.44
C MET D 108 -8.77 28.63 2.01
N SER D 109 -8.00 27.79 1.33
CA SER D 109 -8.44 26.46 0.93
C SER D 109 -7.23 25.75 0.34
N MET D 110 -7.13 24.45 0.61
CA MET D 110 -5.93 23.70 0.25
C MET D 110 -6.20 22.72 -0.86
N VAL D 111 -5.11 22.35 -1.53
CA VAL D 111 -5.07 21.19 -2.42
C VAL D 111 -3.87 20.36 -2.01
N PHE D 112 -3.98 19.05 -2.16
CA PHE D 112 -2.98 18.13 -1.64
C PHE D 112 -2.41 17.25 -2.74
N GLN D 113 -1.30 16.58 -2.40
CA GLN D 113 -0.60 15.75 -3.37
C GLN D 113 -1.50 14.64 -3.87
N ASN D 114 -1.94 13.77 -2.97
CA ASN D 114 -2.83 12.67 -3.32
C ASN D 114 -4.30 13.08 -3.24
N PHE D 115 -4.58 14.37 -3.34
CA PHE D 115 -5.88 14.96 -3.60
C PHE D 115 -6.78 14.99 -2.38
N GLY D 116 -6.40 14.34 -1.28
CA GLY D 116 -7.19 14.39 -0.07
C GLY D 116 -8.68 14.26 -0.32
N LEU D 117 -9.10 13.10 -0.83
CA LEU D 117 -10.50 12.85 -1.14
C LEU D 117 -11.07 11.80 -0.21
N PHE D 118 -12.34 11.97 0.14
CA PHE D 118 -13.05 11.02 0.98
C PHE D 118 -13.63 9.90 0.12
N PRO D 119 -12.97 8.73 0.07
CA PRO D 119 -13.48 7.67 -0.80
C PRO D 119 -14.87 7.20 -0.42
N HIS D 120 -15.33 7.49 0.80
CA HIS D 120 -16.63 7.05 1.25
C HIS D 120 -17.73 8.05 0.91
N ARG D 121 -17.50 8.88 -0.11
CA ARG D 121 -18.49 9.86 -0.53
C ARG D 121 -18.54 9.88 -2.04
N THR D 122 -19.46 10.68 -2.56
CA THR D 122 -19.56 10.93 -3.98
C THR D 122 -18.94 12.28 -4.30
N ILE D 123 -18.31 12.35 -5.47
CA ILE D 123 -17.52 13.51 -5.86
C ILE D 123 -18.29 14.79 -5.56
N LEU D 124 -19.59 14.77 -5.76
CA LEU D 124 -20.41 15.91 -5.40
C LEU D 124 -20.30 16.23 -3.91
N GLU D 125 -20.39 15.20 -3.07
CA GLU D 125 -20.32 15.40 -1.63
C GLU D 125 -18.95 15.93 -1.23
N ASN D 126 -17.89 15.36 -1.79
CA ASN D 126 -16.54 15.83 -1.50
C ASN D 126 -16.37 17.27 -1.95
N THR D 127 -17.08 17.64 -3.02
CA THR D 127 -16.98 19.01 -3.53
C THR D 127 -17.67 19.99 -2.59
N GLU D 128 -18.84 19.61 -2.08
CA GLU D 128 -19.64 20.51 -1.26
C GLU D 128 -19.26 20.49 0.20
N TYR D 129 -18.40 19.55 0.62
CA TYR D 129 -18.01 19.47 2.02
C TYR D 129 -17.63 20.83 2.59
N GLY D 130 -16.88 21.62 1.82
CA GLY D 130 -16.41 22.89 2.33
C GLY D 130 -17.54 23.80 2.77
N LEU D 131 -18.73 23.60 2.20
CA LEU D 131 -19.91 24.36 2.57
C LEU D 131 -20.76 23.62 3.59
N GLU D 132 -20.92 22.31 3.39
CA GLU D 132 -21.56 21.47 4.39
C GLU D 132 -21.08 21.83 5.79
N VAL D 133 -19.76 21.90 5.97
CA VAL D 133 -19.21 22.27 7.27
C VAL D 133 -19.50 23.72 7.63
N GLN D 134 -20.05 24.50 6.70
CA GLN D 134 -20.45 25.87 6.97
C GLN D 134 -21.93 26.00 7.26
N ASN D 135 -22.64 24.88 7.33
CA ASN D 135 -24.05 24.86 7.75
C ASN D 135 -24.89 25.71 6.81
N VAL D 136 -24.93 25.31 5.55
CA VAL D 136 -25.69 26.01 4.53
C VAL D 136 -26.68 25.06 3.89
N PRO D 137 -27.79 25.55 3.35
CA PRO D 137 -28.78 24.66 2.74
C PRO D 137 -28.18 23.86 1.60
N LYS D 138 -28.81 22.72 1.34
CA LYS D 138 -28.31 21.80 0.33
C LYS D 138 -28.52 22.30 -1.08
N GLU D 139 -29.54 23.13 -1.30
CA GLU D 139 -29.80 23.63 -2.65
C GLU D 139 -28.58 24.33 -3.23
N GLU D 140 -28.20 25.45 -2.62
CA GLU D 140 -27.06 26.22 -3.13
C GLU D 140 -25.78 25.41 -3.06
N ARG D 141 -25.66 24.53 -2.07
CA ARG D 141 -24.51 23.63 -2.03
C ARG D 141 -24.38 22.87 -3.33
N ARG D 142 -25.41 22.10 -3.67
CA ARG D 142 -25.41 21.33 -4.90
C ARG D 142 -25.25 22.22 -6.12
N LYS D 143 -25.83 23.42 -6.08
CA LYS D 143 -25.75 24.31 -7.23
C LYS D 143 -24.31 24.73 -7.49
N ARG D 144 -23.66 25.30 -6.48
CA ARG D 144 -22.26 25.70 -6.62
C ARG D 144 -21.40 24.51 -6.98
N ALA D 145 -21.72 23.33 -6.45
CA ALA D 145 -20.94 22.14 -6.78
C ALA D 145 -21.04 21.83 -8.27
N GLU D 146 -22.26 21.62 -8.74
CA GLU D 146 -22.47 21.35 -10.16
C GLU D 146 -21.82 22.41 -11.03
N LYS D 147 -21.87 23.66 -10.59
CA LYS D 147 -21.27 24.74 -11.36
C LYS D 147 -19.77 24.56 -11.46
N ALA D 148 -19.10 24.40 -10.31
CA ALA D 148 -17.66 24.21 -10.32
C ALA D 148 -17.27 23.01 -11.15
N LEU D 149 -18.11 21.97 -11.16
CA LEU D 149 -17.77 20.76 -11.90
C LEU D 149 -17.91 20.99 -13.40
N ASP D 150 -19.02 21.59 -13.82
CA ASP D 150 -19.15 22.00 -15.21
C ASP D 150 -17.96 22.85 -15.63
N ASN D 151 -17.47 23.72 -14.75
CA ASN D 151 -16.28 24.49 -15.03
C ASN D 151 -15.05 23.63 -15.23
N ALA D 152 -15.13 22.35 -14.90
CA ALA D 152 -14.03 21.42 -15.09
C ALA D 152 -14.38 20.28 -16.03
N ASN D 153 -15.60 20.26 -16.57
CA ASN D 153 -15.96 19.33 -17.64
C ASN D 153 -15.90 17.88 -17.15
N LEU D 154 -16.40 17.66 -15.94
CA LEU D 154 -16.50 16.31 -15.41
C LEU D 154 -17.78 16.07 -14.61
N LEU D 155 -18.69 17.05 -14.58
CA LEU D 155 -19.91 16.89 -13.80
C LEU D 155 -20.57 15.55 -14.05
N ASP D 156 -20.76 15.20 -15.32
CA ASP D 156 -21.37 13.91 -15.65
C ASP D 156 -20.74 12.76 -14.88
N PHE D 157 -19.46 12.87 -14.54
CA PHE D 157 -18.77 11.85 -13.75
C PHE D 157 -19.06 11.99 -12.26
N LYS D 158 -19.99 12.84 -11.88
CA LYS D 158 -20.35 12.99 -10.47
C LYS D 158 -21.13 11.75 -10.06
N ASP D 159 -21.70 11.80 -8.86
CA ASP D 159 -22.44 10.70 -8.25
C ASP D 159 -21.77 9.36 -8.54
N GLN D 160 -20.45 9.38 -8.54
CA GLN D 160 -19.57 8.23 -8.60
C GLN D 160 -18.58 8.34 -7.45
N TYR D 161 -17.58 7.48 -7.45
CA TYR D 161 -16.56 7.51 -6.42
C TYR D 161 -15.19 7.81 -7.01
N PRO D 162 -14.25 8.25 -6.18
CA PRO D 162 -12.92 8.59 -6.71
C PRO D 162 -12.17 7.41 -7.27
N LYS D 163 -12.07 6.32 -6.50
CA LYS D 163 -11.17 5.24 -6.87
C LYS D 163 -11.45 4.72 -8.27
N GLN D 164 -12.65 4.96 -8.81
CA GLN D 164 -12.99 4.53 -10.15
C GLN D 164 -12.70 5.59 -11.19
N LEU D 165 -11.84 6.55 -10.87
CA LEU D 165 -11.49 7.65 -11.77
C LEU D 165 -9.99 7.66 -12.02
N SER D 166 -9.55 8.71 -12.71
CA SER D 166 -8.15 8.93 -12.98
C SER D 166 -7.61 10.06 -12.12
N GLY D 167 -6.32 9.99 -11.81
CA GLY D 167 -5.68 10.99 -10.99
C GLY D 167 -6.03 12.40 -11.38
N GLY D 168 -6.02 12.68 -12.68
CA GLY D 168 -6.34 14.02 -13.13
C GLY D 168 -7.72 14.47 -12.73
N MET D 169 -8.69 13.56 -12.85
CA MET D 169 -10.05 13.90 -12.47
C MET D 169 -10.15 14.20 -10.98
N GLN D 170 -9.51 13.38 -10.16
CA GLN D 170 -9.53 13.62 -8.72
C GLN D 170 -8.86 14.94 -8.37
N GLN D 171 -7.80 15.30 -9.09
CA GLN D 171 -7.16 16.59 -8.87
C GLN D 171 -8.12 17.72 -9.19
N ARG D 172 -8.76 17.64 -10.37
CA ARG D 172 -9.77 18.64 -10.72
C ARG D 172 -10.83 18.72 -9.64
N VAL D 173 -11.15 17.57 -9.04
CA VAL D 173 -12.20 17.51 -8.04
C VAL D 173 -11.78 18.27 -6.79
N GLY D 174 -10.59 17.97 -6.28
CA GLY D 174 -10.12 18.70 -5.11
C GLY D 174 -10.01 20.17 -5.38
N LEU D 175 -9.64 20.53 -6.61
CA LEU D 175 -9.53 21.94 -6.95
C LEU D 175 -10.89 22.61 -6.93
N ALA D 176 -11.90 21.93 -7.46
CA ALA D 176 -13.26 22.47 -7.41
C ALA D 176 -13.75 22.57 -5.98
N ARG D 177 -13.42 21.56 -5.17
CA ARG D 177 -13.77 21.60 -3.75
C ARG D 177 -13.19 22.84 -3.10
N ALA D 178 -11.96 23.18 -3.44
CA ALA D 178 -11.32 24.34 -2.85
C ALA D 178 -11.90 25.63 -3.40
N LEU D 179 -12.33 25.62 -4.66
CA LEU D 179 -12.83 26.84 -5.28
C LEU D 179 -14.25 27.19 -4.87
N ALA D 180 -15.07 26.17 -4.62
CA ALA D 180 -16.47 26.35 -4.26
C ALA D 180 -16.64 27.49 -3.26
N ASN D 181 -15.73 27.58 -2.31
CA ASN D 181 -15.85 28.57 -1.24
C ASN D 181 -15.55 29.98 -1.73
N ASP D 182 -15.17 30.14 -2.99
CA ASP D 182 -14.74 31.44 -3.51
C ASP D 182 -13.64 32.00 -2.60
N PRO D 183 -12.62 31.22 -2.29
CA PRO D 183 -11.54 31.74 -1.44
C PRO D 183 -10.69 32.77 -2.16
N GLU D 184 -10.10 33.65 -1.38
CA GLU D 184 -9.14 34.61 -1.88
C GLU D 184 -7.74 34.03 -1.94
N ILE D 185 -7.58 32.76 -1.55
CA ILE D 185 -6.27 32.15 -1.44
C ILE D 185 -6.40 30.68 -1.77
N LEU D 186 -5.29 30.09 -2.23
CA LEU D 186 -5.27 28.67 -2.56
C LEU D 186 -3.89 28.13 -2.22
N LEU D 187 -3.84 27.28 -1.22
CA LEU D 187 -2.60 26.59 -0.88
C LEU D 187 -2.53 25.28 -1.63
N MET D 188 -1.36 24.98 -2.18
CA MET D 188 -1.17 23.80 -3.01
C MET D 188 0.14 23.14 -2.62
N ASP D 189 0.08 21.85 -2.33
CA ASP D 189 1.23 21.09 -1.84
C ASP D 189 1.53 20.00 -2.87
N GLU D 190 2.39 20.35 -3.83
CA GLU D 190 2.81 19.40 -4.87
C GLU D 190 1.59 18.74 -5.51
N ALA D 191 0.56 19.55 -5.76
CA ALA D 191 -0.68 19.04 -6.31
C ALA D 191 -0.43 18.15 -7.52
N PHE D 192 0.14 18.73 -8.56
CA PHE D 192 0.29 18.05 -9.84
C PHE D 192 1.47 17.09 -9.86
N SER D 193 2.16 16.92 -8.74
CA SER D 193 3.32 16.04 -8.67
C SER D 193 2.93 14.57 -8.78
N ALA D 194 1.66 14.24 -8.62
CA ALA D 194 1.20 12.86 -8.69
C ALA D 194 0.67 12.47 -10.06
N LEU D 195 0.53 13.43 -10.97
CA LEU D 195 -0.07 13.17 -12.26
C LEU D 195 0.98 12.82 -13.30
N ASP D 196 0.52 12.50 -14.49
CA ASP D 196 1.42 12.34 -15.60
C ASP D 196 1.89 13.71 -16.09
N PRO D 197 3.13 13.81 -16.56
CA PRO D 197 3.64 15.13 -16.98
C PRO D 197 2.77 15.78 -18.03
N LEU D 198 2.13 14.98 -18.89
CA LEU D 198 1.21 15.52 -19.87
C LEU D 198 0.01 16.16 -19.20
N ILE D 199 -0.71 15.37 -18.40
CA ILE D 199 -1.79 15.92 -17.60
C ILE D 199 -1.27 17.05 -16.72
N ARG D 200 0.00 16.96 -16.33
CA ARG D 200 0.58 18.02 -15.51
C ARG D 200 0.57 19.34 -16.26
N ARG D 201 1.04 19.34 -17.50
CA ARG D 201 1.06 20.57 -18.28
C ARG D 201 -0.36 21.04 -18.58
N GLU D 202 -1.25 20.10 -18.89
CA GLU D 202 -2.64 20.46 -19.14
C GLU D 202 -3.22 21.19 -17.94
N MET D 203 -2.99 20.65 -16.74
CA MET D 203 -3.56 21.23 -15.55
C MET D 203 -2.89 22.55 -15.22
N GLN D 204 -1.60 22.68 -15.50
CA GLN D 204 -0.92 23.96 -15.33
C GLN D 204 -1.60 25.02 -16.17
N ASP D 205 -1.86 24.71 -17.43
CA ASP D 205 -2.47 25.70 -18.31
C ASP D 205 -3.90 25.99 -17.88
N GLU D 206 -4.63 24.97 -17.44
CA GLU D 206 -5.98 25.21 -16.95
C GLU D 206 -5.95 26.13 -15.74
N LEU D 207 -4.99 25.91 -14.84
CA LEU D 207 -4.84 26.75 -13.67
C LEU D 207 -4.53 28.19 -14.07
N LEU D 208 -3.67 28.36 -15.07
CA LEU D 208 -3.37 29.70 -15.53
C LEU D 208 -4.61 30.38 -16.10
N GLU D 209 -5.39 29.64 -16.88
CA GLU D 209 -6.63 30.19 -17.42
C GLU D 209 -7.55 30.63 -16.29
N LEU D 210 -7.67 29.79 -15.27
CA LEU D 210 -8.46 30.13 -14.10
C LEU D 210 -7.97 31.44 -13.49
N GLN D 211 -6.68 31.49 -13.14
CA GLN D 211 -6.13 32.68 -12.52
C GLN D 211 -6.38 33.91 -13.37
N ALA D 212 -6.39 33.73 -14.69
CA ALA D 212 -6.74 34.84 -15.57
C ALA D 212 -8.18 35.27 -15.34
N LYS D 213 -9.11 34.33 -15.39
CA LYS D 213 -10.50 34.66 -15.07
C LYS D 213 -10.61 35.24 -13.67
N PHE D 214 -10.23 34.45 -12.67
CA PHE D 214 -10.35 34.85 -11.28
C PHE D 214 -8.94 35.16 -10.76
N GLN D 215 -8.75 36.39 -10.31
CA GLN D 215 -7.44 36.82 -9.81
C GLN D 215 -7.42 36.63 -8.30
N LYS D 216 -6.85 35.52 -7.86
CA LYS D 216 -6.74 35.19 -6.45
C LYS D 216 -5.35 34.64 -6.16
N THR D 217 -4.84 34.95 -4.98
CA THR D 217 -3.49 34.58 -4.62
C THR D 217 -3.35 33.07 -4.48
N ILE D 218 -2.12 32.59 -4.63
CA ILE D 218 -1.83 31.16 -4.61
C ILE D 218 -0.45 30.89 -4.03
N ILE D 219 -0.38 30.17 -2.91
CA ILE D 219 0.86 29.49 -2.52
C ILE D 219 0.88 28.22 -3.34
N PHE D 220 1.80 28.15 -4.29
CA PHE D 220 2.09 26.87 -4.92
C PHE D 220 3.37 26.28 -4.35
N VAL D 221 3.48 24.96 -4.47
CA VAL D 221 4.65 24.24 -4.01
C VAL D 221 5.02 23.18 -5.05
N SER D 222 6.31 22.96 -5.21
CA SER D 222 6.80 21.95 -6.14
C SER D 222 8.30 21.86 -6.00
N HIS D 223 8.82 20.71 -6.40
CA HIS D 223 10.26 20.47 -6.44
C HIS D 223 10.79 20.49 -7.87
N ASP D 224 9.95 20.81 -8.84
CA ASP D 224 10.32 20.88 -10.25
C ASP D 224 10.38 22.32 -10.69
N LEU D 225 11.56 22.76 -11.12
CA LEU D 225 11.74 24.16 -11.46
C LEU D 225 10.91 24.56 -12.67
N ASN D 226 10.64 23.62 -13.58
CA ASN D 226 9.82 23.96 -14.74
C ASN D 226 8.38 24.19 -14.33
N GLU D 227 7.84 23.33 -13.48
CA GLU D 227 6.49 23.51 -12.98
C GLU D 227 6.29 24.88 -12.37
N ALA D 228 7.36 25.50 -11.88
CA ALA D 228 7.30 26.84 -11.31
C ALA D 228 7.50 27.92 -12.36
N LEU D 229 8.48 27.74 -13.24
CA LEU D 229 8.77 28.76 -14.24
C LEU D 229 7.61 28.94 -15.19
N ARG D 230 6.87 27.86 -15.48
CA ARG D 230 5.75 27.99 -16.40
C ARG D 230 4.72 28.98 -15.88
N ILE D 231 4.49 28.99 -14.57
CA ILE D 231 3.43 29.76 -13.95
C ILE D 231 3.96 30.80 -12.98
N GLY D 232 4.99 30.46 -12.23
CA GLY D 232 5.46 31.29 -11.15
C GLY D 232 5.74 32.72 -11.56
N ASP D 233 5.15 33.66 -10.83
CA ASP D 233 5.44 35.07 -11.01
C ASP D 233 6.49 35.57 -10.03
N ARG D 234 6.61 34.94 -8.87
CA ARG D 234 7.65 35.29 -7.90
C ARG D 234 7.99 34.02 -7.14
N ILE D 235 9.09 33.40 -7.53
CA ILE D 235 9.51 32.14 -6.94
C ILE D 235 10.26 32.38 -5.64
N ALA D 236 10.32 31.35 -4.81
CA ALA D 236 11.05 31.39 -3.55
C ALA D 236 11.68 30.03 -3.31
N ILE D 237 12.98 29.97 -3.40
CA ILE D 237 13.72 28.74 -3.15
C ILE D 237 13.91 28.58 -1.66
N MET D 238 14.08 27.34 -1.23
CA MET D 238 14.00 27.00 0.18
C MET D 238 14.94 25.86 0.51
N LYS D 239 15.90 26.12 1.39
CA LYS D 239 16.70 25.09 2.03
C LYS D 239 16.69 25.42 3.52
N ASP D 240 15.63 24.99 4.20
CA ASP D 240 15.44 25.30 5.62
C ASP D 240 15.42 26.81 5.86
N GLY D 241 15.31 27.59 4.79
CA GLY D 241 15.32 29.03 4.91
C GLY D 241 15.19 29.65 3.53
N LYS D 242 14.84 30.94 3.53
CA LYS D 242 14.63 31.67 2.28
C LYS D 242 15.98 32.02 1.69
N ILE D 243 16.52 31.08 0.91
CA ILE D 243 17.77 31.33 0.22
C ILE D 243 17.61 32.49 -0.76
N MET D 244 16.49 32.45 -1.48
CA MET D 244 16.19 33.48 -2.47
C MET D 244 14.68 33.53 -2.67
N GLN D 245 14.09 34.71 -2.53
CA GLN D 245 12.65 34.86 -2.67
C GLN D 245 12.23 36.00 -3.60
N ILE D 246 13.22 36.71 -4.14
CA ILE D 246 12.96 37.83 -5.04
C ILE D 246 12.02 37.48 -6.19
N GLY D 247 12.05 36.23 -6.62
CA GLY D 247 11.19 35.78 -7.70
C GLY D 247 11.69 36.37 -9.00
N THR D 248 10.75 36.85 -9.81
CA THR D 248 11.06 37.40 -11.12
C THR D 248 11.34 36.30 -12.12
N GLY D 249 11.41 35.06 -11.65
CA GLY D 249 11.65 33.93 -12.52
C GLY D 249 13.09 33.86 -12.99
N GLU D 250 13.60 34.97 -13.49
CA GLU D 250 14.94 35.04 -14.05
C GLU D 250 15.99 35.48 -13.05
N GLU D 251 15.66 36.47 -12.20
CA GLU D 251 16.61 36.92 -11.20
C GLU D 251 17.23 35.77 -10.45
N ILE D 252 16.47 34.69 -10.28
CA ILE D 252 17.01 33.47 -9.70
C ILE D 252 18.10 32.92 -10.61
N LEU D 253 17.91 33.04 -11.92
CA LEU D 253 18.88 32.62 -12.89
C LEU D 253 19.82 33.75 -13.31
N THR D 254 19.35 34.98 -13.25
CA THR D 254 20.16 36.13 -13.64
C THR D 254 21.18 36.47 -12.56
N ASN D 255 20.70 36.71 -11.34
CA ASN D 255 21.55 37.07 -10.21
C ASN D 255 21.31 36.10 -9.05
N PRO D 256 21.61 34.83 -9.25
CA PRO D 256 21.51 33.88 -8.13
C PRO D 256 22.49 34.25 -7.03
N ALA D 257 21.95 34.71 -5.91
CA ALA D 257 22.80 35.20 -4.83
C ALA D 257 23.71 34.12 -4.26
N ASN D 258 23.16 32.95 -3.94
CA ASN D 258 23.93 31.91 -3.29
C ASN D 258 24.50 30.95 -4.33
N ASP D 259 25.41 30.11 -3.87
CA ASP D 259 26.05 29.13 -4.73
C ASP D 259 25.29 27.82 -4.81
N TYR D 260 24.22 27.67 -4.03
CA TYR D 260 23.45 26.44 -4.01
C TYR D 260 22.27 26.50 -4.97
N VAL D 261 21.73 27.68 -5.18
CA VAL D 261 20.69 27.84 -6.18
C VAL D 261 21.24 27.48 -7.56
N LYS D 262 22.47 27.88 -7.83
CA LYS D 262 23.06 27.66 -9.14
C LYS D 262 23.28 26.19 -9.42
N THR D 263 23.47 25.38 -8.39
CA THR D 263 23.51 23.95 -8.58
C THR D 263 22.10 23.36 -8.57
N PHE D 264 21.15 24.09 -7.99
CA PHE D 264 19.76 23.65 -8.04
C PHE D 264 19.20 23.84 -9.44
N VAL D 265 19.42 25.02 -10.03
CA VAL D 265 18.96 25.30 -11.39
C VAL D 265 19.87 24.72 -12.46
N GLU D 266 21.06 24.25 -12.08
CA GLU D 266 21.99 23.65 -13.01
C GLU D 266 22.39 24.64 -14.11
N ASP D 267 22.97 25.74 -13.66
CA ASP D 267 23.50 26.90 -14.39
C ASP D 267 24.63 26.75 -15.40
N THR D 275 32.39 21.74 -20.12
CA THR D 275 32.24 22.64 -21.27
C THR D 275 31.94 21.85 -22.53
N ALA D 276 32.15 20.54 -22.48
CA ALA D 276 31.99 19.53 -23.51
C ALA D 276 30.54 19.47 -23.98
N GLU D 277 30.33 18.68 -25.04
CA GLU D 277 29.01 18.56 -25.66
C GLU D 277 28.20 17.44 -25.01
N ASN D 278 28.01 17.58 -23.71
CA ASN D 278 27.15 16.68 -22.96
C ASN D 278 25.68 16.97 -23.19
N ILE D 279 25.36 17.98 -24.01
CA ILE D 279 23.98 18.37 -24.23
C ILE D 279 23.26 17.46 -25.20
N MET D 280 23.95 16.49 -25.79
CA MET D 280 23.29 15.56 -26.68
C MET D 280 22.04 15.00 -25.99
N ILE D 281 20.93 15.03 -26.71
CA ILE D 281 19.64 14.67 -26.13
C ILE D 281 19.19 13.34 -26.72
N PRO D 282 18.30 12.61 -26.05
CA PRO D 282 17.79 11.37 -26.64
C PRO D 282 17.20 11.64 -28.01
N ALA D 283 17.41 10.70 -28.92
CA ALA D 283 17.00 10.85 -30.30
C ALA D 283 15.80 9.98 -30.60
N LEU D 284 15.18 10.27 -31.74
CA LEU D 284 14.00 9.56 -32.21
C LEU D 284 14.42 8.72 -33.41
N THR D 285 14.35 7.41 -33.25
CA THR D 285 14.93 6.50 -34.22
C THR D 285 13.85 5.81 -35.05
N THR D 286 14.31 5.17 -36.12
CA THR D 286 13.42 4.49 -37.06
C THR D 286 14.24 3.41 -37.75
N ASN D 287 14.07 2.18 -37.32
CA ASN D 287 14.87 1.08 -37.86
C ASN D 287 14.38 0.70 -39.24
N ILE D 288 14.92 1.36 -40.26
CA ILE D 288 14.46 1.17 -41.63
C ILE D 288 14.40 -0.31 -41.99
N ASP D 289 15.34 -1.10 -41.47
CA ASP D 289 15.44 -2.49 -41.88
C ASP D 289 14.16 -3.26 -41.61
N VAL D 290 13.31 -2.77 -40.71
CA VAL D 290 12.09 -3.49 -40.34
C VAL D 290 10.87 -2.60 -40.53
N ASP D 291 10.93 -1.38 -40.00
CA ASP D 291 9.76 -0.51 -40.03
C ASP D 291 9.61 0.14 -41.40
N GLY D 292 8.47 0.79 -41.59
CA GLY D 292 8.14 1.37 -42.87
C GLY D 292 7.63 2.79 -42.76
N PRO D 293 7.24 3.36 -43.90
CA PRO D 293 6.84 4.77 -43.92
C PRO D 293 5.66 5.07 -43.01
N SER D 294 4.63 4.21 -43.06
CA SER D 294 3.47 4.41 -42.21
C SER D 294 3.87 4.43 -40.75
N VAL D 295 4.77 3.52 -40.36
CA VAL D 295 5.25 3.46 -38.99
C VAL D 295 6.00 4.73 -38.64
N ALA D 296 6.89 5.16 -39.52
CA ALA D 296 7.63 6.38 -39.27
C ALA D 296 6.69 7.57 -39.11
N LEU D 297 5.60 7.57 -39.85
CA LEU D 297 4.64 8.66 -39.75
C LEU D 297 3.90 8.61 -38.42
N LYS D 298 3.51 7.42 -38.00
CA LYS D 298 2.91 7.27 -36.68
C LYS D 298 3.84 7.79 -35.60
N LYS D 299 5.13 7.48 -35.73
CA LYS D 299 6.09 7.94 -34.73
C LYS D 299 6.24 9.45 -34.77
N MET D 300 6.35 10.02 -35.97
CA MET D 300 6.40 11.47 -36.08
C MET D 300 5.19 12.10 -35.42
N LYS D 301 4.03 11.45 -35.53
CA LYS D 301 2.82 11.99 -34.93
C LYS D 301 2.89 11.93 -33.42
N THR D 302 3.25 10.77 -32.87
CA THR D 302 3.27 10.60 -31.42
C THR D 302 4.33 11.48 -30.78
N GLU D 303 5.57 11.36 -31.25
CA GLU D 303 6.63 12.22 -30.75
C GLU D 303 6.38 13.68 -31.06
N GLU D 304 5.43 13.98 -31.94
CA GLU D 304 5.08 15.35 -32.27
C GLU D 304 6.28 16.09 -32.86
N VAL D 305 6.74 15.56 -34.00
CA VAL D 305 7.85 16.14 -34.75
C VAL D 305 7.55 15.97 -36.23
N SER D 306 8.45 16.49 -37.06
CA SER D 306 8.29 16.47 -38.50
C SER D 306 9.30 15.58 -39.22
N SER D 307 10.36 15.14 -38.54
CA SER D 307 11.39 14.33 -39.14
C SER D 307 11.85 13.29 -38.13
N LEU D 308 12.82 12.48 -38.53
CA LEU D 308 13.30 11.41 -37.67
C LEU D 308 14.71 11.02 -38.08
N MET D 309 15.36 10.27 -37.20
CA MET D 309 16.66 9.70 -37.49
C MET D 309 16.50 8.24 -37.90
N ALA D 310 17.38 7.81 -38.79
CA ALA D 310 17.32 6.47 -39.36
C ALA D 310 18.54 5.68 -38.96
N VAL D 311 18.32 4.46 -38.49
CA VAL D 311 19.41 3.59 -38.07
C VAL D 311 19.32 2.27 -38.81
N ASP D 312 20.22 1.36 -38.50
CA ASP D 312 20.22 0.00 -39.01
C ASP D 312 19.71 -0.94 -37.93
N LYS D 313 19.27 -2.12 -38.37
CA LYS D 313 18.85 -3.15 -37.44
C LYS D 313 19.89 -3.43 -36.37
N LYS D 314 21.16 -3.14 -36.66
CA LYS D 314 22.24 -3.33 -35.71
C LYS D 314 22.60 -2.05 -34.99
N ARG D 315 21.66 -1.11 -34.91
CA ARG D 315 21.85 0.15 -34.19
C ARG D 315 22.91 1.03 -34.84
N GLN D 316 23.33 0.71 -36.05
CA GLN D 316 24.32 1.52 -36.75
C GLN D 316 23.62 2.69 -37.44
N PHE D 317 24.10 3.91 -37.18
CA PHE D 317 23.51 5.08 -37.80
C PHE D 317 23.51 4.92 -39.32
N ARG D 318 22.45 5.41 -39.93
CA ARG D 318 22.31 5.32 -41.37
C ARG D 318 22.00 6.64 -42.03
N GLY D 319 21.20 7.49 -41.39
CA GLY D 319 20.86 8.76 -41.98
C GLY D 319 19.67 9.45 -41.34
N VAL D 320 18.80 10.02 -42.17
CA VAL D 320 17.69 10.83 -41.71
C VAL D 320 16.49 10.60 -42.61
N VAL D 321 15.31 10.83 -42.05
CA VAL D 321 14.05 10.74 -42.78
C VAL D 321 13.26 12.00 -42.55
N THR D 322 12.36 12.28 -43.49
CA THR D 322 11.47 13.42 -43.39
C THR D 322 10.04 12.97 -43.63
N SER D 323 9.11 13.74 -43.07
CA SER D 323 7.69 13.44 -43.25
C SER D 323 7.34 13.35 -44.73
N GLU D 324 7.78 14.32 -45.52
CA GLU D 324 7.42 14.31 -46.94
C GLU D 324 8.08 13.15 -47.66
N GLN D 325 9.33 12.83 -47.32
CA GLN D 325 9.96 11.67 -47.91
C GLN D 325 9.18 10.41 -47.62
N ALA D 326 8.68 10.29 -46.39
CA ALA D 326 7.90 9.11 -46.02
C ALA D 326 6.59 9.06 -46.78
N ILE D 327 5.90 10.19 -46.88
CA ILE D 327 4.64 10.22 -47.60
C ILE D 327 4.86 9.85 -49.06
N ALA D 328 5.98 10.30 -49.63
CA ALA D 328 6.27 9.98 -51.02
C ALA D 328 6.57 8.50 -51.19
N ALA D 329 7.37 7.94 -50.29
CA ALA D 329 7.64 6.51 -50.34
C ALA D 329 6.37 5.70 -50.16
N ARG D 330 5.41 6.24 -49.41
CA ARG D 330 4.16 5.53 -49.20
C ARG D 330 3.29 5.56 -50.46
N LYS D 331 3.05 6.76 -50.99
CA LYS D 331 2.28 6.88 -52.22
C LYS D 331 2.89 6.03 -53.31
N ASN D 332 4.20 6.19 -53.54
CA ASN D 332 4.92 5.37 -54.49
C ASN D 332 5.02 3.92 -54.06
N ASN D 333 4.66 3.60 -52.82
CA ASN D 333 4.79 2.28 -52.23
C ASN D 333 6.24 1.87 -52.06
N GLN D 334 7.17 2.79 -52.26
CA GLN D 334 8.57 2.47 -52.14
C GLN D 334 8.96 2.30 -50.69
N PRO D 335 10.06 1.60 -50.42
CA PRO D 335 10.52 1.43 -49.04
C PRO D 335 11.54 2.50 -48.66
N LEU D 336 11.93 2.46 -47.40
CA LEU D 336 12.99 3.33 -46.92
C LEU D 336 14.33 2.77 -47.40
N LYS D 337 15.42 3.35 -46.91
CA LYS D 337 16.77 2.97 -47.29
C LYS D 337 17.10 3.46 -48.69
N ASP D 338 16.10 4.00 -49.38
CA ASP D 338 16.27 4.64 -50.67
C ASP D 338 15.78 6.06 -50.69
N VAL D 339 14.63 6.32 -50.05
CA VAL D 339 14.10 7.66 -49.89
C VAL D 339 14.58 8.14 -48.52
N MET D 340 15.80 8.68 -48.50
CA MET D 340 16.43 9.09 -47.25
C MET D 340 17.40 10.21 -47.55
N THR D 341 18.09 10.67 -46.52
CA THR D 341 19.15 11.68 -46.65
C THR D 341 20.37 11.17 -45.87
N THR D 342 21.17 10.36 -46.53
CA THR D 342 22.41 9.91 -45.92
C THR D 342 23.41 11.05 -45.79
N ASP D 343 23.34 12.02 -46.70
CA ASP D 343 24.10 13.25 -46.57
C ASP D 343 23.61 14.03 -45.37
N VAL D 344 24.43 14.09 -44.32
CA VAL D 344 24.07 14.79 -43.11
C VAL D 344 25.30 15.30 -42.38
N GLY D 345 25.11 16.31 -41.54
CA GLY D 345 26.22 16.87 -40.78
C GLY D 345 26.49 16.08 -39.52
N THR D 346 26.53 14.76 -39.65
CA THR D 346 26.78 13.88 -38.51
C THR D 346 28.04 14.27 -37.76
N VAL D 347 27.97 14.28 -36.43
CA VAL D 347 29.12 14.65 -35.61
C VAL D 347 29.48 13.63 -34.55
N SER D 348 30.61 13.85 -33.90
CA SER D 348 31.14 13.00 -32.85
C SER D 348 30.85 13.61 -31.48
N LYS D 349 30.99 12.77 -30.46
CA LYS D 349 30.51 13.12 -29.12
C LYS D 349 31.27 14.32 -28.57
N GLU D 350 32.60 14.31 -28.71
CA GLU D 350 33.40 15.39 -28.07
C GLU D 350 33.88 16.41 -29.11
N MET D 351 33.01 17.32 -29.50
CA MET D 351 33.49 18.38 -30.43
C MET D 351 33.69 19.66 -29.63
N LEU D 352 34.40 20.64 -30.21
CA LEU D 352 34.72 21.88 -29.44
C LEU D 352 33.46 22.76 -29.30
N VAL D 353 33.49 23.73 -28.37
CA VAL D 353 32.30 24.58 -28.10
C VAL D 353 31.70 25.13 -29.40
N ARG D 354 32.51 25.78 -30.25
CA ARG D 354 32.02 26.30 -31.56
C ARG D 354 32.57 25.41 -32.67
N ASP D 355 32.14 24.14 -32.74
CA ASP D 355 32.71 23.22 -33.76
C ASP D 355 31.95 23.38 -35.08
N ILE D 356 30.78 22.74 -35.20
CA ILE D 356 29.98 22.80 -36.45
C ILE D 356 29.22 24.11 -36.20
N LEU D 357 29.94 25.23 -36.10
CA LEU D 357 29.31 26.57 -35.89
C LEU D 357 28.70 26.93 -37.26
N PRO D 358 29.32 26.74 -38.45
CA PRO D 358 28.66 27.11 -39.71
C PRO D 358 27.64 26.11 -40.27
N ILE D 359 27.85 24.80 -40.10
CA ILE D 359 26.97 23.83 -40.75
C ILE D 359 25.64 23.73 -40.03
N ILE D 360 25.65 23.95 -38.71
CA ILE D 360 24.42 23.86 -37.93
C ILE D 360 23.30 24.69 -38.55
N TYR D 361 23.64 25.73 -39.29
CA TYR D 361 22.64 26.56 -39.96
C TYR D 361 22.22 25.99 -41.30
N ASP D 362 23.12 25.33 -42.01
CA ASP D 362 22.78 24.72 -43.29
C ASP D 362 21.74 23.62 -43.08
N ALA D 363 22.08 22.66 -42.24
CA ALA D 363 21.19 21.54 -41.99
C ALA D 363 20.03 22.00 -41.10
N PRO D 364 18.81 22.12 -41.63
CA PRO D 364 17.69 22.43 -40.73
C PRO D 364 17.47 21.35 -39.70
N THR D 365 17.75 20.11 -40.07
CA THR D 365 17.66 19.01 -39.13
C THR D 365 18.86 19.02 -38.20
N PRO D 366 18.74 18.40 -37.04
CA PRO D 366 19.86 18.37 -36.10
C PRO D 366 21.05 17.60 -36.65
N LEU D 367 22.13 17.56 -35.88
CA LEU D 367 23.39 16.94 -36.27
C LEU D 367 23.66 15.80 -35.29
N ALA D 368 23.24 14.60 -35.68
CA ALA D 368 23.35 13.46 -34.79
C ALA D 368 24.78 13.28 -34.31
N VAL D 369 24.92 12.99 -33.02
CA VAL D 369 26.23 12.68 -32.44
C VAL D 369 26.38 11.17 -32.51
N VAL D 370 26.90 10.71 -33.64
CA VAL D 370 27.08 9.29 -33.86
C VAL D 370 28.36 8.83 -33.20
N ASP D 371 28.29 7.71 -32.50
CA ASP D 371 29.47 7.11 -31.90
C ASP D 371 30.52 6.83 -32.96
N ASP D 372 31.78 6.71 -32.53
CA ASP D 372 32.86 6.44 -33.48
C ASP D 372 32.58 5.21 -34.31
N ASN D 373 31.93 4.20 -33.72
CA ASN D 373 31.74 2.91 -34.35
C ASN D 373 30.40 2.79 -35.07
N GLY D 374 29.78 3.91 -35.43
CA GLY D 374 28.51 3.92 -36.11
C GLY D 374 27.32 4.07 -35.19
N PHE D 375 27.48 3.76 -33.91
CA PHE D 375 26.39 3.86 -32.97
C PHE D 375 25.97 5.32 -32.78
N LEU D 376 24.76 5.50 -32.26
CA LEU D 376 24.18 6.82 -32.07
C LEU D 376 23.85 7.05 -30.60
N LYS D 377 24.01 8.29 -30.16
CA LYS D 377 23.71 8.70 -28.80
C LYS D 377 22.61 9.73 -28.72
N GLY D 378 22.71 10.81 -29.48
CA GLY D 378 21.75 11.88 -29.37
C GLY D 378 21.85 12.84 -30.53
N VAL D 379 21.28 14.03 -30.34
CA VAL D 379 21.23 15.04 -31.39
C VAL D 379 21.41 16.43 -30.81
N LEU D 380 21.38 17.43 -31.69
CA LEU D 380 21.61 18.82 -31.30
C LEU D 380 20.67 19.73 -32.07
N ILE D 381 19.84 20.48 -31.35
CA ILE D 381 18.91 21.42 -31.96
C ILE D 381 19.09 22.76 -31.24
N ARG D 382 20.03 23.56 -31.72
CA ARG D 382 20.18 24.96 -31.28
C ARG D 382 20.44 25.08 -29.79
N GLY D 383 20.59 23.97 -29.08
CA GLY D 383 21.09 24.04 -27.73
C GLY D 383 22.57 24.25 -27.65
N SER D 384 23.24 24.16 -28.80
CA SER D 384 24.66 24.48 -28.86
C SER D 384 24.88 25.98 -28.87
N VAL D 385 23.97 26.71 -29.52
CA VAL D 385 24.07 28.17 -29.56
C VAL D 385 24.16 28.73 -28.16
N LEU D 386 23.31 28.23 -27.26
CA LEU D 386 23.21 28.77 -25.92
C LEU D 386 24.59 28.86 -25.25
N GLU D 387 25.23 27.70 -25.06
CA GLU D 387 26.52 27.66 -24.40
C GLU D 387 27.64 28.17 -25.28
N ALA D 388 27.45 28.19 -26.60
CA ALA D 388 28.46 28.73 -27.48
C ALA D 388 28.61 30.23 -27.27
N LEU D 389 27.49 30.93 -27.11
CA LEU D 389 27.53 32.36 -26.85
C LEU D 389 27.79 32.68 -25.38
N ALA D 390 27.81 31.67 -24.51
CA ALA D 390 28.09 31.93 -23.10
C ALA D 390 29.49 32.47 -22.90
N ASP D 391 30.34 32.38 -23.91
CA ASP D 391 31.71 32.88 -23.82
C ASP D 391 31.92 34.34 -24.25
P 2BA E . 13.68 22.98 -34.17
O1P 2BA E . 13.53 22.60 -32.73
O2P 2BA E . 14.80 23.69 -34.83
O5' 2BA E . 13.45 21.58 -35.04
C5' 2BA E . 14.24 20.49 -34.87
C4' 2BA E . 13.75 19.46 -35.88
O4' 2BA E . 14.45 18.26 -35.61
C3' 2BA E . 12.23 19.20 -35.72
O3' 2BA E . 11.58 19.55 -36.85
C2' 2BA E . 12.11 17.68 -35.49
O2' 2BA E . 11.35 17.15 -36.51
C1' 2BA E . 13.58 17.18 -35.62
N9 2BA E . 13.97 16.38 -34.45
C8 2BA E . 14.63 15.14 -34.43
N7 2BA E . 14.82 14.68 -33.17
C5 2BA E . 14.27 15.68 -32.36
C6 2BA E . 14.18 15.80 -30.97
N6 2BA E . 14.68 14.81 -30.18
N1 2BA E . 13.59 16.90 -30.40
C2 2BA E . 13.12 17.84 -31.28
N3 2BA E . 13.13 17.87 -32.62
C4 2BA E . 13.74 16.75 -33.14
P1 2BA E . 10.04 20.18 -36.86
O1P1 2BA E . 9.27 19.30 -35.94
O2P1 2BA E . 9.70 20.59 -38.25
O5'1 2BA E . 10.34 21.60 -36.04
C5'1 2BA E . 9.31 22.41 -35.68
C4'1 2BA E . 9.93 23.67 -35.06
O4'1 2BA E . 8.92 24.34 -34.34
C3'1 2BA E . 11.07 23.30 -34.07
O3'1 2BA E . 12.25 23.73 -34.54
C2'1 2BA E . 10.74 24.06 -32.79
O2'1 2BA E . 11.54 25.19 -32.72
C1'1 2BA E . 9.25 24.48 -33.00
N91 2BA E . 8.40 23.56 -32.27
C81 2BA E . 8.40 22.17 -32.30
N71 2BA E . 7.46 21.63 -31.49
C51 2BA E . 6.82 22.75 -30.93
C61 2BA E . 5.76 22.87 -30.02
N61 2BA E . 5.16 21.76 -29.52
N11 2BA E . 5.32 24.10 -29.63
C21 2BA E . 5.97 25.18 -30.18
N31 2BA E . 6.98 25.21 -31.06
C41 2BA E . 7.39 23.95 -31.41
#